data_4GKK
#
_entry.id   4GKK
#
_cell.length_a   402.370
_cell.length_b   402.370
_cell.length_c   175.620
_cell.angle_alpha   90.00
_cell.angle_beta   90.00
_cell.angle_gamma   90.00
#
_symmetry.space_group_name_H-M   'P 41 21 2'
#
loop_
_entity.id
_entity.type
_entity.pdbx_description
1 polymer '16S rRNA'
2 polymer '30S ribosomal protein S2'
3 polymer '30S ribosomal protein S3'
4 polymer '30S ribosomal protein S4'
5 polymer '30S ribosomal protein S5'
6 polymer '30S ribosomal protein S6'
7 polymer '30S ribosomal protein S7'
8 polymer '30S ribosomal protein S8'
9 polymer '30S ribosomal protein S9'
10 polymer '30S ribosomal protein S10'
11 polymer '30S ribosomal protein S11'
12 polymer '30S ribosomal protein S12'
13 polymer '30S ribosomal protein S13'
14 polymer '30S ribosomal protein S14 type Z'
15 polymer '30S ribosomal protein S15'
16 polymer '30S ribosomal protein S16'
17 polymer '30S ribosomal protein S17'
18 polymer '30S ribosomal protein S18'
19 polymer '30S ribosomal protein S19'
20 polymer '30S ribosomal protein S20'
21 polymer '30S ribosomal protein Thx'
22 polymer 'mRNA A-site fragment'
23 polymer 'tRNA ASL human mitochondrial Met'
24 non-polymer 'MAGNESIUM ION'
25 non-polymer PAROMOMYCIN
26 non-polymer 'ZINC ION'
#
loop_
_entity_poly.entity_id
_entity_poly.type
_entity_poly.pdbx_seq_one_letter_code
_entity_poly.pdbx_strand_id
1 'polyribonucleotide'
;UGGAGAGUUUGAUCCUGGCUCAGGGUGAACGCUGGCGGCGUGCCUAAGACAUGCAAGUCGUGCGGGCCGCGGGGUUUUAC
UCCGUGGUCAGCGGCGGACGGGUGAGUAACGCGUGGGUGACCUACCCGGAAGAGGGGGACAACCCGGGGAAACUCGGGCU
AAUCCCCCAUGUGGACCCGCCCCUUGGGGUGUGUCCAAAGGGCUUUGCCCGCUUCCGGAUGGGCCCGCGUCCCAUCAGCU
AGUUGGUGGGGUAAUGGCCCACCAAGGCGACGACGGGUAGCCGGUCUGAGAGGAUGGCCGGCCACAGGGGCACUGAGACA
CGGGCCCCACUCCUACGGGAGGCAGCAGUUAGGAAUCUUCCGCAAUGGGCGCAAGCCUGACGGAGCGACGCCGCUUGGAG
GAAGAAGCCCUUCGGGGUGUAAACUCCUGAACCCGGGACGAAACCCCCGACGAGGGGACUGACGGUACCGGGGUAAUAGC
GCCGGCCAACUCCGUGCCAGCAGCCGCGGUAAUACGGAGGGCGCGAGCGUUACCCGGAUUCACUGGGCGUAAAGGGCGUG
UAGGCGGCCUGGGGCGUCCCAUGUGAAAGACCACGGCUCAACCGUGGGGGAGCGUGGGAUACGCUCAGGCUAGACGGUGG
GAGAGGGUGGUGGAAUUCCCGGAGUAGCGGUGAAAUGCGCAGAUACCGGGAGGAACGCCGAUGGCGAAGGCAGCCACCUG
GUCCACCCGUGACGCUGAGGCGCGAAAGCGUGGGGAGCAAACCGGAUUAGAUACCCGGGUAGUCCACGCCCUAAACGAUG
CGCGCUAGGUCUCUGGGUCUCCUGGGGGCCGAAGCUAACGCGUUAAGCGCGCCGCCUGGGGAGUACGGCCGCAAGGCUGA
AACUCAAAGGAAUUGACGGGGGCCCGCACAAGCGGUGGAGCAUGUGGUUUAAUUCGAAGCAACGCGAAGAACCUUACCAG
GCCUUGACAUGCUAGGGAACCCGGGUGAAAGCCUGGGGUGCCCCGCGAGGGGAGCCCUAGCACAGGUGCUGCAUGGCCGU
CGUCAGCUCGUGCCGUGAGGUGUUGGGUUAAGUCCCGCAACGAGCGCAACCCCCGCCGUUAGUUGCCAGCGGUUCGGCCG
GGCACUCUAACGGGACUGCCCGCGAAAGCGGGAGGAAGGAGGGGACGACGUCUGGUCAGCAUGGCCCUUACGGCCUGGGC
GACACACGUGCUACAAUGCCCACUACAAAGCGAUGCCACCCGGCAACGGGGAGCUAAUCGCAAAAAGGUGGGCCCAGUUC
GGAUUGGGGUCUGCAACCCGACCCCAUGAAGCCGGAAUCGCUAGUAAUCGCGGAUCAGCCAUGCCGCGGUGAAUACGUUC
CCGGGCCUUGUACACACCGCCCGUCACGCCAUGGGAGCGGGCUCUACCCGAAGUCGCCGGGAGCCUACGGGCAGGCGCCG
AGGGUAGGGCCCGUGACUGGGGCGAAGUCGUAACAAGGUAGCUGUACCGGAAGGUGCGGCUGGAUCACUUUCU
;
A
2 'polypeptide(L)'
;VKELLEAGVHFGHERKRWNPKFARYIYAERNGIHIIDLQKTMEELERTFRFIEDLAMRGGTILFVGTKKQAQDIVRMEAE
RAGMPYVNQRWLGGMLTNFKTISQRVHRLEELEALFASPEIEERPKKEQVRLKHELERLQKYLSGFRLLKRLPDAIFVVD
PTKEAIAVREARKLFIPVIALADTDSDPDLVDYIIPGNDDAIRSIQLILSRAVDLIIQARGGVVEPSPSYALVQ
;
B
3 'polypeptide(L)'
;GNKIHPIGFRLGITRDWESRWYAGKKQYRHLLLEDQRIRGLLEKELYSAGLARVDIERAADNVAVTVHVAKPGVVIGRGG
ERIRVLREELAKLTGKNVALNVQEVQNPNLSAPLVAQRVAEQIERRFAVRRAIKQAVQRVMESGAKGAKVIVSGRIGGAE
QARTEWAAQGRVPLHTLRANIDYGFALARTTYGVLGVKAYIFLGEV
;
C
4 'polypeptide(L)'
;GRYIGPVCRLCRREGVKLYLKGERCYSPKCAMERRPYPPGQHGQKRARRPSDYAVRLREKQKLRRIYGISERQFRNLFEE
ASKKKGVTGSVFLGLLESRLDNVVYRLGFAVSRRQARQLVRHGHITVNGRRVDLPSYRVRPGDEIAVAEKSRNLELIRQN
LEAMKGRKVGPWLSLDVEGMKGKFLRLPDREDLALPVNEQLVIEFYSR
;
D
5 'polypeptide(L)'
;DFEEKMILIRRTARMQAGGRRFRFGALVVVGDRQGRVGLGFGKAPEVPLAVQKAGYYARRNMVEVPLQNGTIPHEIEVEF
GASKIVLKPAAPGTGVIAGAVPRAILELAGVTDILTKELGSRNPINIAYATMEALRQLRTKADVERLRKG
;
E
6 'polypeptide(L)'
;MRRYEVNIVLNPNLDQSQLALEKEIIQRALENYGARVEKVEELGLRRLAYPIAKDPQGYFLWYQVEMPEDRVNDLARELR
IRDNVRRVMVVKSQEPFLANA
;
F
7 'polypeptide(L)'
;ARRRRAEVRQLQPDLVYGDVLVTAFINKIMRDGKKNLAARIFYDACKIIQEKTGQEPLKVFKQAVENVKPRMEVRSRRVG
GANYQVPMEVSPRRQQSLALRWLVQAANQRPERRAAVRIAHELMDAAEGKGGAVKKKEDVERMAEANRAYAHYRW
;
G
8 'polypeptide(L)'
;MLTDPIADMLTRIRNATRVYKESTDVPASRFKEEILRILAREGFIKGYERVDVDGKPYLRVYLKYGPRRQGPDPRPEQVI
HHIRRISKPGRRVYVGVKEIPRVRRGLGIAILSTSKGVLTDREARKLGVGGELICEVW
;
H
9 'polypeptide(L)'
;EQYYGTGRRKEAVARVFLRPGNGKVTVNGQDFNEYFQGLVRAVAALEPLRAVDALGRFDAYITVRGGGKSGQIDAIKLGI
ARALVQYNPDYRAKLKPLGFLTRDARVVERKKYGKHKARRAPQYSKR
;
I
10 'polypeptide(L)'
;KIRIKLRGFDHKTLDASAQKIVEAARRSGAQVSGPIPLPTRVRRFTVIRGPFKHKDSREHFELRTHNRLVDIINPNRKTI
EQLMTLDLPTGVEIEIKT
;
J
11 'polypeptide(L)'
;KRQVASGRAYIHASYNNTIVTITDPDGNPITWSSGGVIGYKGSRKGTPYAAQLAALDAAKKAMAYGMQSVDVIVRGTGAG
REQAIRALQASGLQVKSIVDDTPVPHNGCRPKKKFRKAS
;
K
12 'polypeptide(L)'
;PTINQLVRKGREKVRKKSKVPALKGAPFRRGVCTVVRTVTPKKPNSALRKVAKVRLTSGYEVTAYIPGEGHNLQEHSVVL
IRGGRVKDLPGVRYHIVRGVYDAAGVKDRKKSRSKYGTKKPKEA
;
L
13 'polypeptide(L)'
;ARIAGVEIPRNKRVDVALTYIYGIGKARAKEALEKTGINPATRVKDLTEAEVVRLREYVENTWKLEGELRAEVAANIKRL
MDIGCYRGLRHRRGLPVRGQRTRTNARTRKGPRKTVAGKKKAPRK
;
M
14 'polypeptide(L)' ARKALIEKAKRTPKFKVRAYTRCVRCGRARSVYRFFGLCRICLRELAHKGQLPGVRKASW N
15 'polypeptide(L)'
;PITKEEKQKVIQEFARFPGDTGSTEVQVALLTLRINRLSEHLKVHKKDHHSHRGLLMMVGQRRRLLRYLQREDPERYRAL
IEKLGIRG
;
O
16 'polypeptide(L)'
;MVKIRLARFGSKHNPHYRIVVTDARRKRDGKYIEKIGYYDPRKTTPDWLKVDVERARYWLSVGAQPTDTARRLLRQAGVF
RQE
;
P
17 'polypeptide(L)'
;PKKVLTGVVVSDKMQKTVTVLVERQFPHPLYGKVIKRSKKYLAHDPEEKYKLGDVVEIIESRPISKRKRFRVLRLVESGR
MDLVEKYLIRRQNYQSLSKRGGKA
;
Q
18 'polypeptide(L)' PSRKAKVKATLGEFDLRDYRNVEVLKRFLSETGKILPRRRTGLSGKEQRILAKTIKRARILGLLPFTEKLVRK R
19 'polypeptide(L)' PRSLKKGVFVDDHLLEKVLELNAKGEKRLIKTWSRRSTIVPEMVGHTIAVYNGKQHVPVYITENMVGHKLGEFAPTRTYR S
20 'polypeptide(L)'
;RNLSALKRHRQSLKRRLRNKAKKSAIKTLSKKAVQLAQEGKAEEALKIMRKAESLIDKAAKGSTLHKNAAARRKSRLMRK
VRQLLEAAGAPLIGGGLSA
;
T
21 'polypeptide(L)' GKGDRRTRRGKIWRGTYGKYRPRK V
22 'polyribonucleotide' AUAAAA W
23 'polyribonucleotide' (PSU)CGGGCC(RSQ)AUACCCCGA X
#
loop_
_chem_comp.id
_chem_comp.type
_chem_comp.name
_chem_comp.formula
A RNA linking ADENOSINE-5'-MONOPHOSPHATE 'C10 H14 N5 O7 P'
C RNA linking CYTIDINE-5'-MONOPHOSPHATE 'C9 H14 N3 O8 P'
G RNA linking GUANOSINE-5'-MONOPHOSPHATE 'C10 H14 N5 O8 P'
MG non-polymer 'MAGNESIUM ION' 'Mg 2'
PAR non-polymer PAROMOMYCIN 'C23 H45 N5 O14'
PSU RNA linking PSEUDOURIDINE-5'-MONOPHOSPHATE 'C9 H13 N2 O9 P'
RSQ RNA linking '5-formylcytidine 5'-(dihydrogen phosphate)' 'C10 H14 N3 O9 P'
U RNA linking URIDINE-5'-MONOPHOSPHATE 'C9 H13 N2 O9 P'
ZN non-polymer 'ZINC ION' 'Zn 2'
#
# COMPACT_ATOMS: atom_id res chain seq x y z
N VAL B 1 -60.36 -7.17 -4.38
CA VAL B 1 -59.71 -6.07 -3.68
C VAL B 1 -60.22 -5.89 -2.23
N LYS B 2 -60.05 -6.93 -1.41
CA LYS B 2 -60.30 -6.82 0.04
C LYS B 2 -59.83 -8.04 0.85
N GLU B 3 -60.81 -8.71 1.44
CA GLU B 3 -60.62 -9.87 2.32
C GLU B 3 -59.88 -9.52 3.61
N LEU B 4 -60.57 -9.67 4.74
CA LEU B 4 -59.98 -9.39 6.06
C LEU B 4 -59.67 -10.68 6.84
N LEU B 5 -60.66 -11.57 6.91
CA LEU B 5 -60.44 -12.89 7.46
C LEU B 5 -59.83 -13.76 6.38
N GLU B 6 -58.94 -13.14 5.62
CA GLU B 6 -58.00 -13.89 4.81
C GLU B 6 -56.70 -14.01 5.54
N ALA B 7 -56.82 -14.14 6.86
CA ALA B 7 -55.84 -14.85 7.64
C ALA B 7 -55.62 -16.16 6.92
N GLY B 8 -56.71 -16.88 6.60
CA GLY B 8 -56.63 -18.17 5.95
C GLY B 8 -55.74 -19.08 6.77
N VAL B 9 -54.43 -18.99 6.53
CA VAL B 9 -53.38 -19.56 7.38
C VAL B 9 -52.07 -18.76 7.18
N HIS B 10 -52.23 -17.52 6.69
CA HIS B 10 -51.14 -16.72 6.12
C HIS B 10 -50.93 -15.44 6.93
N PHE B 11 -51.42 -15.49 8.16
CA PHE B 11 -51.19 -14.46 9.15
C PHE B 11 -49.76 -14.46 9.63
N GLY B 12 -49.50 -15.07 10.78
CA GLY B 12 -48.18 -15.11 11.36
C GLY B 12 -47.18 -16.06 10.74
N HIS B 13 -45.89 -15.72 10.85
CA HIS B 13 -44.77 -16.54 10.35
C HIS B 13 -43.44 -16.22 11.06
N GLU B 14 -42.40 -17.01 10.75
CA GLU B 14 -41.01 -16.94 11.32
C GLU B 14 -40.87 -17.15 12.85
N ARG B 15 -39.74 -17.71 13.27
CA ARG B 15 -39.57 -18.13 14.66
C ARG B 15 -39.08 -17.04 15.62
N LYS B 16 -37.79 -17.11 15.96
CA LYS B 16 -37.09 -16.07 16.73
C LYS B 16 -35.74 -15.82 16.10
N ARG B 17 -35.81 -15.19 14.94
CA ARG B 17 -34.70 -14.63 14.20
C ARG B 17 -35.26 -13.31 13.72
N TRP B 18 -36.14 -12.76 14.55
CA TRP B 18 -36.88 -11.53 14.29
C TRP B 18 -36.00 -10.29 14.28
N ASN B 19 -36.48 -9.23 13.64
CA ASN B 19 -35.93 -7.92 13.88
C ASN B 19 -36.83 -7.32 14.93
N PRO B 20 -36.25 -6.99 16.10
CA PRO B 20 -37.07 -6.51 17.21
C PRO B 20 -37.83 -5.26 16.82
N LYS B 21 -37.38 -4.59 15.76
CA LYS B 21 -38.03 -3.42 15.17
C LYS B 21 -39.41 -3.76 14.61
N PHE B 22 -39.66 -5.06 14.49
CA PHE B 22 -40.90 -5.53 13.95
C PHE B 22 -41.86 -5.84 15.09
N ALA B 23 -41.54 -5.35 16.28
CA ALA B 23 -42.31 -5.71 17.47
C ALA B 23 -43.78 -5.26 17.44
N ARG B 24 -44.07 -4.11 16.84
CA ARG B 24 -45.45 -3.62 16.86
C ARG B 24 -46.41 -4.53 16.09
N TYR B 25 -45.93 -5.08 14.98
CA TYR B 25 -46.77 -5.88 14.10
C TYR B 25 -46.98 -7.33 14.56
N ILE B 26 -46.59 -7.66 15.79
CA ILE B 26 -46.69 -9.05 16.25
C ILE B 26 -47.77 -9.21 17.31
N TYR B 27 -48.41 -10.37 17.35
CA TYR B 27 -49.51 -10.63 18.27
C TYR B 27 -49.08 -11.42 19.49
N ALA B 28 -48.31 -12.48 19.25
CA ALA B 28 -47.84 -13.36 20.31
C ALA B 28 -46.78 -14.37 19.83
N GLU B 29 -46.17 -15.08 20.76
CA GLU B 29 -45.12 -16.04 20.44
C GLU B 29 -45.70 -17.43 20.41
N ARG B 30 -46.89 -17.57 19.84
CA ARG B 30 -47.62 -18.84 19.83
C ARG B 30 -46.74 -20.00 19.37
N ASN B 31 -46.05 -20.59 20.35
CA ASN B 31 -45.28 -21.82 20.17
C ASN B 31 -44.13 -21.75 19.16
N GLY B 32 -43.19 -20.85 19.43
CA GLY B 32 -41.97 -20.75 18.66
C GLY B 32 -42.10 -19.86 17.46
N ILE B 33 -43.29 -19.33 17.24
CA ILE B 33 -43.54 -18.48 16.09
C ILE B 33 -44.33 -17.22 16.48
N HIS B 34 -43.77 -16.06 16.13
CA HIS B 34 -44.50 -14.81 16.22
C HIS B 34 -45.64 -14.86 15.21
N ILE B 35 -46.85 -14.55 15.65
CA ILE B 35 -47.96 -14.40 14.72
C ILE B 35 -48.31 -12.92 14.54
N ILE B 36 -48.55 -12.55 13.29
CA ILE B 36 -48.67 -11.15 12.90
C ILE B 36 -50.01 -10.53 13.33
N ASP B 37 -49.94 -9.36 13.99
CA ASP B 37 -51.14 -8.58 14.33
C ASP B 37 -52.01 -8.49 13.10
N LEU B 38 -53.10 -9.25 13.16
CA LEU B 38 -54.06 -9.43 12.08
C LEU B 38 -54.62 -8.09 11.62
N GLN B 39 -55.14 -7.30 12.57
CA GLN B 39 -55.70 -5.98 12.28
C GLN B 39 -54.77 -5.08 11.49
N LYS B 40 -53.53 -4.97 11.96
CA LYS B 40 -52.55 -4.09 11.35
C LYS B 40 -52.23 -4.47 9.91
N THR B 41 -52.13 -5.77 9.66
CA THR B 41 -51.93 -6.29 8.31
C THR B 41 -53.02 -5.75 7.36
N MET B 42 -54.20 -5.48 7.92
CA MET B 42 -55.34 -5.06 7.10
C MET B 42 -55.37 -3.54 6.97
N GLU B 43 -54.90 -2.83 7.98
CA GLU B 43 -54.96 -1.37 7.98
C GLU B 43 -53.71 -0.74 7.41
N GLU B 44 -52.61 -1.48 7.43
CA GLU B 44 -51.42 -1.07 6.72
C GLU B 44 -51.72 -1.26 5.24
N LEU B 45 -52.46 -2.33 4.97
CA LEU B 45 -52.96 -2.65 3.63
C LEU B 45 -53.81 -1.51 3.08
N GLU B 46 -54.67 -0.95 3.92
CA GLU B 46 -55.47 0.23 3.59
C GLU B 46 -54.59 1.32 2.96
N ARG B 47 -53.73 1.93 3.79
CA ARG B 47 -52.86 3.02 3.38
C ARG B 47 -51.92 2.60 2.26
N THR B 48 -51.72 1.30 2.13
CA THR B 48 -50.79 0.78 1.13
C THR B 48 -51.45 0.72 -0.23
N PHE B 49 -52.54 -0.03 -0.33
CA PHE B 49 -53.27 -0.16 -1.58
C PHE B 49 -53.68 1.21 -2.09
N ARG B 50 -54.02 2.09 -1.14
CA ARG B 50 -54.32 3.48 -1.45
C ARG B 50 -53.19 4.09 -2.26
N PHE B 51 -51.96 3.86 -1.81
CA PHE B 51 -50.79 4.40 -2.47
C PHE B 51 -50.75 3.94 -3.90
N ILE B 52 -50.88 2.62 -4.07
CA ILE B 52 -50.70 2.00 -5.36
C ILE B 52 -51.77 2.44 -6.34
N GLU B 53 -52.96 2.73 -5.84
CA GLU B 53 -54.00 3.24 -6.70
C GLU B 53 -53.53 4.46 -7.46
N ASP B 54 -53.12 5.50 -6.75
CA ASP B 54 -52.69 6.75 -7.36
C ASP B 54 -51.52 6.56 -8.33
N LEU B 55 -50.81 5.45 -8.19
CA LEU B 55 -49.71 5.14 -9.08
C LEU B 55 -50.18 4.64 -10.42
N ALA B 56 -51.23 3.83 -10.40
CA ALA B 56 -51.81 3.31 -11.63
C ALA B 56 -52.62 4.41 -12.31
N MET B 57 -53.30 5.23 -11.50
CA MET B 57 -54.08 6.35 -12.03
C MET B 57 -53.21 7.36 -12.77
N ARG B 58 -52.08 7.73 -12.17
CA ARG B 58 -51.19 8.72 -12.77
C ARG B 58 -50.41 8.12 -13.95
N GLY B 59 -50.44 6.79 -14.07
CA GLY B 59 -49.85 6.11 -15.21
C GLY B 59 -48.37 5.75 -15.08
N GLY B 60 -47.93 5.47 -13.84
CA GLY B 60 -46.56 5.08 -13.60
C GLY B 60 -46.37 3.58 -13.43
N THR B 61 -45.12 3.14 -13.35
CA THR B 61 -44.84 1.71 -13.26
C THR B 61 -44.35 1.25 -11.88
N ILE B 62 -44.59 -0.01 -11.56
CA ILE B 62 -44.11 -0.60 -10.31
C ILE B 62 -43.23 -1.80 -10.64
N LEU B 63 -41.99 -1.79 -10.17
CA LEU B 63 -41.07 -2.89 -10.46
C LEU B 63 -41.22 -3.99 -9.43
N PHE B 64 -41.70 -5.15 -9.87
CA PHE B 64 -41.95 -6.23 -8.94
C PHE B 64 -40.67 -7.00 -8.72
N VAL B 65 -40.13 -6.94 -7.51
CA VAL B 65 -38.92 -7.71 -7.22
C VAL B 65 -39.15 -8.83 -6.22
N GLY B 66 -38.94 -10.05 -6.70
CA GLY B 66 -39.05 -11.22 -5.88
C GLY B 66 -38.07 -12.24 -6.43
N THR B 67 -37.10 -12.62 -5.60
CA THR B 67 -36.04 -13.54 -6.00
C THR B 67 -36.18 -14.87 -5.28
N LYS B 68 -36.62 -14.80 -4.02
CA LYS B 68 -37.00 -15.98 -3.22
C LYS B 68 -37.79 -17.00 -4.05
N LYS B 69 -37.31 -18.24 -4.09
CA LYS B 69 -37.88 -19.26 -4.97
C LYS B 69 -39.34 -19.60 -4.64
N GLN B 70 -39.69 -19.55 -3.35
CA GLN B 70 -41.06 -19.86 -2.93
C GLN B 70 -42.06 -18.75 -3.28
N ALA B 71 -41.67 -17.88 -4.21
CA ALA B 71 -42.51 -16.79 -4.66
C ALA B 71 -42.17 -16.44 -6.10
N GLN B 72 -41.10 -17.06 -6.60
CA GLN B 72 -40.51 -16.75 -7.90
C GLN B 72 -41.50 -16.77 -9.07
N ASP B 73 -42.21 -17.89 -9.23
CA ASP B 73 -43.11 -18.05 -10.36
C ASP B 73 -44.26 -17.05 -10.28
N ILE B 74 -44.81 -16.90 -9.09
CA ILE B 74 -45.94 -16.02 -8.82
C ILE B 74 -45.71 -14.60 -9.33
N VAL B 75 -44.52 -14.07 -9.02
CA VAL B 75 -44.09 -12.77 -9.54
C VAL B 75 -44.26 -12.68 -11.05
N ARG B 76 -43.87 -13.73 -11.77
CA ARG B 76 -43.89 -13.70 -13.23
C ARG B 76 -45.26 -13.45 -13.85
N MET B 77 -46.29 -14.09 -13.31
CA MET B 77 -47.62 -13.95 -13.86
C MET B 77 -48.24 -12.61 -13.52
N GLU B 78 -48.31 -12.31 -12.23
CA GLU B 78 -48.93 -11.07 -11.77
C GLU B 78 -48.22 -9.83 -12.28
N ALA B 79 -46.94 -9.95 -12.58
CA ALA B 79 -46.21 -8.82 -13.12
C ALA B 79 -46.43 -8.74 -14.63
N GLU B 80 -46.70 -9.89 -15.25
CA GLU B 80 -47.03 -9.92 -16.67
C GLU B 80 -48.46 -9.49 -16.87
N ARG B 81 -49.34 -9.89 -15.95
CA ARG B 81 -50.74 -9.46 -15.97
C ARG B 81 -50.86 -7.95 -16.08
N ALA B 82 -50.34 -7.25 -15.07
CA ALA B 82 -50.18 -5.81 -15.17
C ALA B 82 -49.05 -5.53 -16.15
N GLY B 83 -48.95 -4.31 -16.65
CA GLY B 83 -47.96 -4.03 -17.68
C GLY B 83 -46.57 -4.07 -17.08
N MET B 84 -46.53 -3.81 -15.79
CA MET B 84 -45.31 -3.53 -15.06
C MET B 84 -44.19 -4.57 -15.25
N PRO B 85 -42.94 -4.13 -15.05
CA PRO B 85 -41.75 -4.98 -15.11
C PRO B 85 -41.53 -5.81 -13.85
N TYR B 86 -40.71 -6.84 -13.97
CA TYR B 86 -40.32 -7.67 -12.83
C TYR B 86 -38.85 -8.10 -12.86
N VAL B 87 -38.23 -8.15 -11.68
CA VAL B 87 -36.95 -8.84 -11.50
C VAL B 87 -37.17 -10.16 -10.75
N ASN B 88 -36.88 -11.25 -11.45
CA ASN B 88 -37.37 -12.57 -11.10
C ASN B 88 -36.29 -13.59 -10.76
N GLN B 89 -35.29 -13.72 -11.62
CA GLN B 89 -34.20 -14.63 -11.33
C GLN B 89 -33.35 -14.13 -10.16
N ARG B 90 -32.40 -13.25 -10.46
CA ARG B 90 -31.61 -12.58 -9.41
C ARG B 90 -31.42 -11.08 -9.68
N TRP B 91 -31.12 -10.33 -8.61
CA TRP B 91 -31.08 -8.87 -8.68
C TRP B 91 -29.66 -8.33 -8.82
N LEU B 92 -29.45 -7.57 -9.90
CA LEU B 92 -28.08 -7.23 -10.31
C LEU B 92 -27.59 -5.88 -9.78
N GLY B 93 -26.29 -5.79 -9.59
CA GLY B 93 -25.69 -4.63 -8.98
C GLY B 93 -25.84 -3.42 -9.86
N GLY B 94 -26.95 -2.71 -9.64
CA GLY B 94 -27.17 -1.45 -10.32
C GLY B 94 -28.27 -1.48 -11.33
N MET B 95 -29.25 -2.35 -11.12
CA MET B 95 -30.46 -2.31 -11.93
C MET B 95 -31.04 -0.89 -11.88
N LEU B 96 -30.85 -0.24 -10.73
CA LEU B 96 -31.38 1.11 -10.52
C LEU B 96 -30.27 2.16 -10.45
N THR B 97 -29.32 1.99 -9.53
CA THR B 97 -28.33 3.04 -9.39
C THR B 97 -27.38 3.04 -10.57
N ASN B 98 -27.34 1.93 -11.29
CA ASN B 98 -26.51 1.85 -12.48
C ASN B 98 -27.39 1.63 -13.71
N PHE B 99 -28.64 2.10 -13.62
CA PHE B 99 -29.69 1.75 -14.58
C PHE B 99 -29.41 2.08 -16.05
N LYS B 100 -28.58 3.08 -16.29
CA LYS B 100 -28.14 3.32 -17.65
C LYS B 100 -27.31 2.10 -18.08
N THR B 101 -26.12 1.98 -17.51
CA THR B 101 -25.17 0.92 -17.85
C THR B 101 -25.77 -0.48 -17.92
N ILE B 102 -26.68 -0.79 -17.00
CA ILE B 102 -27.35 -2.08 -17.02
C ILE B 102 -28.21 -2.22 -18.26
N SER B 103 -28.74 -1.11 -18.76
CA SER B 103 -29.65 -1.17 -19.91
C SER B 103 -28.96 -1.41 -21.25
N GLN B 104 -27.62 -1.45 -21.27
CA GLN B 104 -26.91 -1.90 -22.46
C GLN B 104 -27.21 -3.36 -22.69
N ARG B 105 -27.48 -4.09 -21.62
CA ARG B 105 -27.82 -5.49 -21.74
C ARG B 105 -29.20 -5.62 -22.39
N VAL B 106 -30.04 -4.64 -22.13
CA VAL B 106 -31.35 -4.57 -22.78
C VAL B 106 -31.20 -4.12 -24.24
N HIS B 107 -30.33 -3.15 -24.48
CA HIS B 107 -30.05 -2.65 -25.82
C HIS B 107 -29.57 -3.76 -26.74
N ARG B 108 -28.95 -4.78 -26.14
CA ARG B 108 -28.41 -5.91 -26.89
C ARG B 108 -29.44 -7.01 -27.10
N LEU B 109 -30.16 -7.38 -26.05
CA LEU B 109 -31.19 -8.40 -26.15
C LEU B 109 -32.15 -8.09 -27.29
N GLU B 110 -32.83 -6.94 -27.19
CA GLU B 110 -33.80 -6.52 -28.21
C GLU B 110 -33.16 -6.50 -29.61
N GLU B 111 -31.86 -6.24 -29.65
CA GLU B 111 -31.13 -6.14 -30.90
C GLU B 111 -30.49 -7.49 -31.32
N LEU B 112 -30.26 -8.36 -30.35
CA LEU B 112 -29.71 -9.69 -30.63
C LEU B 112 -30.81 -10.64 -31.11
N GLU B 113 -32.07 -10.31 -30.80
CA GLU B 113 -33.19 -11.08 -31.29
C GLU B 113 -33.48 -10.70 -32.73
N ALA B 114 -32.98 -9.52 -33.11
CA ALA B 114 -33.13 -9.02 -34.47
C ALA B 114 -32.15 -9.74 -35.39
N LEU B 115 -31.08 -10.26 -34.81
CA LEU B 115 -30.17 -11.12 -35.55
C LEU B 115 -30.90 -12.42 -35.90
N PHE B 116 -31.80 -12.85 -35.01
CA PHE B 116 -32.48 -14.14 -35.17
C PHE B 116 -33.81 -14.04 -35.93
N ALA B 117 -33.80 -13.18 -36.95
CA ALA B 117 -34.94 -12.99 -37.84
C ALA B 117 -34.39 -12.36 -39.11
N SER B 118 -33.16 -12.74 -39.44
CA SER B 118 -32.42 -12.11 -40.53
C SER B 118 -31.71 -13.18 -41.36
N PRO B 119 -31.03 -12.76 -42.46
CA PRO B 119 -30.20 -13.74 -43.15
C PRO B 119 -28.83 -13.93 -42.48
N GLU B 120 -28.49 -13.12 -41.49
CA GLU B 120 -27.16 -13.17 -40.88
C GLU B 120 -27.00 -14.20 -39.75
N ILE B 121 -28.03 -15.03 -39.56
CA ILE B 121 -27.92 -16.17 -38.66
C ILE B 121 -27.43 -17.39 -39.45
N GLU B 122 -27.45 -17.26 -40.77
CA GLU B 122 -26.82 -18.20 -41.69
C GLU B 122 -25.45 -17.66 -42.07
N GLU B 123 -25.36 -16.35 -42.22
CA GLU B 123 -24.07 -15.68 -42.36
C GLU B 123 -23.38 -15.69 -41.01
N ARG B 124 -22.24 -15.00 -40.92
CA ARG B 124 -21.37 -15.03 -39.74
C ARG B 124 -20.78 -16.43 -39.52
N PRO B 125 -19.49 -16.50 -39.19
CA PRO B 125 -18.85 -17.78 -38.84
C PRO B 125 -19.57 -18.46 -37.68
N LYS B 126 -19.42 -19.77 -37.52
CA LYS B 126 -20.06 -20.47 -36.41
C LYS B 126 -19.26 -20.31 -35.12
N LYS B 127 -18.12 -19.63 -35.22
CA LYS B 127 -17.35 -19.24 -34.06
C LYS B 127 -18.14 -18.16 -33.31
N GLU B 128 -18.79 -17.30 -34.09
CA GLU B 128 -19.70 -16.29 -33.56
C GLU B 128 -21.08 -16.89 -33.27
N GLN B 129 -21.57 -17.70 -34.20
CA GLN B 129 -22.91 -18.27 -34.11
C GLN B 129 -23.20 -19.00 -32.81
N VAL B 130 -22.22 -19.75 -32.31
CA VAL B 130 -22.40 -20.49 -31.06
C VAL B 130 -22.37 -19.57 -29.85
N ARG B 131 -21.38 -18.68 -29.83
CA ARG B 131 -21.24 -17.71 -28.76
C ARG B 131 -22.41 -16.73 -28.71
N LEU B 132 -22.79 -16.20 -29.88
CA LEU B 132 -23.82 -15.16 -29.97
C LEU B 132 -25.24 -15.71 -30.04
N LYS B 133 -25.46 -16.93 -29.56
CA LYS B 133 -26.80 -17.50 -29.53
C LYS B 133 -27.04 -18.12 -28.16
N HIS B 134 -25.95 -18.35 -27.44
CA HIS B 134 -26.00 -18.80 -26.06
C HIS B 134 -25.70 -17.61 -25.16
N GLU B 135 -25.46 -16.46 -25.77
CA GLU B 135 -25.35 -15.19 -25.07
C GLU B 135 -26.74 -14.58 -24.96
N LEU B 136 -27.52 -14.76 -26.01
CA LEU B 136 -28.91 -14.37 -26.01
C LEU B 136 -29.68 -15.22 -25.00
N GLU B 137 -29.20 -16.44 -24.78
CA GLU B 137 -29.82 -17.34 -23.82
C GLU B 137 -29.90 -16.67 -22.46
N ARG B 138 -28.74 -16.29 -21.92
CA ARG B 138 -28.63 -15.75 -20.57
C ARG B 138 -29.35 -14.41 -20.43
N LEU B 139 -29.32 -13.60 -21.49
CA LEU B 139 -29.89 -12.27 -21.45
C LEU B 139 -31.38 -12.34 -21.18
N GLN B 140 -32.06 -13.19 -21.92
CA GLN B 140 -33.50 -13.35 -21.75
C GLN B 140 -33.83 -13.99 -20.42
N LYS B 141 -32.80 -14.51 -19.74
CA LYS B 141 -33.01 -15.27 -18.52
C LYS B 141 -33.08 -14.43 -17.26
N TYR B 142 -32.47 -13.24 -17.30
CA TYR B 142 -32.40 -12.34 -16.13
C TYR B 142 -33.23 -11.09 -16.36
N LEU B 143 -33.29 -10.67 -17.63
CA LEU B 143 -33.96 -9.43 -18.03
C LEU B 143 -35.26 -9.72 -18.79
N SER B 144 -35.87 -10.85 -18.48
CA SER B 144 -37.12 -11.28 -19.13
C SER B 144 -38.24 -10.25 -18.99
N GLY B 145 -38.12 -9.40 -17.99
CA GLY B 145 -39.05 -8.30 -17.79
C GLY B 145 -38.40 -7.19 -16.99
N PHE B 146 -37.13 -6.97 -17.25
CA PHE B 146 -36.52 -5.73 -16.84
C PHE B 146 -36.51 -4.84 -18.07
N ARG B 147 -36.46 -5.49 -19.23
CA ARG B 147 -36.42 -4.78 -20.51
C ARG B 147 -37.61 -3.84 -20.70
N LEU B 148 -38.71 -4.12 -19.99
CA LEU B 148 -39.90 -3.27 -20.05
C LEU B 148 -39.64 -1.88 -19.46
N LEU B 149 -38.65 -1.81 -18.57
CA LEU B 149 -38.24 -0.54 -17.98
C LEU B 149 -37.43 0.28 -18.95
N LYS B 150 -37.89 1.50 -19.22
CA LYS B 150 -37.13 2.43 -20.07
C LYS B 150 -36.56 3.59 -19.25
N ARG B 151 -37.05 3.74 -18.03
CA ARG B 151 -36.48 4.69 -17.09
C ARG B 151 -36.69 4.12 -15.71
N LEU B 152 -36.22 4.82 -14.68
CA LEU B 152 -36.41 4.34 -13.31
C LEU B 152 -37.90 4.39 -12.94
N PRO B 153 -38.39 3.34 -12.25
CA PRO B 153 -39.80 3.18 -11.91
C PRO B 153 -40.25 4.12 -10.80
N ASP B 154 -41.54 4.39 -10.72
CA ASP B 154 -42.04 5.35 -9.75
C ASP B 154 -42.06 4.75 -8.38
N ALA B 155 -42.22 3.43 -8.31
CA ALA B 155 -42.15 2.72 -7.07
C ALA B 155 -41.59 1.32 -7.33
N ILE B 156 -41.60 0.44 -6.32
CA ILE B 156 -40.96 -0.88 -6.43
C ILE B 156 -41.52 -1.85 -5.41
N PHE B 157 -41.97 -3.02 -5.88
CA PHE B 157 -42.64 -3.96 -5.00
C PHE B 157 -41.76 -5.16 -4.74
N VAL B 158 -41.26 -5.25 -3.51
CA VAL B 158 -40.46 -6.39 -3.12
C VAL B 158 -41.24 -7.35 -2.21
N VAL B 159 -40.95 -8.64 -2.36
CA VAL B 159 -41.63 -9.67 -1.60
C VAL B 159 -40.82 -10.14 -0.39
N ASP B 160 -39.52 -9.83 -0.38
CA ASP B 160 -38.74 -10.00 0.83
C ASP B 160 -37.74 -8.85 0.94
N PRO B 161 -37.98 -7.93 1.89
CA PRO B 161 -37.10 -6.78 2.10
C PRO B 161 -35.72 -7.26 2.49
N THR B 162 -35.66 -8.07 3.54
CA THR B 162 -34.42 -8.66 4.02
C THR B 162 -33.63 -9.32 2.91
N LYS B 163 -34.25 -10.28 2.22
CA LYS B 163 -33.59 -11.03 1.14
C LYS B 163 -33.19 -10.19 -0.07
N GLU B 164 -34.10 -9.35 -0.55
CA GLU B 164 -33.78 -8.44 -1.66
C GLU B 164 -33.35 -7.06 -1.15
N ALA B 165 -32.54 -7.04 -0.10
CA ALA B 165 -32.16 -5.79 0.54
C ALA B 165 -31.27 -4.89 -0.30
N ILE B 166 -30.58 -5.47 -1.29
CA ILE B 166 -29.86 -4.67 -2.24
C ILE B 166 -30.85 -3.95 -3.13
N ALA B 167 -31.97 -4.60 -3.41
CA ALA B 167 -32.99 -3.95 -4.20
C ALA B 167 -33.51 -2.75 -3.42
N VAL B 168 -33.85 -2.97 -2.15
CA VAL B 168 -34.34 -1.90 -1.28
C VAL B 168 -33.36 -0.72 -1.22
N ARG B 169 -32.11 -1.01 -0.88
CA ARG B 169 -31.10 0.04 -0.75
C ARG B 169 -31.00 0.91 -2.01
N GLU B 170 -31.00 0.27 -3.17
CA GLU B 170 -30.90 1.02 -4.42
C GLU B 170 -32.10 1.96 -4.60
N ALA B 171 -33.30 1.45 -4.33
CA ALA B 171 -34.52 2.25 -4.39
C ALA B 171 -34.38 3.57 -3.60
N ARG B 172 -34.05 3.45 -2.31
CA ARG B 172 -33.85 4.59 -1.43
C ARG B 172 -32.80 5.57 -1.94
N LYS B 173 -31.65 5.07 -2.39
CA LYS B 173 -30.60 5.99 -2.81
C LYS B 173 -31.06 6.87 -3.96
N LEU B 174 -32.04 6.37 -4.73
CA LEU B 174 -32.66 7.13 -5.82
C LEU B 174 -34.05 7.68 -5.48
N PHE B 175 -34.39 7.60 -4.19
CA PHE B 175 -35.64 8.09 -3.62
C PHE B 175 -36.88 7.42 -4.20
N ILE B 176 -36.76 6.16 -4.61
CA ILE B 176 -37.89 5.43 -5.14
C ILE B 176 -38.62 4.66 -4.04
N PRO B 177 -39.87 5.05 -3.76
CA PRO B 177 -40.78 4.47 -2.77
C PRO B 177 -40.78 2.95 -2.74
N VAL B 178 -40.57 2.35 -1.57
CA VAL B 178 -40.58 0.91 -1.47
C VAL B 178 -41.92 0.38 -0.97
N ILE B 179 -42.59 -0.41 -1.80
CA ILE B 179 -43.68 -1.23 -1.32
C ILE B 179 -43.01 -2.53 -0.94
N ALA B 180 -43.44 -3.19 0.14
CA ALA B 180 -42.86 -4.50 0.43
C ALA B 180 -43.78 -5.43 1.19
N LEU B 181 -43.69 -6.71 0.82
CA LEU B 181 -44.37 -7.75 1.57
C LEU B 181 -43.42 -8.21 2.65
N ALA B 182 -43.63 -7.75 3.88
CA ALA B 182 -42.66 -7.98 4.95
C ALA B 182 -43.19 -8.86 6.09
N ASP B 183 -42.27 -9.43 6.84
CA ASP B 183 -42.62 -10.03 8.11
C ASP B 183 -41.48 -9.93 9.12
N THR B 184 -41.48 -10.82 10.11
CA THR B 184 -40.73 -10.58 11.33
C THR B 184 -39.21 -10.46 11.21
N ASP B 185 -38.63 -10.92 10.11
CA ASP B 185 -37.17 -10.83 9.97
C ASP B 185 -36.67 -9.51 9.38
N SER B 186 -37.57 -8.57 9.12
CA SER B 186 -37.20 -7.35 8.41
C SER B 186 -37.24 -6.05 9.22
N ASP B 187 -36.64 -5.03 8.63
CA ASP B 187 -36.62 -3.70 9.20
C ASP B 187 -37.73 -2.88 8.57
N PRO B 188 -38.86 -2.78 9.28
CA PRO B 188 -40.05 -2.09 8.77
C PRO B 188 -39.79 -0.64 8.40
N ASP B 189 -38.91 0.02 9.15
CA ASP B 189 -38.71 1.45 8.98
C ASP B 189 -37.99 1.77 7.69
N LEU B 190 -37.33 0.75 7.17
CA LEU B 190 -36.61 0.85 5.90
C LEU B 190 -37.56 0.79 4.69
N VAL B 191 -38.84 0.62 5.00
CA VAL B 191 -39.86 0.44 3.99
C VAL B 191 -40.91 1.54 4.11
N ASP B 192 -41.30 2.10 2.97
CA ASP B 192 -42.26 3.17 2.94
C ASP B 192 -43.68 2.65 3.16
N TYR B 193 -44.14 1.75 2.28
CA TYR B 193 -45.46 1.12 2.40
C TYR B 193 -45.37 -0.39 2.68
N ILE B 194 -45.76 -0.79 3.89
CA ILE B 194 -45.57 -2.16 4.37
C ILE B 194 -46.85 -2.96 4.36
N ILE B 195 -46.78 -4.16 3.80
CA ILE B 195 -47.81 -5.19 4.03
C ILE B 195 -47.20 -6.27 4.90
N PRO B 196 -47.36 -6.11 6.22
CA PRO B 196 -46.79 -7.02 7.21
C PRO B 196 -47.49 -8.35 7.16
N GLY B 197 -47.10 -9.18 6.20
CA GLY B 197 -47.70 -10.48 6.04
C GLY B 197 -46.70 -11.55 6.37
N ASN B 198 -46.13 -12.15 5.33
CA ASN B 198 -44.99 -13.06 5.47
C ASN B 198 -44.33 -13.39 4.15
N ASP B 199 -43.05 -13.03 4.04
CA ASP B 199 -42.29 -13.16 2.81
C ASP B 199 -42.31 -14.55 2.20
N ASP B 200 -42.45 -15.59 3.02
CA ASP B 200 -42.44 -16.95 2.52
C ASP B 200 -43.79 -17.61 2.74
N ALA B 201 -44.09 -18.61 1.89
CA ALA B 201 -45.39 -19.33 1.79
C ALA B 201 -46.35 -18.76 0.75
N ILE B 202 -46.39 -19.43 -0.41
CA ILE B 202 -47.17 -19.01 -1.59
C ILE B 202 -48.62 -18.64 -1.33
N ARG B 203 -49.21 -19.26 -0.31
CA ARG B 203 -50.60 -19.02 0.04
C ARG B 203 -50.78 -17.56 0.41
N SER B 204 -49.80 -16.99 1.10
CA SER B 204 -49.74 -15.55 1.27
C SER B 204 -49.36 -14.99 -0.08
N ILE B 205 -48.12 -14.52 -0.17
CA ILE B 205 -47.44 -14.11 -1.41
C ILE B 205 -48.33 -13.80 -2.63
N GLN B 206 -48.89 -14.87 -3.21
CA GLN B 206 -49.78 -14.77 -4.37
C GLN B 206 -51.09 -14.04 -4.05
N LEU B 207 -51.68 -14.36 -2.89
CA LEU B 207 -52.89 -13.70 -2.44
C LEU B 207 -52.67 -12.20 -2.48
N ILE B 208 -51.52 -11.78 -1.97
CA ILE B 208 -51.20 -10.35 -1.87
C ILE B 208 -51.03 -9.71 -3.25
N LEU B 209 -50.14 -10.29 -4.06
CA LEU B 209 -49.88 -9.80 -5.41
C LEU B 209 -51.06 -9.99 -6.37
N SER B 210 -51.92 -10.97 -6.09
CA SER B 210 -53.16 -11.09 -6.83
C SER B 210 -53.93 -9.83 -6.59
N ARG B 211 -54.42 -9.68 -5.36
CA ARG B 211 -55.22 -8.53 -4.94
C ARG B 211 -54.59 -7.18 -5.27
N ALA B 212 -53.27 -7.13 -5.25
CA ALA B 212 -52.58 -5.88 -5.59
C ALA B 212 -52.70 -5.59 -7.07
N VAL B 213 -52.37 -6.57 -7.90
CA VAL B 213 -52.50 -6.43 -9.35
C VAL B 213 -53.96 -6.28 -9.81
N ASP B 214 -54.87 -6.98 -9.12
CA ASP B 214 -56.30 -6.75 -9.27
C ASP B 214 -56.53 -5.27 -9.24
N LEU B 215 -56.12 -4.67 -8.12
CA LEU B 215 -56.26 -3.25 -7.87
C LEU B 215 -55.57 -2.38 -8.91
N ILE B 216 -54.42 -2.82 -9.40
CA ILE B 216 -53.70 -2.03 -10.41
C ILE B 216 -54.47 -2.00 -11.71
N ILE B 217 -54.91 -3.16 -12.17
CA ILE B 217 -55.76 -3.24 -13.37
C ILE B 217 -57.09 -2.51 -13.15
N GLN B 218 -57.78 -2.87 -12.06
CA GLN B 218 -59.05 -2.27 -11.66
C GLN B 218 -59.01 -0.75 -11.71
N ALA B 219 -57.85 -0.18 -11.42
CA ALA B 219 -57.72 1.27 -11.35
C ALA B 219 -57.16 1.87 -12.63
N ARG B 220 -56.45 1.07 -13.42
CA ARG B 220 -55.97 1.55 -14.71
C ARG B 220 -57.10 1.61 -15.74
N GLY B 221 -57.92 0.57 -15.78
CA GLY B 221 -59.05 0.49 -16.69
C GLY B 221 -59.08 -0.82 -17.44
N GLY B 222 -59.73 -1.82 -16.85
CA GLY B 222 -59.79 -3.15 -17.44
C GLY B 222 -60.65 -4.16 -16.70
N VAL B 223 -60.87 -3.89 -15.40
CA VAL B 223 -61.66 -4.74 -14.49
C VAL B 223 -61.82 -6.23 -14.88
N VAL B 224 -60.92 -7.08 -14.39
CA VAL B 224 -60.79 -8.45 -14.91
C VAL B 224 -61.20 -9.59 -13.98
N GLU B 225 -60.61 -10.76 -14.26
CA GLU B 225 -61.05 -12.04 -13.73
C GLU B 225 -59.96 -12.66 -12.87
N PRO B 226 -60.17 -13.93 -12.42
CA PRO B 226 -59.08 -14.75 -11.84
C PRO B 226 -57.74 -14.68 -12.57
N SER B 227 -56.70 -15.15 -11.87
CA SER B 227 -55.32 -15.05 -12.30
C SER B 227 -54.79 -16.37 -12.84
N PRO B 228 -53.82 -16.30 -13.78
CA PRO B 228 -53.03 -17.44 -14.23
C PRO B 228 -52.45 -18.32 -13.10
N SER B 229 -52.18 -17.74 -11.94
CA SER B 229 -51.71 -18.51 -10.78
C SER B 229 -52.87 -19.07 -9.96
N TYR B 230 -53.42 -18.25 -9.07
CA TYR B 230 -54.51 -18.65 -8.16
C TYR B 230 -54.17 -19.97 -7.46
N ALA B 231 -55.19 -20.79 -7.23
CA ALA B 231 -55.00 -22.08 -6.55
C ALA B 231 -54.09 -23.05 -7.31
N LEU B 232 -53.56 -22.62 -8.45
CA LEU B 232 -52.45 -23.31 -9.07
C LEU B 232 -51.16 -22.86 -8.37
N VAL B 233 -51.12 -23.16 -7.07
CA VAL B 233 -49.98 -22.91 -6.22
C VAL B 233 -49.83 -24.11 -5.27
N GLN B 234 -48.97 -25.05 -5.65
CA GLN B 234 -48.77 -26.28 -4.86
C GLN B 234 -47.29 -26.54 -4.56
N GLY C 1 11.33 -4.09 -26.07
CA GLY C 1 11.89 -4.27 -27.41
C GLY C 1 10.99 -4.91 -28.49
N ASN C 2 9.74 -5.13 -28.13
CA ASN C 2 8.81 -5.97 -28.88
C ASN C 2 8.28 -5.40 -30.20
N LYS C 3 7.12 -5.93 -30.62
CA LYS C 3 6.22 -5.37 -31.67
C LYS C 3 6.72 -5.11 -33.10
N ILE C 4 6.21 -5.90 -34.05
CA ILE C 4 6.46 -5.71 -35.49
C ILE C 4 5.62 -4.63 -36.09
N HIS C 5 5.94 -4.32 -37.34
CA HIS C 5 5.28 -3.23 -38.03
C HIS C 5 3.89 -3.62 -38.51
N PRO C 6 2.87 -2.93 -37.99
CA PRO C 6 1.46 -3.23 -38.25
C PRO C 6 1.12 -3.12 -39.72
N ILE C 7 1.95 -2.43 -40.50
CA ILE C 7 1.79 -2.43 -41.94
C ILE C 7 2.47 -3.68 -42.49
N GLY C 8 3.79 -3.74 -42.30
CA GLY C 8 4.59 -4.87 -42.74
C GLY C 8 4.06 -6.22 -42.29
N PHE C 9 3.39 -6.24 -41.14
CA PHE C 9 2.80 -7.48 -40.64
C PHE C 9 1.66 -7.93 -41.53
N ARG C 10 0.85 -6.95 -41.94
CA ARG C 10 -0.41 -7.26 -42.59
C ARG C 10 -0.27 -7.25 -44.11
N LEU C 11 0.94 -6.98 -44.60
CA LEU C 11 1.18 -6.67 -46.03
C LEU C 11 0.45 -7.56 -47.04
N GLY C 12 0.37 -8.85 -46.75
CA GLY C 12 -0.35 -9.76 -47.62
C GLY C 12 -1.83 -9.43 -47.72
N ILE C 13 -2.39 -8.93 -46.62
CA ILE C 13 -3.81 -8.63 -46.55
C ILE C 13 -4.00 -7.16 -46.19
N THR C 14 -5.21 -6.81 -45.75
CA THR C 14 -5.61 -5.43 -45.46
C THR C 14 -4.87 -4.33 -46.21
N ARG C 15 -3.55 -4.26 -45.99
CA ARG C 15 -2.73 -3.20 -46.58
C ARG C 15 -1.73 -3.68 -47.66
N ASP C 16 -1.83 -3.09 -48.85
CA ASP C 16 -0.99 -3.44 -50.00
C ASP C 16 0.29 -2.62 -50.07
N TRP C 17 1.02 -2.79 -51.17
CA TRP C 17 2.37 -2.24 -51.31
C TRP C 17 2.34 -0.80 -51.78
N GLU C 18 3.38 -0.04 -51.46
CA GLU C 18 3.51 1.34 -51.92
C GLU C 18 4.10 1.44 -53.33
N SER C 19 5.25 0.83 -53.55
CA SER C 19 5.78 0.61 -54.90
C SER C 19 5.11 -0.64 -55.48
N ARG C 20 4.90 -0.66 -56.78
CA ARG C 20 4.03 -1.67 -57.37
C ARG C 20 4.46 -2.08 -58.78
N TRP C 21 5.56 -2.81 -58.87
CA TRP C 21 6.06 -3.24 -60.17
C TRP C 21 6.73 -4.62 -60.14
N TYR C 22 7.36 -4.98 -61.25
CA TYR C 22 8.09 -6.23 -61.36
C TYR C 22 9.43 -6.01 -62.07
N ALA C 23 10.44 -6.78 -61.69
CA ALA C 23 11.77 -6.58 -62.24
C ALA C 23 12.70 -7.76 -61.99
N GLY C 24 13.43 -8.17 -63.03
CA GLY C 24 14.44 -9.19 -62.91
C GLY C 24 15.53 -8.80 -61.94
N LYS C 25 16.42 -9.74 -61.63
CA LYS C 25 17.52 -9.49 -60.71
C LYS C 25 18.51 -8.42 -61.17
N LYS C 26 18.65 -8.29 -62.49
CA LYS C 26 19.61 -7.33 -63.03
C LYS C 26 19.01 -5.92 -63.00
N GLN C 27 17.78 -5.82 -62.51
CA GLN C 27 17.00 -4.59 -62.61
C GLN C 27 16.62 -4.00 -61.25
N TYR C 28 15.82 -4.76 -60.51
CA TYR C 28 15.30 -4.42 -59.17
C TYR C 28 16.15 -3.44 -58.40
N ARG C 29 17.45 -3.71 -58.32
CA ARG C 29 18.41 -2.92 -57.57
C ARG C 29 18.35 -1.40 -57.78
N HIS C 30 18.74 -0.93 -58.96
CA HIS C 30 18.78 0.51 -59.24
C HIS C 30 17.40 1.06 -59.59
N LEU C 31 16.53 0.18 -60.10
CA LEU C 31 15.12 0.51 -60.28
C LEU C 31 14.48 0.95 -58.94
N LEU C 32 14.50 0.06 -57.95
CA LEU C 32 13.99 0.38 -56.62
C LEU C 32 14.64 1.60 -56.00
N LEU C 33 15.95 1.76 -56.23
CA LEU C 33 16.65 2.94 -55.77
C LEU C 33 15.95 4.19 -56.27
N GLU C 34 15.69 4.23 -57.58
CA GLU C 34 14.96 5.35 -58.18
C GLU C 34 13.67 5.63 -57.44
N ASP C 35 12.86 4.61 -57.22
CA ASP C 35 11.60 4.74 -56.49
C ASP C 35 11.77 5.48 -55.18
N GLN C 36 12.81 5.13 -54.44
CA GLN C 36 13.10 5.79 -53.19
C GLN C 36 13.56 7.22 -53.43
N ARG C 37 14.33 7.43 -54.51
CA ARG C 37 14.83 8.75 -54.84
C ARG C 37 13.66 9.72 -55.07
N ILE C 38 12.60 9.18 -55.67
CA ILE C 38 11.39 9.93 -55.97
C ILE C 38 10.61 10.20 -54.69
N ARG C 39 10.57 9.22 -53.81
CA ARG C 39 9.93 9.42 -52.52
C ARG C 39 10.67 10.48 -51.71
N GLY C 40 12.00 10.46 -51.80
CA GLY C 40 12.84 11.39 -51.07
C GLY C 40 12.61 12.84 -51.47
N LEU C 41 12.52 13.07 -52.78
CA LEU C 41 12.23 14.39 -53.33
C LEU C 41 10.81 14.81 -52.93
N LEU C 42 9.88 13.87 -53.07
CA LEU C 42 8.45 14.12 -52.80
C LEU C 42 8.11 14.37 -51.32
N GLU C 43 9.09 14.82 -50.55
CA GLU C 43 8.81 15.25 -49.20
C GLU C 43 9.54 16.56 -48.90
N LYS C 44 10.70 16.74 -49.51
CA LYS C 44 11.41 18.00 -49.37
C LYS C 44 10.57 19.11 -50.02
N GLU C 45 10.32 19.01 -51.32
CA GLU C 45 9.46 19.97 -51.98
C GLU C 45 8.02 19.46 -52.10
N LEU C 46 7.40 19.15 -50.95
CA LEU C 46 6.00 18.73 -50.91
C LEU C 46 5.46 18.55 -49.50
N TYR C 47 6.19 19.07 -48.52
CA TYR C 47 5.86 18.89 -47.09
C TYR C 47 4.47 19.39 -46.73
N SER C 48 4.22 20.67 -46.99
CA SER C 48 3.02 21.38 -46.54
C SER C 48 1.71 20.90 -47.18
N ALA C 49 1.81 20.18 -48.29
CA ALA C 49 0.64 19.56 -48.91
C ALA C 49 -0.04 18.58 -47.95
N GLY C 50 0.74 18.04 -47.02
CA GLY C 50 0.25 17.02 -46.12
C GLY C 50 0.03 15.75 -46.92
N LEU C 51 1.12 15.02 -47.16
CA LEU C 51 1.09 13.83 -47.99
C LEU C 51 1.16 12.55 -47.15
N ALA C 52 0.23 11.64 -47.45
CA ALA C 52 0.15 10.36 -46.75
C ALA C 52 1.11 9.34 -47.36
N ARG C 53 0.76 8.87 -48.55
CA ARG C 53 1.55 7.84 -49.25
C ARG C 53 1.81 8.20 -50.71
N VAL C 54 2.99 7.83 -51.19
CA VAL C 54 3.37 8.05 -52.57
C VAL C 54 3.34 6.71 -53.27
N ASP C 55 2.22 6.38 -53.89
CA ASP C 55 2.17 5.14 -54.67
C ASP C 55 3.08 5.28 -55.86
N ILE C 56 3.68 4.18 -56.29
CA ILE C 56 4.49 4.17 -57.50
C ILE C 56 4.28 2.90 -58.31
N GLU C 57 3.45 2.97 -59.35
CA GLU C 57 3.28 1.82 -60.24
C GLU C 57 4.30 1.93 -61.35
N ARG C 58 4.36 0.91 -62.20
CA ARG C 58 5.30 0.93 -63.32
C ARG C 58 5.03 -0.10 -64.41
N ALA C 59 5.10 0.36 -65.65
CA ALA C 59 5.26 -0.52 -66.80
C ALA C 59 6.61 -0.12 -67.38
N ALA C 60 7.02 -0.74 -68.48
CA ALA C 60 8.28 -0.36 -69.09
C ALA C 60 8.26 1.11 -69.51
N ASP C 61 8.86 1.97 -68.67
CA ASP C 61 8.92 3.42 -68.87
C ASP C 61 7.58 4.16 -68.81
N ASN C 62 6.65 3.66 -68.00
CA ASN C 62 5.43 4.39 -67.69
C ASN C 62 5.24 4.55 -66.18
N VAL C 63 6.36 4.84 -65.52
CA VAL C 63 6.45 5.13 -64.09
C VAL C 63 5.30 6.00 -63.56
N ALA C 64 4.33 5.38 -62.90
CA ALA C 64 3.08 6.05 -62.51
C ALA C 64 3.23 7.25 -61.56
N VAL C 65 3.54 6.99 -60.30
CA VAL C 65 3.52 7.98 -59.23
C VAL C 65 2.12 8.53 -58.99
N THR C 66 1.61 8.38 -57.78
CA THR C 66 0.23 8.76 -57.51
C THR C 66 0.07 9.40 -56.12
N VAL C 67 0.68 10.56 -55.95
CA VAL C 67 0.70 11.29 -54.69
C VAL C 67 -0.66 11.50 -54.01
N HIS C 68 -0.82 10.89 -52.82
CA HIS C 68 -2.01 11.09 -52.00
C HIS C 68 -1.79 12.25 -51.04
N VAL C 69 -2.54 13.33 -51.23
CA VAL C 69 -2.45 14.49 -50.36
C VAL C 69 -3.82 14.91 -49.84
N ALA C 70 -3.82 15.62 -48.71
CA ALA C 70 -5.06 16.07 -48.10
C ALA C 70 -5.44 17.44 -48.66
N LYS C 71 -4.43 18.21 -49.03
CA LYS C 71 -4.59 19.56 -49.53
C LYS C 71 -4.05 19.70 -50.95
N PRO C 72 -4.76 19.12 -51.93
CA PRO C 72 -4.24 19.04 -53.30
C PRO C 72 -4.21 20.41 -53.99
N GLY C 73 -4.41 21.47 -53.21
CA GLY C 73 -4.12 22.80 -53.70
C GLY C 73 -2.62 22.91 -53.95
N VAL C 74 -1.84 22.94 -52.88
CA VAL C 74 -0.40 23.18 -52.93
C VAL C 74 0.36 22.27 -53.90
N VAL C 75 -0.14 21.07 -54.10
CA VAL C 75 0.41 20.14 -55.06
C VAL C 75 0.26 20.68 -56.49
N ILE C 76 -0.95 21.10 -56.83
CA ILE C 76 -1.28 21.55 -58.19
C ILE C 76 -0.84 22.99 -58.45
N GLY C 77 -0.79 23.80 -57.41
CA GLY C 77 -0.33 25.17 -57.52
C GLY C 77 -1.44 26.11 -57.95
N ARG C 78 -1.06 27.27 -58.47
CA ARG C 78 -2.04 28.27 -58.89
C ARG C 78 -2.24 28.24 -60.41
N GLY C 79 -3.25 27.47 -60.83
CA GLY C 79 -3.57 27.28 -62.24
C GLY C 79 -3.30 25.86 -62.73
N GLY C 80 -2.15 25.31 -62.31
CA GLY C 80 -1.65 24.04 -62.78
C GLY C 80 -0.14 24.18 -62.77
N GLU C 81 0.31 25.14 -61.95
CA GLU C 81 1.68 25.64 -61.97
C GLU C 81 2.72 24.72 -61.32
N ARG C 82 2.65 24.61 -59.99
CA ARG C 82 3.56 23.78 -59.19
C ARG C 82 3.71 22.34 -59.72
N ILE C 83 2.61 21.77 -60.21
CA ILE C 83 2.61 20.40 -60.72
C ILE C 83 3.25 20.29 -62.10
N ARG C 84 3.62 21.42 -62.69
CA ARG C 84 4.34 21.40 -63.96
C ARG C 84 5.84 21.34 -63.67
N VAL C 85 6.27 22.14 -62.69
CA VAL C 85 7.66 22.16 -62.25
C VAL C 85 8.07 20.79 -61.70
N LEU C 86 7.18 20.17 -60.92
CA LEU C 86 7.49 18.89 -60.27
C LEU C 86 7.47 17.69 -61.22
N ARG C 87 6.60 17.72 -62.22
CA ARG C 87 6.54 16.67 -63.23
C ARG C 87 7.82 16.64 -64.04
N GLU C 88 8.45 17.81 -64.20
CA GLU C 88 9.73 17.91 -64.88
C GLU C 88 10.87 17.96 -63.86
N GLU C 89 10.54 17.81 -62.59
CA GLU C 89 11.57 17.63 -61.59
C GLU C 89 11.78 16.13 -61.38
N LEU C 90 10.75 15.37 -61.71
CA LEU C 90 10.80 13.91 -61.71
C LEU C 90 11.42 13.42 -63.02
N ALA C 91 11.57 14.33 -63.98
CA ALA C 91 12.16 13.98 -65.27
C ALA C 91 13.68 14.20 -65.26
N LYS C 92 14.13 15.12 -64.41
CA LYS C 92 15.56 15.41 -64.29
C LYS C 92 16.31 14.19 -63.77
N LEU C 93 15.70 13.50 -62.81
CA LEU C 93 16.35 12.36 -62.15
C LEU C 93 15.94 11.04 -62.80
N THR C 94 14.65 10.81 -62.95
CA THR C 94 14.14 9.65 -63.69
C THR C 94 13.97 10.00 -65.16
N GLY C 95 14.78 9.41 -66.03
CA GLY C 95 14.67 9.73 -67.44
C GLY C 95 13.57 8.95 -68.13
N LYS C 96 12.64 8.41 -67.34
CA LYS C 96 11.70 7.39 -67.84
C LYS C 96 10.23 7.84 -67.92
N ASN C 97 9.98 8.92 -68.66
CA ASN C 97 8.65 9.54 -68.85
C ASN C 97 7.58 9.21 -67.82
N VAL C 98 7.48 10.08 -66.81
CA VAL C 98 6.63 9.84 -65.65
C VAL C 98 5.25 10.49 -65.76
N ALA C 99 4.31 9.97 -64.98
CA ALA C 99 3.04 10.65 -64.73
C ALA C 99 3.16 11.37 -63.38
N LEU C 100 2.01 11.75 -62.81
CA LEU C 100 1.94 12.35 -61.47
C LEU C 100 0.50 12.59 -61.07
N ASN C 101 -0.32 11.54 -61.06
CA ASN C 101 -1.71 11.68 -60.64
C ASN C 101 -1.77 12.00 -59.15
N VAL C 102 -2.80 12.74 -58.76
CA VAL C 102 -2.91 13.24 -57.39
C VAL C 102 -4.32 12.97 -56.84
N GLN C 103 -4.41 12.01 -55.91
CA GLN C 103 -5.72 11.68 -55.34
C GLN C 103 -5.87 12.24 -53.93
N GLU C 104 -6.87 13.11 -53.77
CA GLU C 104 -7.07 13.79 -52.51
C GLU C 104 -7.41 12.80 -51.41
N VAL C 105 -6.98 13.12 -50.19
CA VAL C 105 -7.34 12.35 -49.01
C VAL C 105 -8.65 12.88 -48.42
N GLN C 106 -9.70 12.08 -48.55
CA GLN C 106 -11.01 12.36 -47.95
C GLN C 106 -10.94 12.08 -46.46
N ASN C 107 -10.99 13.15 -45.67
CA ASN C 107 -10.75 13.10 -44.22
C ASN C 107 -9.30 12.76 -43.89
N PRO C 108 -8.49 13.79 -43.59
CA PRO C 108 -7.08 13.62 -43.24
C PRO C 108 -6.91 12.99 -41.87
N ASN C 109 -7.85 13.23 -40.96
CA ASN C 109 -7.74 12.69 -39.61
C ASN C 109 -8.31 11.27 -39.47
N LEU C 110 -8.18 10.49 -40.54
CA LEU C 110 -8.51 9.07 -40.57
C LEU C 110 -7.34 8.30 -41.19
N SER C 111 -6.29 9.03 -41.52
CA SER C 111 -5.06 8.45 -42.03
C SER C 111 -3.98 8.73 -41.01
N ALA C 112 -3.54 7.66 -40.34
CA ALA C 112 -2.53 7.74 -39.29
C ALA C 112 -1.30 8.61 -39.59
N PRO C 113 -0.67 8.44 -40.78
CA PRO C 113 0.50 9.25 -41.11
C PRO C 113 0.26 10.73 -40.84
N LEU C 114 -0.81 11.26 -41.45
CA LEU C 114 -1.17 12.66 -41.27
C LEU C 114 -1.35 12.99 -39.80
N VAL C 115 -2.26 12.27 -39.14
CA VAL C 115 -2.52 12.43 -37.71
C VAL C 115 -1.19 12.52 -36.99
N ALA C 116 -0.34 11.52 -37.22
CA ALA C 116 0.97 11.44 -36.57
C ALA C 116 1.82 12.69 -36.75
N GLN C 117 1.67 13.34 -37.90
CA GLN C 117 2.48 14.52 -38.19
C GLN C 117 1.95 15.78 -37.53
N ARG C 118 0.62 15.92 -37.52
CA ARG C 118 -0.01 17.06 -36.86
C ARG C 118 0.47 17.11 -35.42
N VAL C 119 0.47 15.95 -34.77
CA VAL C 119 0.97 15.82 -33.40
C VAL C 119 2.45 16.19 -33.27
N ALA C 120 3.24 15.72 -34.22
CA ALA C 120 4.65 16.04 -34.24
C ALA C 120 4.86 17.51 -34.54
N GLU C 121 4.03 18.08 -35.41
CA GLU C 121 4.15 19.49 -35.75
C GLU C 121 3.85 20.38 -34.54
N GLN C 122 2.84 19.99 -33.77
CA GLN C 122 2.48 20.71 -32.56
C GLN C 122 3.68 20.79 -31.61
N ILE C 123 4.35 19.66 -31.42
CA ILE C 123 5.42 19.56 -30.43
C ILE C 123 6.69 20.31 -30.82
N GLU C 124 7.00 20.31 -32.11
CA GLU C 124 8.16 21.06 -32.62
C GLU C 124 7.97 22.54 -32.34
N ARG C 125 6.72 22.92 -32.13
CA ARG C 125 6.35 24.32 -31.89
C ARG C 125 6.36 24.70 -30.41
N ARG C 126 6.73 23.77 -29.54
CA ARG C 126 6.50 23.90 -28.10
C ARG C 126 4.99 23.84 -27.87
N PHE C 127 4.53 22.93 -27.00
CA PHE C 127 3.10 22.66 -26.91
C PHE C 127 2.76 21.64 -25.82
N ALA C 128 1.47 21.38 -25.67
CA ALA C 128 0.99 20.46 -24.63
C ALA C 128 0.95 19.02 -25.13
N VAL C 129 2.04 18.29 -24.92
CA VAL C 129 2.15 16.90 -25.40
C VAL C 129 0.95 16.07 -24.93
N ARG C 130 0.89 15.82 -23.62
CA ARG C 130 -0.19 15.08 -22.98
C ARG C 130 -1.61 15.55 -23.41
N ARG C 131 -1.79 16.83 -23.66
CA ARG C 131 -3.07 17.26 -24.21
C ARG C 131 -3.16 16.89 -25.68
N ALA C 132 -2.19 17.38 -26.46
CA ALA C 132 -2.17 17.23 -27.93
C ALA C 132 -2.58 15.85 -28.38
N ILE C 133 -2.10 14.86 -27.63
CA ILE C 133 -2.35 13.47 -27.96
C ILE C 133 -3.82 13.10 -27.79
N LYS C 134 -4.36 13.39 -26.61
CA LYS C 134 -5.77 13.11 -26.34
C LYS C 134 -6.65 13.85 -27.34
N GLN C 135 -6.19 15.03 -27.77
CA GLN C 135 -6.89 15.80 -28.81
C GLN C 135 -6.85 15.03 -30.10
N ALA C 136 -5.63 14.67 -30.49
CA ALA C 136 -5.37 13.97 -31.74
C ALA C 136 -6.20 12.70 -31.85
N VAL C 137 -6.43 12.03 -30.73
CA VAL C 137 -7.22 10.82 -30.76
C VAL C 137 -8.68 11.15 -30.91
N GLN C 138 -9.17 12.10 -30.13
CA GLN C 138 -10.56 12.46 -30.19
C GLN C 138 -10.97 12.82 -31.61
N ARG C 139 -10.09 13.53 -32.31
CA ARG C 139 -10.31 13.84 -33.72
C ARG C 139 -10.49 12.59 -34.57
N VAL C 140 -9.68 11.58 -34.31
CA VAL C 140 -9.74 10.34 -35.07
C VAL C 140 -10.97 9.53 -34.65
N MET C 141 -11.57 9.89 -33.53
CA MET C 141 -12.75 9.17 -33.06
C MET C 141 -14.03 9.88 -33.48
N GLU C 142 -13.97 11.21 -33.51
CA GLU C 142 -15.07 12.04 -33.98
C GLU C 142 -15.15 11.94 -35.49
N SER C 143 -14.09 11.41 -36.10
CA SER C 143 -14.09 11.18 -37.54
C SER C 143 -14.44 9.72 -37.85
N GLY C 144 -15.23 9.09 -36.99
CA GLY C 144 -15.57 7.69 -37.16
C GLY C 144 -14.55 6.82 -36.47
N ALA C 145 -14.04 5.80 -37.18
CA ALA C 145 -12.96 4.93 -36.71
C ALA C 145 -13.32 4.07 -35.49
N LYS C 146 -13.23 2.76 -35.64
CA LYS C 146 -13.60 1.86 -34.55
C LYS C 146 -12.59 1.85 -33.41
N GLY C 147 -11.61 2.75 -33.49
CA GLY C 147 -10.63 2.93 -32.44
C GLY C 147 -9.33 3.56 -32.95
N ALA C 148 -8.48 4.03 -32.04
CA ALA C 148 -7.26 4.71 -32.43
C ALA C 148 -6.32 4.94 -31.26
N LYS C 149 -5.04 5.15 -31.53
CA LYS C 149 -4.01 5.18 -30.51
C LYS C 149 -2.87 6.02 -31.01
N VAL C 150 -2.21 6.75 -30.12
CA VAL C 150 -1.12 7.65 -30.54
C VAL C 150 -0.03 7.62 -29.50
N ILE C 151 1.24 7.61 -29.89
CA ILE C 151 2.34 7.54 -28.93
C ILE C 151 3.42 8.57 -29.20
N VAL C 152 3.77 9.33 -28.17
CA VAL C 152 4.93 10.19 -28.28
C VAL C 152 5.96 9.56 -27.40
N SER C 153 7.20 9.51 -27.84
CA SER C 153 8.27 8.86 -27.10
C SER C 153 8.71 9.66 -25.88
N GLY C 154 9.95 10.15 -25.91
CA GLY C 154 10.53 10.74 -24.72
C GLY C 154 11.28 12.03 -24.93
N ARG C 155 11.63 12.66 -23.81
CA ARG C 155 12.09 14.05 -23.73
C ARG C 155 10.87 14.95 -23.89
N ILE C 156 9.74 14.40 -23.49
CA ILE C 156 8.45 15.08 -23.42
C ILE C 156 8.52 16.36 -22.59
N GLY C 157 8.01 17.43 -23.16
CA GLY C 157 7.97 18.71 -22.46
C GLY C 157 9.37 19.24 -22.27
N GLY C 158 10.23 18.90 -23.21
CA GLY C 158 11.62 19.31 -23.17
C GLY C 158 12.34 18.81 -21.93
N ALA C 159 11.81 17.73 -21.33
CA ALA C 159 12.23 17.28 -20.01
C ALA C 159 13.71 16.91 -19.84
N GLU C 160 13.96 15.85 -19.09
CA GLU C 160 15.32 15.43 -18.83
C GLU C 160 15.43 13.94 -18.94
N GLN C 161 14.45 13.27 -18.35
CA GLN C 161 14.41 11.82 -18.36
C GLN C 161 13.29 11.41 -19.28
N ALA C 162 13.66 10.93 -20.47
CA ALA C 162 12.73 10.54 -21.52
C ALA C 162 11.53 9.76 -20.98
N ARG C 163 10.36 9.99 -21.58
CA ARG C 163 9.14 9.38 -21.09
C ARG C 163 8.54 8.65 -22.25
N THR C 164 7.24 8.37 -22.16
CA THR C 164 6.47 7.81 -23.25
C THR C 164 5.03 8.13 -22.92
N GLU C 165 4.38 8.89 -23.81
CA GLU C 165 3.00 9.25 -23.58
C GLU C 165 2.03 8.50 -24.50
N TRP C 166 0.86 8.25 -23.96
CA TRP C 166 -0.02 7.22 -24.44
C TRP C 166 -1.24 7.79 -25.13
N ALA C 167 -2.41 7.46 -24.59
CA ALA C 167 -3.74 7.81 -25.13
C ALA C 167 -4.23 6.93 -26.27
N ALA C 168 -5.34 6.25 -26.02
CA ALA C 168 -5.91 5.35 -27.02
C ALA C 168 -7.35 5.07 -26.70
N GLN C 169 -8.22 5.15 -27.69
CA GLN C 169 -9.64 4.88 -27.50
C GLN C 169 -10.14 3.81 -28.47
N GLY C 170 -11.36 3.30 -28.24
CA GLY C 170 -11.92 2.24 -29.06
C GLY C 170 -11.00 1.03 -29.08
N ARG C 171 -11.13 0.19 -30.11
CA ARG C 171 -10.27 -0.98 -30.25
C ARG C 171 -9.12 -0.72 -31.17
N VAL C 172 -7.94 -1.19 -30.81
CA VAL C 172 -6.79 -1.23 -31.70
C VAL C 172 -6.20 -2.64 -31.58
N PRO C 173 -6.74 -3.59 -32.37
CA PRO C 173 -6.49 -5.04 -32.33
C PRO C 173 -5.22 -5.46 -33.05
N LEU C 174 -4.09 -5.12 -32.42
CA LEU C 174 -2.79 -5.17 -33.07
C LEU C 174 -2.37 -6.59 -33.47
N HIS C 175 -2.98 -7.59 -32.84
CA HIS C 175 -2.58 -8.96 -33.10
C HIS C 175 -3.38 -9.64 -34.22
N THR C 176 -4.43 -8.98 -34.71
CA THR C 176 -5.26 -9.63 -35.71
C THR C 176 -5.00 -9.14 -37.14
N LEU C 177 -4.87 -10.09 -38.07
CA LEU C 177 -4.53 -9.80 -39.45
C LEU C 177 -5.73 -9.29 -40.23
N ARG C 178 -6.93 -9.64 -39.76
CA ARG C 178 -8.19 -9.16 -40.32
C ARG C 178 -8.45 -7.76 -39.80
N ALA C 179 -7.44 -6.89 -39.87
CA ALA C 179 -7.46 -5.64 -39.12
C ALA C 179 -7.86 -4.45 -39.96
N ASN C 180 -6.85 -3.84 -40.58
CA ASN C 180 -6.93 -2.53 -41.26
C ASN C 180 -6.72 -1.40 -40.28
N ILE C 181 -5.45 -1.13 -40.06
CA ILE C 181 -5.01 -0.30 -38.98
C ILE C 181 -3.88 0.54 -39.53
N ASP C 182 -4.19 1.73 -40.01
CA ASP C 182 -3.15 2.57 -40.58
C ASP C 182 -2.13 2.86 -39.51
N TYR C 183 -0.91 3.04 -39.94
CA TYR C 183 0.16 3.34 -39.03
C TYR C 183 1.00 4.38 -39.70
N GLY C 184 1.29 5.44 -38.97
CA GLY C 184 2.16 6.49 -39.46
C GLY C 184 3.11 6.88 -38.37
N PHE C 185 4.31 7.26 -38.77
CA PHE C 185 5.30 7.75 -37.84
C PHE C 185 5.83 9.10 -38.28
N ALA C 186 5.90 10.02 -37.32
CA ALA C 186 6.45 11.32 -37.60
C ALA C 186 7.62 11.58 -36.66
N LEU C 187 8.68 12.12 -37.22
CA LEU C 187 9.75 12.64 -36.39
C LEU C 187 9.27 13.95 -35.83
N ALA C 188 9.95 14.45 -34.81
CA ALA C 188 9.63 15.75 -34.26
C ALA C 188 10.93 16.36 -33.80
N ARG C 189 11.73 16.85 -34.73
CA ARG C 189 12.99 17.48 -34.38
C ARG C 189 12.71 18.68 -33.50
N THR C 190 13.17 18.66 -32.26
CA THR C 190 13.01 19.83 -31.40
C THR C 190 14.34 20.51 -31.07
N THR C 191 14.30 21.43 -30.12
CA THR C 191 15.46 22.25 -29.74
C THR C 191 16.49 21.41 -29.03
N TYR C 192 16.05 20.25 -28.56
CA TYR C 192 16.75 19.47 -27.57
C TYR C 192 16.75 17.99 -27.94
N GLY C 193 16.62 17.69 -29.22
CA GLY C 193 16.61 16.32 -29.67
C GLY C 193 15.29 15.93 -30.29
N VAL C 194 15.26 14.71 -30.84
CA VAL C 194 14.09 14.23 -31.57
C VAL C 194 13.06 13.62 -30.63
N LEU C 195 11.85 13.44 -31.15
CA LEU C 195 10.80 12.76 -30.39
C LEU C 195 9.95 12.02 -31.36
N GLY C 196 9.85 10.71 -31.17
CA GLY C 196 9.11 9.89 -32.11
C GLY C 196 7.62 9.96 -31.86
N VAL C 197 6.84 10.07 -32.93
CA VAL C 197 5.40 10.06 -32.78
C VAL C 197 4.76 8.98 -33.62
N LYS C 198 4.18 7.99 -32.95
CA LYS C 198 3.45 6.92 -33.63
C LYS C 198 1.94 7.13 -33.54
N ALA C 199 1.24 6.79 -34.61
CA ALA C 199 -0.21 6.87 -34.60
C ALA C 199 -0.81 5.60 -35.15
N TYR C 200 -1.86 5.11 -34.50
CA TYR C 200 -2.57 3.91 -34.94
C TYR C 200 -4.05 4.24 -35.11
N ILE C 201 -4.70 3.67 -36.12
CA ILE C 201 -6.11 3.93 -36.35
C ILE C 201 -6.81 2.70 -36.85
N PHE C 202 -7.63 2.10 -36.01
CA PHE C 202 -8.39 0.92 -36.39
C PHE C 202 -9.70 1.37 -37.03
N LEU C 203 -10.00 0.79 -38.19
CA LEU C 203 -11.22 1.12 -38.91
C LEU C 203 -11.85 -0.09 -39.60
N GLY C 204 -12.58 -0.90 -38.83
CA GLY C 204 -13.35 -2.01 -39.38
C GLY C 204 -12.63 -3.34 -39.42
N GLU C 205 -13.38 -4.43 -39.42
CA GLU C 205 -12.81 -5.77 -39.55
C GLU C 205 -12.61 -6.16 -41.02
N VAL C 206 -13.13 -7.33 -41.42
CA VAL C 206 -12.85 -7.98 -42.72
C VAL C 206 -12.63 -7.04 -43.90
N GLY D 1 5.29 62.10 -8.42
CA GLY D 1 4.81 61.94 -7.05
C GLY D 1 5.62 60.93 -6.26
N ARG D 2 4.94 59.93 -5.70
CA ARG D 2 5.61 58.82 -5.00
C ARG D 2 5.71 57.62 -5.97
N TYR D 3 6.38 56.55 -5.52
CA TYR D 3 6.86 55.50 -6.40
C TYR D 3 7.87 56.02 -7.44
N ILE D 4 7.55 57.14 -8.09
CA ILE D 4 8.36 57.75 -9.16
C ILE D 4 9.18 56.81 -10.04
N GLY D 5 8.48 56.10 -10.92
CA GLY D 5 9.13 55.23 -11.87
C GLY D 5 8.23 55.11 -13.08
N PRO D 6 8.47 54.06 -13.90
CA PRO D 6 7.58 53.75 -15.01
C PRO D 6 6.23 53.30 -14.47
N VAL D 7 5.20 54.07 -14.80
CA VAL D 7 3.86 53.84 -14.30
C VAL D 7 3.13 52.84 -15.18
N CYS D 8 3.33 52.95 -16.50
CA CYS D 8 2.59 52.09 -17.42
C CYS D 8 3.06 50.62 -17.38
N ARG D 9 4.25 50.36 -16.85
CA ARG D 9 4.63 48.97 -16.57
C ARG D 9 3.84 48.39 -15.39
N LEU D 10 3.03 49.24 -14.74
CA LEU D 10 2.13 48.81 -13.66
C LEU D 10 0.74 48.56 -14.23
N CYS D 11 0.30 49.46 -15.12
CA CYS D 11 -0.88 49.20 -15.93
C CYS D 11 -0.69 47.73 -16.39
N ARG D 12 0.43 47.48 -17.05
CA ARG D 12 0.74 46.18 -17.65
C ARG D 12 0.97 45.01 -16.70
N ARG D 13 1.07 45.27 -15.40
CA ARG D 13 1.20 44.18 -14.43
C ARG D 13 -0.16 43.82 -13.86
N GLU D 14 -1.04 44.81 -13.75
CA GLU D 14 -2.37 44.53 -13.21
C GLU D 14 -3.32 44.10 -14.31
N GLY D 15 -2.85 44.12 -15.55
CA GLY D 15 -3.67 43.76 -16.70
C GLY D 15 -4.90 44.65 -16.84
N VAL D 16 -4.80 45.87 -16.32
CA VAL D 16 -5.92 46.79 -16.25
C VAL D 16 -5.44 48.17 -16.64
N LYS D 17 -6.23 48.86 -17.44
CA LYS D 17 -6.02 50.28 -17.65
C LYS D 17 -6.16 50.96 -16.29
N LEU D 18 -5.04 51.44 -15.75
CA LEU D 18 -5.03 52.08 -14.43
C LEU D 18 -5.10 53.60 -14.50
N TYR D 19 -4.75 54.15 -15.66
CA TYR D 19 -4.70 55.61 -15.86
C TYR D 19 -3.87 56.28 -14.75
N LEU D 20 -2.58 55.99 -14.69
CA LEU D 20 -1.68 56.62 -13.70
C LEU D 20 -1.03 57.85 -14.30
N LYS D 21 -1.69 58.39 -15.33
CA LYS D 21 -1.10 59.40 -16.21
C LYS D 21 -2.17 60.29 -16.84
N GLY D 22 -3.43 59.87 -16.79
CA GLY D 22 -4.50 60.69 -17.31
C GLY D 22 -4.57 60.83 -18.82
N GLU D 23 -3.97 61.90 -19.35
CA GLU D 23 -4.11 62.26 -20.77
C GLU D 23 -3.77 61.18 -21.80
N ARG D 24 -2.49 60.89 -21.94
CA ARG D 24 -1.95 59.90 -22.88
C ARG D 24 -2.60 58.50 -22.74
N CYS D 25 -3.15 58.22 -21.56
CA CYS D 25 -3.79 56.93 -21.26
C CYS D 25 -5.10 56.76 -22.10
N TYR D 26 -5.59 57.88 -22.66
CA TYR D 26 -6.78 57.90 -23.49
C TYR D 26 -6.42 57.79 -24.97
N SER D 27 -5.13 57.96 -25.26
CA SER D 27 -4.60 57.81 -26.61
C SER D 27 -4.59 56.34 -27.02
N PRO D 28 -4.05 56.05 -28.22
CA PRO D 28 -3.65 54.66 -28.46
C PRO D 28 -2.32 54.32 -27.77
N LYS D 29 -2.25 54.42 -26.42
CA LYS D 29 -1.15 53.83 -25.62
C LYS D 29 -1.56 53.24 -24.25
N CYS D 30 -1.64 54.09 -23.21
CA CYS D 30 -1.64 53.72 -21.76
C CYS D 30 -0.73 52.53 -21.41
N ALA D 31 0.08 52.16 -22.40
CA ALA D 31 0.76 50.88 -22.56
C ALA D 31 -0.18 49.72 -22.93
N MET D 32 -1.40 49.74 -22.41
CA MET D 32 -2.24 48.54 -22.43
C MET D 32 -2.63 48.15 -23.84
N GLU D 33 -3.52 48.92 -24.45
CA GLU D 33 -3.79 48.78 -25.88
C GLU D 33 -2.45 48.84 -26.58
N ARG D 34 -2.22 47.90 -27.50
CA ARG D 34 -0.90 47.64 -28.07
C ARG D 34 0.06 47.23 -26.95
N ARG D 35 0.23 45.92 -26.78
CA ARG D 35 1.20 45.28 -25.85
C ARG D 35 0.73 44.94 -24.38
N PRO D 36 -0.52 44.48 -24.21
CA PRO D 36 -1.22 44.50 -22.93
C PRO D 36 -0.81 43.37 -22.01
N TYR D 37 0.42 42.89 -22.14
CA TYR D 37 0.87 41.79 -21.33
C TYR D 37 1.81 42.30 -20.26
N PRO D 38 2.22 41.43 -19.31
CA PRO D 38 3.17 41.89 -18.29
C PRO D 38 4.56 42.34 -18.79
N PRO D 39 5.17 43.30 -18.07
CA PRO D 39 6.53 43.78 -18.32
C PRO D 39 7.53 42.69 -17.98
N GLY D 40 8.73 42.78 -18.53
CA GLY D 40 9.74 41.77 -18.29
C GLY D 40 9.87 40.78 -19.43
N GLN D 41 11.08 40.24 -19.60
CA GLN D 41 11.37 39.26 -20.64
C GLN D 41 10.36 38.09 -20.69
N HIS D 42 9.65 37.87 -19.59
CA HIS D 42 8.80 36.70 -19.50
C HIS D 42 7.33 36.94 -19.71
N GLY D 43 6.90 38.18 -19.49
CA GLY D 43 5.48 38.48 -19.52
C GLY D 43 4.76 38.25 -20.83
N GLN D 44 4.97 37.10 -21.45
CA GLN D 44 4.24 36.77 -22.64
C GLN D 44 4.21 35.26 -22.82
N LYS D 45 4.46 34.54 -21.73
CA LYS D 45 4.31 33.08 -21.74
C LYS D 45 3.03 32.72 -20.98
N ARG D 46 2.48 31.52 -21.22
CA ARG D 46 1.18 31.15 -20.67
C ARG D 46 1.15 31.24 -19.14
N ALA D 47 0.28 32.10 -18.63
CA ALA D 47 0.26 32.46 -17.21
C ALA D 47 -0.28 31.35 -16.32
N ARG D 48 0.53 30.96 -15.34
CA ARG D 48 0.18 29.90 -14.39
C ARG D 48 -0.92 30.38 -13.46
N ARG D 49 -1.68 29.45 -12.91
CA ARG D 49 -2.78 29.81 -12.01
C ARG D 49 -2.26 30.51 -10.78
N PRO D 50 -2.68 31.78 -10.59
CA PRO D 50 -2.33 32.53 -9.37
C PRO D 50 -2.77 31.81 -8.09
N SER D 51 -1.86 31.70 -7.13
CA SER D 51 -2.20 31.15 -5.82
C SER D 51 -3.24 32.02 -5.18
N ASP D 52 -4.00 31.44 -4.25
CA ASP D 52 -5.03 32.16 -3.53
C ASP D 52 -4.51 33.52 -3.03
N TYR D 53 -3.24 33.52 -2.65
CA TYR D 53 -2.59 34.67 -2.04
C TYR D 53 -2.29 35.77 -3.05
N ALA D 54 -1.60 35.40 -4.13
CA ALA D 54 -1.28 36.31 -5.25
C ALA D 54 -2.50 37.09 -5.68
N VAL D 55 -3.60 36.36 -5.84
CA VAL D 55 -4.87 36.95 -6.22
C VAL D 55 -5.26 38.10 -5.29
N ARG D 56 -5.14 37.88 -3.98
CA ARG D 56 -5.56 38.88 -3.01
C ARG D 56 -4.50 39.96 -2.87
N LEU D 57 -3.28 39.60 -3.20
CA LEU D 57 -2.13 40.51 -3.15
C LEU D 57 -2.17 41.47 -4.33
N ARG D 58 -2.24 40.90 -5.52
CA ARG D 58 -2.26 41.68 -6.74
C ARG D 58 -3.40 42.65 -6.74
N GLU D 59 -4.45 42.34 -5.99
CA GLU D 59 -5.63 43.16 -5.96
C GLU D 59 -5.42 44.40 -5.09
N LYS D 60 -4.64 44.24 -4.04
CA LYS D 60 -4.32 45.37 -3.18
C LYS D 60 -3.44 46.32 -3.94
N GLN D 61 -2.37 45.77 -4.53
CA GLN D 61 -1.48 46.54 -5.39
C GLN D 61 -2.25 47.33 -6.44
N LYS D 62 -3.28 46.73 -7.01
CA LYS D 62 -4.06 47.43 -8.00
C LYS D 62 -4.72 48.68 -7.38
N LEU D 63 -5.12 48.59 -6.11
CA LEU D 63 -5.84 49.69 -5.48
C LEU D 63 -4.86 50.75 -5.00
N ARG D 64 -3.77 50.29 -4.38
CA ARG D 64 -2.78 51.20 -3.83
C ARG D 64 -2.02 51.93 -4.93
N ARG D 65 -1.67 51.22 -6.00
CA ARG D 65 -0.90 51.84 -7.07
C ARG D 65 -1.71 52.84 -7.87
N ILE D 66 -3.02 52.78 -7.74
CA ILE D 66 -3.86 53.83 -8.29
C ILE D 66 -3.61 55.14 -7.55
N TYR D 67 -3.91 55.14 -6.26
CA TYR D 67 -3.86 56.37 -5.50
C TYR D 67 -2.44 56.83 -5.21
N GLY D 68 -1.45 56.04 -5.63
CA GLY D 68 -0.06 56.39 -5.43
C GLY D 68 0.22 56.70 -3.99
N ILE D 69 0.52 55.68 -3.21
CA ILE D 69 0.62 55.84 -1.77
C ILE D 69 1.48 54.74 -1.16
N SER D 70 2.30 55.10 -0.19
CA SER D 70 3.17 54.10 0.44
C SER D 70 2.30 53.08 1.14
N GLU D 71 2.79 51.84 1.17
CA GLU D 71 2.13 50.78 1.91
C GLU D 71 2.00 51.16 3.37
N ARG D 72 2.99 51.89 3.89
CA ARG D 72 2.97 52.37 5.26
C ARG D 72 1.79 53.30 5.48
N GLN D 73 1.45 54.04 4.44
CA GLN D 73 0.39 55.05 4.54
C GLN D 73 -0.96 54.48 4.12
N PHE D 74 -0.92 53.46 3.27
CA PHE D 74 -2.09 52.71 2.85
C PHE D 74 -2.64 51.98 4.06
N ARG D 75 -1.81 51.11 4.63
CA ARG D 75 -2.25 50.26 5.72
C ARG D 75 -2.73 51.04 6.92
N ASN D 76 -2.06 52.14 7.20
CA ASN D 76 -2.46 53.05 8.26
C ASN D 76 -3.90 53.51 8.07
N LEU D 77 -4.30 53.69 6.81
CA LEU D 77 -5.65 54.10 6.47
C LEU D 77 -6.58 52.94 6.65
N PHE D 78 -6.21 51.79 6.10
CA PHE D 78 -7.02 50.59 6.23
C PHE D 78 -7.27 50.20 7.68
N GLU D 79 -6.26 50.29 8.52
CA GLU D 79 -6.44 49.92 9.90
C GLU D 79 -7.40 50.88 10.56
N GLU D 80 -7.27 52.15 10.22
CA GLU D 80 -8.16 53.15 10.77
C GLU D 80 -9.58 52.86 10.31
N ALA D 81 -9.71 52.61 9.02
CA ALA D 81 -11.00 52.31 8.43
C ALA D 81 -11.53 51.02 9.04
N SER D 82 -10.63 50.15 9.47
CA SER D 82 -11.08 48.91 10.09
C SER D 82 -11.71 49.17 11.46
N LYS D 83 -10.92 49.70 12.38
CA LYS D 83 -11.40 50.11 13.69
C LYS D 83 -12.71 50.87 13.60
N LYS D 84 -12.82 51.73 12.59
CA LYS D 84 -14.00 52.55 12.40
C LYS D 84 -15.32 51.75 12.22
N LYS D 85 -16.44 52.46 12.43
CA LYS D 85 -17.80 51.90 12.37
C LYS D 85 -18.37 51.95 10.96
N GLY D 86 -18.93 50.81 10.52
CA GLY D 86 -19.47 50.68 9.17
C GLY D 86 -18.75 49.61 8.38
N VAL D 87 -19.21 49.36 7.16
CA VAL D 87 -18.60 48.36 6.29
C VAL D 87 -17.16 48.77 6.01
N THR D 88 -16.29 48.21 6.83
CA THR D 88 -14.89 48.59 6.87
C THR D 88 -14.19 48.64 5.51
N GLY D 89 -14.67 47.85 4.55
CA GLY D 89 -14.20 47.99 3.18
C GLY D 89 -14.52 49.31 2.49
N SER D 90 -15.79 49.68 2.46
CA SER D 90 -16.16 50.89 1.73
C SER D 90 -15.72 52.15 2.47
N VAL D 91 -15.59 52.07 3.80
CA VAL D 91 -15.05 53.18 4.58
C VAL D 91 -13.61 53.45 4.17
N PHE D 92 -12.86 52.38 3.92
CA PHE D 92 -11.52 52.48 3.33
C PHE D 92 -11.55 53.30 2.05
N LEU D 93 -12.36 52.87 1.08
CA LEU D 93 -12.47 53.61 -0.17
C LEU D 93 -12.80 55.05 0.11
N GLY D 94 -13.72 55.27 1.05
CA GLY D 94 -14.12 56.62 1.43
C GLY D 94 -12.94 57.44 1.91
N LEU D 95 -12.05 56.76 2.63
CA LEU D 95 -10.87 57.41 3.18
C LEU D 95 -9.82 57.79 2.14
N LEU D 96 -9.47 56.87 1.24
CA LEU D 96 -8.55 57.16 0.14
C LEU D 96 -9.07 58.31 -0.70
N GLU D 97 -10.38 58.38 -0.83
CA GLU D 97 -11.02 59.29 -1.76
C GLU D 97 -11.19 60.64 -1.08
N SER D 98 -11.01 60.65 0.23
CA SER D 98 -11.12 61.85 1.02
C SER D 98 -9.79 62.64 1.05
N ARG D 99 -8.74 62.02 0.50
CA ARG D 99 -7.42 62.64 0.43
C ARG D 99 -7.41 63.86 -0.47
N LEU D 100 -6.76 64.93 -0.03
CA LEU D 100 -6.69 66.14 -0.81
C LEU D 100 -5.98 65.92 -2.14
N ASP D 101 -4.88 65.18 -2.12
CA ASP D 101 -4.12 64.93 -3.34
C ASP D 101 -5.01 64.31 -4.42
N ASN D 102 -6.02 63.56 -3.99
CA ASN D 102 -6.90 62.87 -4.90
C ASN D 102 -8.09 63.73 -5.30
N VAL D 103 -8.61 64.51 -4.34
CA VAL D 103 -9.75 65.39 -4.60
C VAL D 103 -9.44 66.45 -5.63
N VAL D 104 -8.18 66.90 -5.64
CA VAL D 104 -7.70 67.82 -6.66
C VAL D 104 -7.77 67.18 -8.05
N TYR D 105 -7.48 65.89 -8.12
CA TYR D 105 -7.56 65.14 -9.37
C TYR D 105 -9.01 64.96 -9.78
N ARG D 106 -9.84 64.62 -8.81
CA ARG D 106 -11.26 64.42 -9.07
C ARG D 106 -11.90 65.69 -9.65
N LEU D 107 -11.58 66.84 -9.09
CA LEU D 107 -12.10 68.12 -9.60
C LEU D 107 -11.34 68.61 -10.82
N GLY D 108 -10.62 67.69 -11.46
CA GLY D 108 -9.88 67.95 -12.69
C GLY D 108 -8.99 69.18 -12.73
N PHE D 109 -8.28 69.47 -11.65
CA PHE D 109 -7.29 70.55 -11.69
C PHE D 109 -6.03 69.98 -12.29
N ALA D 110 -5.68 68.79 -11.82
CA ALA D 110 -4.63 68.04 -12.47
C ALA D 110 -5.31 67.00 -13.32
N VAL D 111 -4.58 66.53 -14.33
CA VAL D 111 -5.08 65.53 -15.24
C VAL D 111 -4.72 64.13 -14.72
N SER D 112 -3.74 64.08 -13.82
CA SER D 112 -3.43 62.85 -13.12
C SER D 112 -3.45 63.13 -11.63
N ARG D 113 -3.06 62.11 -10.86
CA ARG D 113 -2.94 62.24 -9.41
C ARG D 113 -1.50 62.57 -9.07
N ARG D 114 -0.57 61.99 -9.81
CA ARG D 114 0.83 62.36 -9.71
C ARG D 114 0.97 63.85 -9.94
N GLN D 115 0.26 64.36 -10.94
CA GLN D 115 0.27 65.80 -11.17
C GLN D 115 -0.44 66.55 -10.03
N ALA D 116 -1.51 65.96 -9.50
CA ALA D 116 -2.27 66.60 -8.42
C ALA D 116 -1.50 66.59 -7.14
N ARG D 117 -0.63 65.59 -6.98
CA ARG D 117 0.20 65.55 -5.78
C ARG D 117 1.12 66.76 -5.76
N GLN D 118 1.78 67.01 -6.88
CA GLN D 118 2.74 68.10 -6.97
C GLN D 118 2.05 69.46 -6.88
N LEU D 119 0.87 69.57 -7.45
CA LEU D 119 0.13 70.81 -7.44
C LEU D 119 -0.12 71.27 -6.02
N VAL D 120 -0.19 70.31 -5.10
CA VAL D 120 -0.43 70.62 -3.71
C VAL D 120 0.89 70.93 -3.01
N ARG D 121 1.89 70.09 -3.24
CA ARG D 121 3.19 70.16 -2.57
C ARG D 121 3.91 71.45 -2.90
N HIS D 122 3.54 72.05 -4.03
CA HIS D 122 4.12 73.29 -4.51
C HIS D 122 3.17 74.43 -4.20
N GLY D 123 2.09 74.14 -3.49
CA GLY D 123 1.26 75.16 -2.88
C GLY D 123 0.16 75.86 -3.68
N HIS D 124 -0.17 75.31 -4.85
CA HIS D 124 -1.14 75.92 -5.77
C HIS D 124 -2.58 75.64 -5.35
N ILE D 125 -2.73 74.82 -4.32
CA ILE D 125 -4.06 74.40 -3.90
C ILE D 125 -4.37 74.91 -2.52
N THR D 126 -5.60 75.40 -2.34
CA THR D 126 -6.04 75.93 -1.08
C THR D 126 -7.30 75.24 -0.60
N VAL D 127 -7.40 75.10 0.72
CA VAL D 127 -8.57 74.52 1.36
C VAL D 127 -9.20 75.57 2.26
N ASN D 128 -10.48 75.83 2.05
CA ASN D 128 -11.21 76.81 2.82
C ASN D 128 -10.59 78.19 2.76
N GLY D 129 -9.80 78.43 1.71
CA GLY D 129 -9.16 79.73 1.53
C GLY D 129 -7.81 79.81 2.20
N ARG D 130 -7.50 78.86 3.07
CA ARG D 130 -6.16 78.76 3.58
C ARG D 130 -5.45 77.82 2.65
N ARG D 131 -4.13 77.94 2.56
CA ARG D 131 -3.34 77.01 1.76
C ARG D 131 -3.00 75.69 2.50
N VAL D 132 -2.98 74.59 1.77
CA VAL D 132 -2.54 73.29 2.29
C VAL D 132 -1.56 72.64 1.30
N ASP D 133 -0.35 72.34 1.74
CA ASP D 133 0.64 71.75 0.83
C ASP D 133 0.93 70.28 1.16
N LEU D 134 -0.07 69.61 1.72
CA LEU D 134 0.03 68.20 2.10
C LEU D 134 -0.93 67.34 1.31
N PRO D 135 -0.42 66.40 0.53
CA PRO D 135 -1.25 65.47 -0.24
C PRO D 135 -2.16 64.66 0.67
N SER D 136 -1.72 64.48 1.91
CA SER D 136 -2.37 63.66 2.92
C SER D 136 -3.65 64.23 3.45
N TYR D 137 -3.71 65.57 3.50
CA TYR D 137 -4.74 66.28 4.22
C TYR D 137 -6.08 65.64 3.94
N ARG D 138 -6.84 65.38 5.00
CA ARG D 138 -8.16 64.78 4.86
C ARG D 138 -9.23 65.83 4.63
N VAL D 139 -9.80 65.85 3.44
CA VAL D 139 -10.89 66.77 3.14
C VAL D 139 -12.10 66.26 3.89
N ARG D 140 -12.80 67.16 4.59
CA ARG D 140 -14.01 66.79 5.30
C ARG D 140 -15.21 67.30 4.52
N PRO D 141 -16.43 67.02 4.97
CA PRO D 141 -17.49 67.49 4.07
C PRO D 141 -17.93 68.92 4.40
N GLY D 142 -18.05 69.74 3.36
CA GLY D 142 -18.40 71.13 3.51
C GLY D 142 -17.25 72.02 3.10
N ASP D 143 -16.08 71.40 2.94
CA ASP D 143 -14.85 72.12 2.61
C ASP D 143 -14.82 72.54 1.14
N GLU D 144 -14.23 73.70 0.85
CA GLU D 144 -14.09 74.15 -0.53
C GLU D 144 -12.64 74.13 -0.95
N ILE D 145 -12.36 73.48 -2.08
CA ILE D 145 -10.99 73.31 -2.56
C ILE D 145 -10.71 74.28 -3.71
N ALA D 146 -10.05 75.38 -3.40
CA ALA D 146 -9.78 76.42 -4.39
C ALA D 146 -8.44 76.21 -5.08
N VAL D 147 -8.26 76.81 -6.24
CA VAL D 147 -6.93 76.99 -6.80
C VAL D 147 -6.40 78.33 -6.28
N ALA D 148 -5.18 78.32 -5.74
CA ALA D 148 -4.54 79.48 -5.09
C ALA D 148 -4.73 80.77 -5.87
N GLU D 149 -5.09 81.84 -5.16
CA GLU D 149 -5.37 83.11 -5.81
C GLU D 149 -4.25 83.54 -6.75
N LYS D 150 -3.03 83.48 -6.27
CA LYS D 150 -1.87 83.93 -7.03
C LYS D 150 -1.27 82.83 -7.93
N SER D 151 -2.02 81.77 -8.16
CA SER D 151 -1.57 80.68 -9.06
C SER D 151 -2.48 80.61 -10.26
N ARG D 152 -3.48 81.49 -10.29
CA ARG D 152 -4.63 81.30 -11.15
C ARG D 152 -4.33 81.41 -12.64
N ASN D 153 -3.55 82.41 -13.02
CA ASN D 153 -3.29 82.62 -14.44
C ASN D 153 -2.13 81.77 -14.95
N LEU D 154 -1.85 80.68 -14.23
CA LEU D 154 -0.74 79.79 -14.58
C LEU D 154 -1.05 78.84 -15.76
N GLU D 155 -0.05 78.60 -16.60
CA GLU D 155 -0.21 77.83 -17.84
C GLU D 155 -0.83 76.44 -17.66
N LEU D 156 -0.20 75.61 -16.82
CA LEU D 156 -0.68 74.24 -16.53
C LEU D 156 -2.11 74.23 -16.03
N ILE D 157 -2.49 75.29 -15.33
CA ILE D 157 -3.81 75.39 -14.75
C ILE D 157 -4.86 75.88 -15.75
N ARG D 158 -4.45 76.79 -16.63
CA ARG D 158 -5.36 77.35 -17.64
C ARG D 158 -5.87 76.27 -18.58
N GLN D 159 -4.97 75.59 -19.26
CA GLN D 159 -5.34 74.52 -20.16
C GLN D 159 -6.21 73.51 -19.43
N ASN D 160 -5.77 73.16 -18.22
CA ASN D 160 -6.45 72.15 -17.41
C ASN D 160 -7.90 72.51 -17.05
N LEU D 161 -8.25 73.78 -17.07
CA LEU D 161 -9.62 74.14 -16.70
C LEU D 161 -10.50 74.62 -17.85
N GLU D 162 -9.90 74.97 -18.98
CA GLU D 162 -10.70 75.27 -20.16
C GLU D 162 -11.11 73.93 -20.73
N ALA D 163 -10.40 72.89 -20.30
CA ALA D 163 -10.76 71.52 -20.65
C ALA D 163 -11.87 71.02 -19.73
N MET D 164 -12.00 71.64 -18.56
CA MET D 164 -12.97 71.19 -17.59
C MET D 164 -14.31 71.82 -17.85
N LYS D 165 -14.30 72.92 -18.61
CA LYS D 165 -15.53 73.57 -19.03
C LYS D 165 -16.34 72.60 -19.86
N GLY D 166 -17.53 72.27 -19.35
CA GLY D 166 -18.44 71.39 -20.05
C GLY D 166 -18.26 69.92 -19.74
N ARG D 167 -17.50 69.61 -18.68
CA ARG D 167 -17.33 68.22 -18.23
C ARG D 167 -17.94 68.01 -16.85
N LYS D 168 -18.44 66.79 -16.61
CA LYS D 168 -19.11 66.47 -15.37
C LYS D 168 -18.16 65.94 -14.30
N VAL D 169 -18.36 66.42 -13.08
CA VAL D 169 -17.57 65.98 -11.94
C VAL D 169 -18.49 65.23 -10.98
N GLY D 170 -17.98 64.11 -10.46
CA GLY D 170 -18.68 63.24 -9.53
C GLY D 170 -19.84 63.78 -8.70
N PRO D 171 -20.81 62.90 -8.41
CA PRO D 171 -22.04 63.26 -7.70
C PRO D 171 -21.81 63.63 -6.25
N TRP D 172 -20.58 63.52 -5.77
CA TRP D 172 -20.23 63.92 -4.41
C TRP D 172 -19.34 65.17 -4.39
N LEU D 173 -19.12 65.72 -5.57
CA LEU D 173 -18.34 66.94 -5.72
C LEU D 173 -19.13 68.02 -6.43
N SER D 174 -19.03 69.23 -5.91
CA SER D 174 -19.43 70.43 -6.64
C SER D 174 -18.18 70.93 -7.35
N LEU D 175 -18.32 71.97 -8.17
CA LEU D 175 -17.22 72.55 -8.94
C LEU D 175 -17.79 73.71 -9.72
N ASP D 176 -17.19 74.88 -9.57
CA ASP D 176 -17.44 75.93 -10.56
C ASP D 176 -16.12 76.36 -11.20
N VAL D 177 -16.10 76.38 -12.52
CA VAL D 177 -14.95 76.88 -13.25
C VAL D 177 -14.99 78.41 -13.22
N GLU D 178 -13.94 79.06 -13.74
CA GLU D 178 -13.75 80.51 -13.65
C GLU D 178 -13.45 80.97 -12.22
N GLY D 179 -14.08 80.33 -11.25
CA GLY D 179 -13.81 80.58 -9.84
C GLY D 179 -12.74 79.66 -9.29
N MET D 180 -12.35 78.66 -10.09
CA MET D 180 -11.29 77.71 -9.73
C MET D 180 -11.57 77.05 -8.39
N LYS D 181 -12.84 76.74 -8.16
CA LYS D 181 -13.33 76.34 -6.86
C LYS D 181 -14.17 75.04 -6.93
N GLY D 182 -13.85 74.08 -6.08
CA GLY D 182 -14.66 72.89 -5.92
C GLY D 182 -15.45 72.92 -4.62
N LYS D 183 -15.77 71.74 -4.10
CA LYS D 183 -16.57 71.61 -2.88
C LYS D 183 -16.77 70.13 -2.60
N PHE D 184 -16.35 69.68 -1.42
CA PHE D 184 -16.52 68.28 -1.05
C PHE D 184 -17.87 68.09 -0.37
N LEU D 185 -18.87 67.69 -1.17
CA LEU D 185 -20.25 67.55 -0.71
C LEU D 185 -20.39 66.38 0.27
N ARG D 186 -19.92 65.22 -0.15
CA ARG D 186 -20.03 64.06 0.72
C ARG D 186 -18.99 62.99 0.42
N LEU D 187 -18.66 62.20 1.44
CA LEU D 187 -17.92 60.98 1.25
C LEU D 187 -18.69 60.11 0.27
N PRO D 188 -18.06 59.77 -0.86
CA PRO D 188 -18.68 58.87 -1.84
C PRO D 188 -19.01 57.53 -1.20
N ASP D 189 -20.04 56.89 -1.73
CA ASP D 189 -20.47 55.57 -1.28
C ASP D 189 -19.97 54.57 -2.31
N ARG D 190 -19.87 53.31 -1.92
CA ARG D 190 -19.19 52.29 -2.71
C ARG D 190 -19.55 52.26 -4.19
N GLU D 191 -20.81 52.49 -4.53
CA GLU D 191 -21.19 52.42 -5.93
C GLU D 191 -20.93 53.73 -6.68
N ASP D 192 -20.48 54.73 -5.96
CA ASP D 192 -20.15 56.01 -6.58
C ASP D 192 -18.83 56.01 -7.35
N LEU D 193 -17.87 55.24 -6.87
CA LEU D 193 -16.60 55.07 -7.58
C LEU D 193 -16.72 53.88 -8.52
N ALA D 194 -15.96 53.92 -9.62
CA ALA D 194 -15.93 52.79 -10.55
C ALA D 194 -14.56 52.15 -10.58
N LEU D 195 -14.04 51.82 -9.41
CA LEU D 195 -12.70 51.27 -9.30
C LEU D 195 -12.62 49.81 -9.71
N PRO D 196 -11.67 49.49 -10.57
CA PRO D 196 -11.45 48.10 -11.00
C PRO D 196 -10.89 47.21 -9.89
N VAL D 197 -11.36 47.40 -8.66
CA VAL D 197 -10.87 46.59 -7.55
C VAL D 197 -11.98 45.87 -6.81
N ASN D 198 -11.73 44.59 -6.54
CA ASN D 198 -12.65 43.77 -5.75
C ASN D 198 -12.78 44.30 -4.35
N GLU D 199 -11.69 44.86 -3.84
CA GLU D 199 -11.74 45.58 -2.57
C GLU D 199 -12.13 44.69 -1.38
N GLN D 200 -13.14 43.87 -1.56
CA GLN D 200 -13.49 42.86 -0.57
C GLN D 200 -12.25 42.01 -0.34
N LEU D 201 -11.53 41.79 -1.43
CA LEU D 201 -10.29 41.05 -1.41
C LEU D 201 -9.19 41.77 -0.63
N VAL D 202 -9.10 43.09 -0.81
CA VAL D 202 -8.09 43.87 -0.11
C VAL D 202 -8.16 43.68 1.42
N ILE D 203 -9.39 43.63 1.94
CA ILE D 203 -9.61 43.25 3.33
C ILE D 203 -9.02 41.88 3.71
N GLU D 204 -9.20 40.90 2.83
CA GLU D 204 -8.72 39.55 3.09
C GLU D 204 -7.21 39.49 3.10
N PHE D 205 -6.58 40.31 2.27
CA PHE D 205 -5.12 40.30 2.21
C PHE D 205 -4.53 40.84 3.48
N TYR D 206 -5.22 41.76 4.14
CA TYR D 206 -4.76 42.30 5.41
C TYR D 206 -5.33 41.54 6.61
N SER D 207 -5.06 40.24 6.64
CA SER D 207 -5.34 39.35 7.76
C SER D 207 -4.72 37.98 7.44
N ARG D 208 -3.93 37.95 6.37
CA ARG D 208 -3.23 36.74 5.93
C ARG D 208 -2.44 36.11 7.07
N ASP E 1 -24.68 29.63 -14.74
CA ASP E 1 -25.16 28.45 -14.02
C ASP E 1 -24.42 28.26 -12.67
N PHE E 2 -23.77 27.11 -12.51
CA PHE E 2 -23.01 26.79 -11.31
C PHE E 2 -21.55 27.23 -11.47
N GLU E 3 -20.91 27.49 -10.34
CA GLU E 3 -19.52 27.93 -10.33
C GLU E 3 -18.68 26.83 -9.69
N GLU E 4 -17.57 26.47 -10.33
CA GLU E 4 -16.72 25.39 -9.83
C GLU E 4 -15.43 25.97 -9.29
N LYS E 5 -14.88 25.36 -8.24
CA LYS E 5 -13.63 25.90 -7.68
C LYS E 5 -12.44 24.94 -7.57
N MET E 6 -12.65 23.76 -7.00
CA MET E 6 -11.55 22.78 -6.80
C MET E 6 -10.54 23.13 -5.70
N ILE E 7 -10.67 22.44 -4.58
CA ILE E 7 -9.91 22.78 -3.38
C ILE E 7 -8.53 22.13 -3.34
N LEU E 8 -8.42 20.83 -3.67
CA LEU E 8 -7.10 20.25 -3.99
C LEU E 8 -7.14 19.22 -5.11
N ILE E 9 -6.04 19.09 -5.85
CA ILE E 9 -5.83 17.86 -6.60
C ILE E 9 -4.52 17.24 -6.15
N ARG E 10 -4.52 15.92 -6.03
CA ARG E 10 -3.37 15.22 -5.49
C ARG E 10 -3.05 13.99 -6.34
N ARG E 11 -1.84 13.45 -6.12
CA ARG E 11 -1.34 12.37 -6.94
C ARG E 11 -0.96 11.14 -6.16
N THR E 12 -1.98 10.40 -5.74
CA THR E 12 -1.81 9.14 -5.05
C THR E 12 -0.99 8.12 -5.89
N ALA E 13 -0.54 7.03 -5.27
CA ALA E 13 0.33 6.05 -5.93
C ALA E 13 0.29 4.67 -5.29
N ARG E 14 0.07 3.64 -6.10
CA ARG E 14 0.00 2.27 -5.59
C ARG E 14 1.13 1.46 -6.17
N MET E 15 1.43 0.33 -5.53
CA MET E 15 2.53 -0.52 -5.98
C MET E 15 2.06 -1.74 -6.74
N GLN E 16 2.70 -2.00 -7.86
CA GLN E 16 2.51 -3.26 -8.56
C GLN E 16 3.91 -3.71 -8.87
N ALA E 17 4.08 -4.99 -9.19
CA ALA E 17 5.39 -5.57 -9.43
C ALA E 17 6.14 -4.73 -10.45
N GLY E 18 7.33 -4.30 -10.10
CA GLY E 18 8.11 -3.47 -11.00
C GLY E 18 7.55 -2.08 -11.24
N GLY E 19 7.65 -1.22 -10.25
CA GLY E 19 7.23 0.16 -10.40
C GLY E 19 5.98 0.58 -9.62
N ARG E 20 5.90 1.86 -9.30
CA ARG E 20 4.66 2.40 -8.76
C ARG E 20 3.75 2.82 -9.92
N ARG E 21 2.44 2.75 -9.68
CA ARG E 21 1.43 3.12 -10.67
C ARG E 21 0.52 4.23 -10.12
N PHE E 22 0.55 5.39 -10.76
CA PHE E 22 -0.07 6.59 -10.21
C PHE E 22 -1.58 6.77 -10.45
N ARG E 23 -2.16 7.71 -9.72
CA ARG E 23 -3.56 8.08 -9.84
C ARG E 23 -3.78 9.49 -9.30
N PHE E 24 -4.90 10.13 -9.64
CA PHE E 24 -5.13 11.51 -9.23
C PHE E 24 -6.48 11.69 -8.57
N GLY E 25 -6.52 12.56 -7.56
CA GLY E 25 -7.76 12.87 -6.89
C GLY E 25 -8.06 14.36 -6.92
N ALA E 26 -9.34 14.70 -6.98
CA ALA E 26 -9.76 16.08 -7.05
C ALA E 26 -10.96 16.28 -6.16
N LEU E 27 -10.84 17.25 -5.26
CA LEU E 27 -11.92 17.74 -4.44
C LEU E 27 -12.42 18.99 -5.09
N VAL E 28 -13.67 19.01 -5.52
CA VAL E 28 -14.17 20.21 -6.16
C VAL E 28 -15.48 20.66 -5.53
N VAL E 29 -15.72 21.98 -5.56
CA VAL E 29 -17.00 22.53 -5.07
C VAL E 29 -17.81 23.25 -6.14
N VAL E 30 -19.13 23.08 -6.09
CA VAL E 30 -20.00 23.83 -6.97
C VAL E 30 -20.98 24.64 -6.13
N GLY E 31 -21.27 25.86 -6.58
CA GLY E 31 -22.23 26.70 -5.89
C GLY E 31 -22.90 27.71 -6.80
N ASP E 32 -24.13 28.08 -6.47
CA ASP E 32 -24.84 29.10 -7.24
C ASP E 32 -24.75 30.44 -6.54
N ARG E 33 -24.02 30.47 -5.44
CA ARG E 33 -23.86 31.66 -4.62
C ARG E 33 -25.19 32.20 -4.10
N GLN E 34 -26.21 31.35 -4.05
CA GLN E 34 -27.47 31.75 -3.47
C GLN E 34 -28.07 30.62 -2.68
N GLY E 35 -27.23 29.97 -1.88
CA GLY E 35 -27.68 28.99 -0.92
C GLY E 35 -27.53 27.53 -1.31
N ARG E 36 -26.87 27.29 -2.45
CA ARG E 36 -26.65 25.92 -2.91
C ARG E 36 -25.16 25.62 -3.12
N VAL E 37 -24.70 24.52 -2.53
CA VAL E 37 -23.32 24.09 -2.62
C VAL E 37 -23.26 22.62 -2.73
N GLY E 38 -22.26 22.13 -3.45
CA GLY E 38 -21.99 20.70 -3.57
C GLY E 38 -20.50 20.42 -3.49
N LEU E 39 -20.16 19.31 -2.86
CA LEU E 39 -18.77 18.89 -2.68
C LEU E 39 -18.54 17.62 -3.43
N GLY E 40 -17.51 17.58 -4.27
CA GLY E 40 -17.26 16.41 -5.08
C GLY E 40 -15.84 15.86 -5.00
N PHE E 41 -15.72 14.59 -4.66
CA PHE E 41 -14.39 14.00 -4.64
C PHE E 41 -14.19 13.04 -5.79
N GLY E 42 -13.43 13.46 -6.80
CA GLY E 42 -13.28 12.67 -8.01
C GLY E 42 -11.88 12.10 -8.21
N LYS E 43 -11.76 10.79 -8.13
CA LYS E 43 -10.48 10.16 -8.33
C LYS E 43 -10.54 9.49 -9.68
N ALA E 44 -9.39 9.42 -10.36
CA ALA E 44 -9.30 8.98 -11.76
C ALA E 44 -7.85 8.99 -12.26
N PRO E 45 -7.58 8.18 -13.31
CA PRO E 45 -6.29 8.01 -13.99
C PRO E 45 -5.52 9.27 -14.41
N GLU E 46 -6.16 10.26 -14.99
CA GLU E 46 -5.42 11.45 -15.40
C GLU E 46 -6.10 12.68 -14.85
N VAL E 47 -5.31 13.73 -14.61
CA VAL E 47 -5.80 14.94 -13.88
C VAL E 47 -7.13 15.57 -14.30
N PRO E 48 -7.25 15.97 -15.58
CA PRO E 48 -8.40 16.80 -15.97
C PRO E 48 -9.63 15.94 -16.02
N LEU E 49 -9.41 14.65 -15.98
CA LEU E 49 -10.52 13.73 -15.98
C LEU E 49 -11.04 13.69 -14.56
N ALA E 50 -10.10 13.70 -13.61
CA ALA E 50 -10.43 13.55 -12.20
C ALA E 50 -11.14 14.79 -11.74
N VAL E 51 -10.83 15.92 -12.36
CA VAL E 51 -11.58 17.14 -12.07
C VAL E 51 -12.99 16.96 -12.60
N GLN E 52 -13.15 16.79 -13.92
CA GLN E 52 -14.46 16.58 -14.54
C GLN E 52 -15.34 15.68 -13.67
N LYS E 53 -14.75 14.56 -13.22
CA LYS E 53 -15.50 13.56 -12.46
C LYS E 53 -15.99 14.13 -11.16
N ALA E 54 -15.16 14.93 -10.51
CA ALA E 54 -15.51 15.54 -9.22
C ALA E 54 -16.67 16.51 -9.38
N GLY E 55 -16.63 17.32 -10.44
CA GLY E 55 -17.63 18.34 -10.70
C GLY E 55 -18.97 17.66 -10.79
N TYR E 56 -18.99 16.54 -11.48
CA TYR E 56 -20.20 15.78 -11.63
C TYR E 56 -20.60 15.21 -10.26
N TYR E 57 -19.65 14.64 -9.55
CA TYR E 57 -19.95 14.06 -8.25
C TYR E 57 -20.49 15.14 -7.34
N ALA E 58 -20.00 16.37 -7.54
CA ALA E 58 -20.33 17.47 -6.64
C ALA E 58 -21.74 17.98 -6.87
N ARG E 59 -22.36 17.60 -7.98
CA ARG E 59 -23.66 18.14 -8.29
C ARG E 59 -24.80 17.29 -7.74
N ARG E 60 -24.60 15.99 -7.66
CA ARG E 60 -25.40 15.22 -6.74
C ARG E 60 -24.70 15.56 -5.46
N ASN E 61 -25.34 15.35 -4.31
CA ASN E 61 -24.80 15.87 -3.03
C ASN E 61 -24.76 17.42 -2.96
N MET E 62 -25.94 18.03 -2.91
CA MET E 62 -26.08 19.46 -2.78
C MET E 62 -26.56 19.77 -1.40
N VAL E 63 -26.19 20.94 -0.91
CA VAL E 63 -26.68 21.36 0.39
C VAL E 63 -27.43 22.66 0.21
N GLU E 64 -28.58 22.77 0.87
CA GLU E 64 -29.34 23.98 0.79
C GLU E 64 -29.00 24.79 2.03
N VAL E 65 -28.17 25.82 1.84
CA VAL E 65 -27.68 26.64 2.96
C VAL E 65 -28.56 27.87 3.20
N PRO E 66 -28.97 28.08 4.46
CA PRO E 66 -30.02 29.06 4.74
C PRO E 66 -29.49 30.43 5.05
N LEU E 67 -28.70 31.01 4.15
CA LEU E 67 -28.23 32.39 4.25
C LEU E 67 -29.24 33.37 4.87
N GLN E 68 -28.69 34.39 5.54
CA GLN E 68 -29.46 35.43 6.18
C GLN E 68 -28.58 36.66 6.17
N ASN E 69 -28.78 37.53 5.20
CA ASN E 69 -28.05 38.79 5.16
C ASN E 69 -26.56 38.54 4.97
N GLY E 70 -26.26 37.36 4.42
CA GLY E 70 -24.88 37.01 4.11
C GLY E 70 -24.24 36.06 5.09
N THR E 71 -24.97 35.62 6.10
CA THR E 71 -24.37 34.78 7.11
C THR E 71 -25.25 33.57 7.47
N ILE E 72 -25.18 33.13 8.70
CA ILE E 72 -25.79 31.88 9.08
C ILE E 72 -26.78 32.18 10.19
N PRO E 73 -27.84 31.37 10.31
CA PRO E 73 -28.64 31.25 11.53
C PRO E 73 -27.74 31.00 12.74
N HIS E 74 -27.74 29.81 13.34
CA HIS E 74 -26.94 29.68 14.57
C HIS E 74 -25.44 29.56 14.37
N GLU E 75 -24.76 28.93 15.32
CA GLU E 75 -23.35 28.60 15.18
C GLU E 75 -23.21 27.14 15.46
N ILE E 76 -22.77 26.40 14.47
CA ILE E 76 -22.44 25.01 14.70
C ILE E 76 -20.95 24.81 14.72
N GLU E 77 -20.60 23.70 15.36
CA GLU E 77 -19.29 23.16 15.38
C GLU E 77 -19.62 21.72 15.00
N VAL E 78 -18.73 21.07 14.26
CA VAL E 78 -18.95 19.71 13.71
C VAL E 78 -17.67 18.86 13.69
N GLU E 79 -17.77 17.60 14.09
CA GLU E 79 -16.62 16.74 13.96
C GLU E 79 -16.81 15.74 12.85
N PHE E 80 -15.91 15.78 11.88
CA PHE E 80 -15.83 14.71 10.89
C PHE E 80 -14.47 14.05 10.97
N GLY E 81 -14.46 12.82 11.45
CA GLY E 81 -13.21 12.15 11.75
C GLY E 81 -12.51 12.86 12.90
N ALA E 82 -11.27 13.27 12.68
CA ALA E 82 -10.59 13.97 13.74
C ALA E 82 -10.54 15.44 13.37
N SER E 83 -11.32 15.81 12.37
CA SER E 83 -11.40 17.20 12.00
C SER E 83 -12.59 17.86 12.67
N LYS E 84 -12.39 19.08 13.15
CA LYS E 84 -13.47 19.82 13.76
C LYS E 84 -13.51 21.10 13.00
N ILE E 85 -14.72 21.59 12.74
CA ILE E 85 -14.87 22.89 12.12
C ILE E 85 -15.79 23.75 13.01
N VAL E 86 -15.46 25.01 13.12
CA VAL E 86 -16.24 25.90 13.95
C VAL E 86 -16.74 27.10 13.15
N LEU E 87 -18.07 27.20 13.04
CA LEU E 87 -18.71 28.24 12.26
C LEU E 87 -19.44 29.22 13.17
N LYS E 88 -19.25 30.50 12.91
CA LYS E 88 -19.79 31.56 13.74
C LYS E 88 -20.27 32.71 12.86
N PRO E 89 -21.49 33.19 13.12
CA PRO E 89 -22.08 34.29 12.35
C PRO E 89 -21.42 35.63 12.64
N ALA E 90 -21.32 36.46 11.62
CA ALA E 90 -20.71 37.75 11.80
C ALA E 90 -21.47 38.85 11.05
N ALA E 91 -21.49 40.05 11.61
CA ALA E 91 -22.20 41.15 10.97
C ALA E 91 -21.55 41.56 9.66
N PRO E 92 -22.32 42.23 8.80
CA PRO E 92 -21.85 42.65 7.48
C PRO E 92 -20.58 43.50 7.52
N GLY E 93 -19.57 43.08 6.77
CA GLY E 93 -18.32 43.81 6.66
C GLY E 93 -17.18 43.00 7.22
N THR E 94 -17.51 41.80 7.68
CA THR E 94 -16.53 40.94 8.33
C THR E 94 -15.77 40.11 7.30
N GLY E 95 -16.49 39.72 6.25
CA GLY E 95 -15.93 38.89 5.19
C GLY E 95 -15.91 37.45 5.61
N VAL E 96 -15.65 36.58 4.66
CA VAL E 96 -15.38 35.20 5.02
C VAL E 96 -14.04 35.19 5.77
N ILE E 97 -14.05 34.96 7.06
CA ILE E 97 -12.79 34.83 7.77
C ILE E 97 -12.54 33.36 8.00
N ALA E 98 -11.87 32.73 7.05
CA ALA E 98 -11.79 31.28 7.08
C ALA E 98 -10.55 30.75 6.42
N GLY E 99 -10.18 29.54 6.83
CA GLY E 99 -9.16 28.78 6.15
C GLY E 99 -9.54 28.58 4.71
N ALA E 100 -8.55 28.29 3.88
CA ALA E 100 -8.77 28.27 2.43
C ALA E 100 -9.74 27.18 1.93
N VAL E 101 -9.93 26.13 2.71
CA VAL E 101 -10.92 25.13 2.32
C VAL E 101 -12.38 25.54 2.59
N PRO E 102 -12.77 25.77 3.86
CA PRO E 102 -14.16 26.19 3.99
C PRO E 102 -14.45 27.53 3.30
N ARG E 103 -13.42 28.34 3.06
CA ARG E 103 -13.64 29.52 2.24
C ARG E 103 -14.21 29.16 0.85
N ALA E 104 -13.50 28.32 0.11
CA ALA E 104 -14.03 27.78 -1.14
C ALA E 104 -15.50 27.42 -1.05
N ILE E 105 -15.84 26.56 -0.11
CA ILE E 105 -17.21 26.10 0.12
C ILE E 105 -18.17 27.21 0.51
N LEU E 106 -17.79 27.99 1.52
CA LEU E 106 -18.64 29.06 1.98
C LEU E 106 -18.90 30.14 0.95
N GLU E 107 -17.87 30.66 0.29
CA GLU E 107 -18.07 31.69 -0.73
C GLU E 107 -19.02 31.23 -1.81
N LEU E 108 -18.85 29.99 -2.24
CA LEU E 108 -19.70 29.40 -3.27
C LEU E 108 -21.12 29.16 -2.78
N ALA E 109 -21.28 29.01 -1.46
CA ALA E 109 -22.61 28.86 -0.92
C ALA E 109 -23.26 30.22 -0.94
N GLY E 110 -22.42 31.26 -0.88
CA GLY E 110 -22.92 32.62 -0.91
C GLY E 110 -22.91 33.28 0.45
N VAL E 111 -22.28 32.66 1.43
CA VAL E 111 -21.99 33.32 2.69
C VAL E 111 -20.96 34.43 2.46
N THR E 112 -21.31 35.65 2.82
CA THR E 112 -20.41 36.74 2.52
C THR E 112 -19.73 37.29 3.79
N ASP E 113 -20.22 36.87 4.96
CA ASP E 113 -19.68 37.30 6.24
C ASP E 113 -19.81 36.19 7.28
N ILE E 114 -18.68 35.66 7.74
CA ILE E 114 -18.68 34.53 8.69
C ILE E 114 -17.38 34.41 9.50
N LEU E 115 -17.45 33.76 10.67
CA LEU E 115 -16.26 33.42 11.45
C LEU E 115 -16.01 31.90 11.53
N THR E 116 -14.74 31.49 11.43
CA THR E 116 -14.36 30.10 11.24
C THR E 116 -13.16 29.67 12.11
N LYS E 117 -13.14 28.40 12.52
CA LYS E 117 -11.90 27.81 13.04
C LYS E 117 -11.72 26.34 12.71
N GLU E 118 -10.59 26.00 12.12
CA GLU E 118 -10.27 24.59 11.92
C GLU E 118 -9.61 24.05 13.19
N LEU E 119 -10.23 23.05 13.78
CA LEU E 119 -9.68 22.50 15.00
C LEU E 119 -9.43 21.02 14.81
N GLY E 120 -8.47 20.47 15.55
CA GLY E 120 -8.16 19.07 15.40
C GLY E 120 -7.36 18.79 14.13
N SER E 121 -7.61 17.64 13.52
CA SER E 121 -6.90 17.26 12.30
C SER E 121 -7.26 18.22 11.20
N ARG E 122 -6.28 18.58 10.38
CA ARG E 122 -6.56 19.59 9.38
C ARG E 122 -6.59 19.05 7.97
N ASN E 123 -6.65 17.73 7.85
CA ASN E 123 -6.77 17.13 6.54
C ASN E 123 -7.84 17.82 5.72
N PRO E 124 -7.41 18.44 4.61
CA PRO E 124 -8.29 19.23 3.75
C PRO E 124 -9.50 18.45 3.31
N ILE E 125 -9.38 17.14 3.10
CA ILE E 125 -10.54 16.36 2.68
C ILE E 125 -11.55 16.20 3.79
N ASN E 126 -11.11 15.79 4.96
CA ASN E 126 -12.06 15.68 6.04
C ASN E 126 -12.58 17.04 6.49
N ILE E 127 -11.80 18.10 6.29
CA ILE E 127 -12.28 19.43 6.70
C ILE E 127 -13.40 19.87 5.77
N ALA E 128 -13.26 19.57 4.49
CA ALA E 128 -14.30 19.84 3.52
C ALA E 128 -15.56 19.04 3.83
N TYR E 129 -15.40 17.75 4.08
CA TYR E 129 -16.54 16.94 4.44
C TYR E 129 -17.24 17.41 5.70
N ALA E 130 -16.52 18.13 6.55
CA ALA E 130 -17.07 18.63 7.82
C ALA E 130 -17.83 19.93 7.67
N THR E 131 -17.30 20.89 6.93
CA THR E 131 -18.05 22.12 6.76
C THR E 131 -19.30 21.79 5.96
N MET E 132 -19.25 20.80 5.09
CA MET E 132 -20.46 20.35 4.42
C MET E 132 -21.44 19.85 5.45
N GLU E 133 -20.96 19.19 6.48
CA GLU E 133 -21.86 18.64 7.45
C GLU E 133 -22.35 19.75 8.34
N ALA E 134 -21.49 20.71 8.61
CA ALA E 134 -21.90 21.84 9.42
C ALA E 134 -23.07 22.54 8.72
N LEU E 135 -22.93 22.74 7.42
CA LEU E 135 -23.93 23.39 6.60
C LEU E 135 -25.23 22.60 6.53
N ARG E 136 -25.09 21.31 6.35
CA ARG E 136 -26.23 20.42 6.29
C ARG E 136 -27.04 20.53 7.58
N GLN E 137 -26.38 20.94 8.65
CA GLN E 137 -27.00 20.88 9.96
C GLN E 137 -27.64 22.19 10.42
N LEU E 138 -27.53 23.24 9.59
CA LEU E 138 -28.06 24.53 9.99
C LEU E 138 -29.58 24.47 10.04
N ARG E 139 -30.16 25.11 11.04
CA ARG E 139 -31.60 25.24 11.16
C ARG E 139 -31.86 26.70 11.29
N THR E 140 -33.05 27.13 10.87
CA THR E 140 -33.47 28.52 11.07
C THR E 140 -34.66 28.55 12.01
N LYS E 141 -35.01 29.75 12.48
CA LYS E 141 -36.11 29.85 13.42
C LYS E 141 -37.35 29.25 12.77
N ALA E 142 -37.51 29.54 11.49
CA ALA E 142 -38.57 28.94 10.69
C ALA E 142 -38.70 27.42 10.91
N ASP E 143 -37.65 26.65 10.63
CA ASP E 143 -37.79 25.20 10.71
C ASP E 143 -37.75 24.67 12.13
N VAL E 144 -37.29 25.49 13.07
CA VAL E 144 -37.31 25.05 14.45
C VAL E 144 -38.74 25.15 14.99
N GLU E 145 -39.43 26.21 14.59
CA GLU E 145 -40.79 26.37 15.04
C GLU E 145 -41.62 25.17 14.62
N ARG E 146 -41.42 24.70 13.39
CA ARG E 146 -42.19 23.58 12.87
C ARG E 146 -41.97 22.39 13.75
N LEU E 147 -40.71 22.18 14.09
CA LEU E 147 -40.28 20.99 14.83
C LEU E 147 -40.99 20.85 16.15
N ARG E 148 -41.08 21.96 16.88
CA ARG E 148 -41.70 21.96 18.18
C ARG E 148 -43.08 22.61 18.22
N LYS E 149 -43.93 22.35 17.23
CA LYS E 149 -45.34 22.66 17.37
C LYS E 149 -46.08 21.34 17.61
N GLY E 150 -47.14 21.10 16.86
CA GLY E 150 -47.85 19.83 16.94
C GLY E 150 -49.36 19.91 16.76
N MET F 1 -20.78 -31.72 67.14
CA MET F 1 -21.18 -33.05 66.69
C MET F 1 -21.73 -33.05 65.27
N ARG F 2 -20.95 -33.61 64.34
CA ARG F 2 -21.37 -33.71 62.94
C ARG F 2 -21.52 -35.16 62.55
N ARG F 3 -22.11 -35.41 61.38
CA ARG F 3 -22.30 -36.78 60.90
C ARG F 3 -21.19 -37.19 59.94
N TYR F 4 -20.42 -38.20 60.34
CA TYR F 4 -19.36 -38.72 59.49
C TYR F 4 -19.68 -40.10 58.96
N GLU F 5 -18.67 -40.74 58.39
CA GLU F 5 -18.71 -42.14 57.99
C GLU F 5 -17.28 -42.62 58.14
N VAL F 6 -17.09 -43.60 59.02
CA VAL F 6 -15.76 -44.15 59.25
C VAL F 6 -15.52 -45.39 58.40
N ASN F 7 -14.63 -45.28 57.43
CA ASN F 7 -14.31 -46.42 56.58
C ASN F 7 -13.03 -47.11 57.07
N ILE F 8 -13.07 -48.42 57.20
CA ILE F 8 -11.93 -49.17 57.71
C ILE F 8 -11.68 -50.46 56.95
N VAL F 9 -10.49 -50.62 56.39
CA VAL F 9 -10.17 -51.85 55.67
C VAL F 9 -9.08 -52.63 56.37
N LEU F 10 -9.44 -53.61 57.18
CA LEU F 10 -8.41 -54.44 57.83
C LEU F 10 -8.00 -55.65 56.99
N ASN F 11 -6.91 -56.30 57.42
CA ASN F 11 -6.36 -57.45 56.73
C ASN F 11 -7.42 -58.49 56.41
N PRO F 12 -7.35 -59.09 55.21
CA PRO F 12 -8.30 -60.13 54.78
C PRO F 12 -8.29 -61.44 55.58
N ASN F 13 -7.11 -62.05 55.72
CA ASN F 13 -7.02 -63.40 56.29
C ASN F 13 -6.70 -63.45 57.78
N LEU F 14 -7.73 -63.28 58.63
CA LEU F 14 -7.61 -63.46 60.07
C LEU F 14 -8.41 -64.67 60.57
N ASP F 15 -9.15 -64.46 61.66
CA ASP F 15 -10.11 -65.42 62.19
C ASP F 15 -10.94 -64.76 63.28
N GLN F 16 -12.12 -65.29 63.56
CA GLN F 16 -13.00 -64.70 64.58
C GLN F 16 -12.36 -64.76 65.97
N SER F 17 -11.19 -64.15 66.09
CA SER F 17 -10.42 -64.14 67.33
C SER F 17 -9.56 -62.89 67.28
N GLN F 18 -8.67 -62.86 66.29
CA GLN F 18 -7.81 -61.72 66.02
C GLN F 18 -8.65 -60.66 65.34
N LEU F 19 -9.61 -61.10 64.53
CA LEU F 19 -10.55 -60.18 63.88
C LEU F 19 -11.45 -59.52 64.90
N ALA F 20 -11.98 -60.32 65.83
CA ALA F 20 -12.86 -59.80 66.86
C ALA F 20 -12.08 -58.98 67.88
N LEU F 21 -10.75 -59.13 67.87
CA LEU F 21 -9.88 -58.32 68.72
C LEU F 21 -9.71 -56.90 68.16
N GLU F 22 -9.52 -56.79 66.85
CA GLU F 22 -9.41 -55.49 66.19
C GLU F 22 -10.75 -54.79 66.23
N LYS F 23 -11.80 -55.56 65.97
CA LYS F 23 -13.18 -55.10 66.08
C LYS F 23 -13.42 -54.48 67.46
N GLU F 24 -12.94 -55.14 68.50
CA GLU F 24 -13.03 -54.63 69.86
C GLU F 24 -12.39 -53.24 69.98
N ILE F 25 -11.19 -53.10 69.42
CA ILE F 25 -10.45 -51.84 69.58
C ILE F 25 -11.06 -50.71 68.76
N ILE F 26 -11.66 -51.05 67.61
CA ILE F 26 -12.39 -50.06 66.84
C ILE F 26 -13.62 -49.59 67.61
N GLN F 27 -14.39 -50.53 68.14
CA GLN F 27 -15.52 -50.17 68.98
C GLN F 27 -15.03 -49.36 70.16
N ARG F 28 -13.88 -49.76 70.70
CA ARG F 28 -13.30 -49.04 71.83
C ARG F 28 -12.90 -47.62 71.45
N ALA F 29 -12.01 -47.52 70.45
CA ALA F 29 -11.47 -46.23 70.00
C ALA F 29 -12.54 -45.26 69.47
N LEU F 30 -13.59 -45.80 68.87
CA LEU F 30 -14.76 -44.98 68.51
C LEU F 30 -15.35 -44.29 69.72
N GLU F 31 -15.78 -45.08 70.70
CA GLU F 31 -16.52 -44.56 71.86
C GLU F 31 -15.69 -43.62 72.72
N ASN F 32 -14.45 -44.00 73.01
CA ASN F 32 -13.61 -43.18 73.87
C ASN F 32 -13.17 -41.86 73.23
N TYR F 33 -13.76 -41.54 72.07
CA TYR F 33 -13.55 -40.28 71.39
C TYR F 33 -14.84 -39.53 71.18
N GLY F 34 -15.90 -39.96 71.86
CA GLY F 34 -17.17 -39.25 71.84
C GLY F 34 -18.02 -39.50 70.62
N ALA F 35 -17.96 -40.72 70.10
CA ALA F 35 -18.71 -41.07 68.90
C ALA F 35 -19.86 -42.04 69.15
N ARG F 36 -21.09 -41.52 69.18
CA ARG F 36 -22.25 -42.39 69.17
C ARG F 36 -22.34 -42.98 67.77
N VAL F 37 -22.83 -44.21 67.66
CA VAL F 37 -22.70 -44.93 66.40
C VAL F 37 -24.03 -45.23 65.74
N GLU F 38 -24.55 -44.26 64.98
CA GLU F 38 -25.88 -44.36 64.37
C GLU F 38 -26.21 -45.67 63.65
N LYS F 39 -25.31 -46.18 62.82
CA LYS F 39 -25.50 -47.51 62.22
C LYS F 39 -24.20 -48.17 61.70
N VAL F 40 -24.27 -49.44 61.32
CA VAL F 40 -23.08 -50.22 60.95
C VAL F 40 -23.29 -51.27 59.82
N GLU F 41 -22.28 -51.41 58.95
CA GLU F 41 -22.28 -52.43 57.91
C GLU F 41 -20.91 -53.09 57.84
N GLU F 42 -20.83 -54.38 58.15
CA GLU F 42 -19.58 -55.13 58.02
C GLU F 42 -19.60 -55.86 56.69
N LEU F 43 -19.45 -55.10 55.60
CA LEU F 43 -19.63 -55.62 54.24
C LEU F 43 -18.57 -56.64 53.80
N GLY F 44 -18.16 -57.52 54.71
CA GLY F 44 -17.31 -58.64 54.39
C GLY F 44 -15.99 -58.26 53.76
N LEU F 45 -15.30 -59.25 53.21
CA LEU F 45 -14.12 -58.96 52.41
C LEU F 45 -14.58 -58.74 50.98
N ARG F 46 -13.74 -58.10 50.17
CA ARG F 46 -14.01 -57.89 48.75
C ARG F 46 -12.70 -57.94 47.98
N ARG F 47 -12.76 -58.26 46.69
CA ARG F 47 -11.56 -58.31 45.88
C ARG F 47 -11.13 -56.88 45.55
N LEU F 48 -9.97 -56.47 46.05
CA LEU F 48 -9.46 -55.12 45.82
C LEU F 48 -9.11 -54.88 44.35
N ALA F 49 -9.02 -53.61 43.98
CA ALA F 49 -8.68 -53.26 42.60
C ALA F 49 -7.22 -53.57 42.30
N TYR F 50 -6.34 -52.95 43.07
CA TYR F 50 -4.91 -53.17 43.04
C TYR F 50 -4.60 -53.73 44.42
N PRO F 51 -3.44 -54.40 44.59
CA PRO F 51 -3.14 -55.06 45.87
C PRO F 51 -2.65 -54.11 46.97
N ILE F 52 -3.39 -54.04 48.07
CA ILE F 52 -3.02 -53.20 49.19
C ILE F 52 -2.33 -54.02 50.26
N ALA F 53 -1.18 -53.52 50.73
CA ALA F 53 -0.37 -54.19 51.74
C ALA F 53 -0.03 -55.61 51.31
N LYS F 54 0.30 -55.76 50.03
CA LYS F 54 0.68 -57.05 49.41
C LYS F 54 -0.47 -58.07 49.31
N ASP F 55 -1.65 -57.71 49.80
CA ASP F 55 -2.83 -58.57 49.72
C ASP F 55 -3.77 -58.12 48.62
N PRO F 56 -4.26 -59.06 47.83
CA PRO F 56 -5.22 -58.84 46.74
C PRO F 56 -6.66 -58.72 47.25
N GLN F 57 -6.86 -58.95 48.54
CA GLN F 57 -8.18 -58.82 49.17
C GLN F 57 -8.12 -57.96 50.45
N GLY F 58 -9.29 -57.63 51.00
CA GLY F 58 -9.35 -56.79 52.19
C GLY F 58 -10.71 -56.80 52.86
N TYR F 59 -10.72 -56.99 54.18
CA TYR F 59 -11.96 -57.07 54.93
C TYR F 59 -12.46 -55.67 55.24
N PHE F 60 -13.74 -55.43 54.97
CA PHE F 60 -14.27 -54.07 55.00
C PHE F 60 -15.20 -53.77 56.15
N LEU F 61 -15.37 -52.48 56.42
CA LEU F 61 -16.24 -52.00 57.48
C LEU F 61 -16.79 -50.61 57.12
N TRP F 62 -17.74 -50.15 57.92
CA TRP F 62 -18.43 -48.90 57.64
C TRP F 62 -19.30 -48.52 58.84
N TYR F 63 -18.78 -47.64 59.69
CA TYR F 63 -19.53 -47.18 60.84
C TYR F 63 -20.05 -45.78 60.56
N GLN F 64 -21.36 -45.63 60.37
CA GLN F 64 -21.94 -44.30 60.23
C GLN F 64 -22.08 -43.70 61.62
N VAL F 65 -21.41 -42.59 61.89
CA VAL F 65 -21.36 -42.06 63.25
C VAL F 65 -21.54 -40.55 63.39
N GLU F 66 -21.86 -40.11 64.61
CA GLU F 66 -21.84 -38.69 64.97
C GLU F 66 -20.78 -38.53 66.06
N MET F 67 -20.08 -37.41 66.05
CA MET F 67 -18.99 -37.17 67.00
C MET F 67 -18.54 -35.72 66.93
N PRO F 68 -17.89 -35.22 67.99
CA PRO F 68 -17.38 -33.85 67.90
C PRO F 68 -16.28 -33.76 66.84
N GLU F 69 -16.31 -32.66 66.07
CA GLU F 69 -15.41 -32.45 64.96
C GLU F 69 -13.99 -32.35 65.43
N ASP F 70 -13.78 -31.62 66.50
CA ASP F 70 -12.43 -31.32 66.98
C ASP F 70 -11.64 -32.57 67.34
N ARG F 71 -12.31 -33.71 67.37
CA ARG F 71 -11.68 -34.96 67.75
C ARG F 71 -11.79 -36.04 66.65
N VAL F 72 -12.00 -35.61 65.41
CA VAL F 72 -12.10 -36.55 64.29
C VAL F 72 -10.74 -37.02 63.80
N ASN F 73 -9.83 -36.08 63.53
CA ASN F 73 -8.50 -36.43 63.04
C ASN F 73 -7.74 -37.38 63.94
N ASP F 74 -7.77 -37.12 65.25
CA ASP F 74 -7.10 -37.99 66.21
C ASP F 74 -7.72 -39.38 66.21
N LEU F 75 -9.03 -39.42 66.18
CA LEU F 75 -9.76 -40.69 66.11
C LEU F 75 -9.33 -41.47 64.88
N ALA F 76 -9.06 -40.77 63.79
CA ALA F 76 -8.65 -41.43 62.58
C ALA F 76 -7.25 -42.01 62.76
N ARG F 77 -6.38 -41.29 63.48
CA ARG F 77 -5.00 -41.75 63.63
C ARG F 77 -4.92 -42.93 64.60
N GLU F 78 -5.69 -42.87 65.68
CA GLU F 78 -5.72 -43.92 66.68
C GLU F 78 -6.38 -45.17 66.06
N LEU F 79 -7.26 -44.93 65.11
CA LEU F 79 -7.83 -45.99 64.31
C LEU F 79 -6.76 -46.59 63.41
N ARG F 80 -5.78 -45.77 63.03
CA ARG F 80 -4.80 -46.16 62.03
C ARG F 80 -3.60 -46.87 62.64
N ILE F 81 -3.54 -46.80 63.97
CA ILE F 81 -2.33 -47.14 64.72
C ILE F 81 -2.00 -48.63 64.66
N ARG F 82 -3.04 -49.46 64.56
CA ARG F 82 -2.85 -50.89 64.45
C ARG F 82 -2.25 -51.22 63.09
N ASP F 83 -1.63 -52.39 62.99
CA ASP F 83 -0.95 -52.79 61.77
C ASP F 83 -1.88 -53.57 60.86
N ASN F 84 -2.88 -54.20 61.45
CA ASN F 84 -3.87 -54.95 60.68
C ASN F 84 -4.93 -54.04 60.12
N VAL F 85 -4.84 -52.75 60.46
CA VAL F 85 -5.70 -51.74 59.88
C VAL F 85 -4.97 -51.01 58.74
N ARG F 86 -5.43 -51.26 57.53
CA ARG F 86 -4.70 -50.88 56.31
C ARG F 86 -5.15 -49.58 55.62
N ARG F 87 -6.45 -49.30 55.67
CA ARG F 87 -6.95 -47.98 55.32
C ARG F 87 -7.93 -47.54 56.37
N VAL F 88 -7.92 -46.24 56.64
CA VAL F 88 -9.00 -45.64 57.39
C VAL F 88 -9.47 -44.44 56.60
N MET F 89 -10.74 -44.42 56.19
CA MET F 89 -11.24 -43.28 55.45
C MET F 89 -12.44 -42.67 56.12
N VAL F 90 -12.20 -41.65 56.95
CA VAL F 90 -13.30 -40.96 57.62
C VAL F 90 -13.83 -39.87 56.71
N VAL F 91 -15.14 -39.87 56.46
CA VAL F 91 -15.72 -38.92 55.52
C VAL F 91 -16.90 -38.19 56.12
N LYS F 92 -17.05 -36.90 55.87
CA LYS F 92 -18.25 -36.22 56.39
C LYS F 92 -19.48 -36.74 55.66
N SER F 93 -20.55 -37.03 56.40
CA SER F 93 -21.77 -37.62 55.83
C SER F 93 -22.50 -36.60 54.98
N GLN F 94 -23.01 -37.04 53.82
CA GLN F 94 -23.72 -36.13 52.93
C GLN F 94 -25.01 -36.76 52.46
N GLU F 95 -25.97 -35.92 52.08
CA GLU F 95 -27.23 -36.39 51.53
C GLU F 95 -26.96 -36.92 50.12
N PRO F 96 -27.64 -38.03 49.74
CA PRO F 96 -27.53 -38.63 48.42
C PRO F 96 -27.82 -37.64 47.29
N PHE F 97 -27.41 -38.01 46.09
CA PHE F 97 -27.55 -37.14 44.94
C PHE F 97 -27.97 -38.03 43.78
N LEU F 98 -29.22 -38.45 43.81
CA LEU F 98 -29.73 -39.38 42.81
C LEU F 98 -29.70 -38.73 41.44
N ALA F 99 -28.93 -39.31 40.53
CA ALA F 99 -28.91 -38.82 39.16
C ALA F 99 -29.52 -39.89 38.28
N ASN F 100 -30.19 -39.46 37.22
CA ASN F 100 -30.91 -40.36 36.32
C ASN F 100 -31.98 -41.13 37.09
N ALA F 101 -32.59 -40.45 38.05
CA ALA F 101 -33.52 -41.07 39.00
C ALA F 101 -34.92 -41.26 38.44
N ALA G 1 6.71 -35.14 -17.01
CA ALA G 1 5.44 -35.76 -16.63
C ALA G 1 4.75 -35.11 -15.42
N ARG G 2 4.88 -33.80 -15.29
CA ARG G 2 4.07 -33.12 -14.30
C ARG G 2 2.59 -33.32 -14.63
N ARG G 3 2.21 -33.00 -15.87
CA ARG G 3 0.80 -33.03 -16.26
C ARG G 3 0.23 -34.45 -16.34
N ARG G 4 0.24 -35.04 -17.53
CA ARG G 4 -0.34 -36.38 -17.75
C ARG G 4 0.58 -37.51 -17.25
N ARG G 5 0.35 -38.73 -17.74
CA ARG G 5 1.07 -39.89 -17.23
C ARG G 5 2.03 -40.51 -18.23
N ALA G 6 1.86 -40.17 -19.51
CA ALA G 6 2.67 -40.71 -20.62
C ALA G 6 2.49 -42.22 -20.87
N GLU G 7 1.99 -42.53 -22.05
CA GLU G 7 1.79 -43.91 -22.48
C GLU G 7 3.03 -44.47 -23.16
N VAL G 8 3.25 -45.76 -22.96
CA VAL G 8 4.35 -46.44 -23.61
C VAL G 8 4.04 -46.46 -25.10
N ARG G 9 5.03 -46.15 -25.92
CA ARG G 9 4.81 -46.16 -27.37
C ARG G 9 4.63 -47.60 -27.80
N GLN G 10 3.66 -47.85 -28.68
CA GLN G 10 3.44 -49.20 -29.17
C GLN G 10 4.24 -49.42 -30.44
N LEU G 11 5.37 -50.09 -30.31
CA LEU G 11 6.28 -50.29 -31.43
C LEU G 11 5.81 -51.39 -32.41
N GLN G 12 5.90 -51.09 -33.71
CA GLN G 12 5.51 -52.04 -34.76
C GLN G 12 6.23 -53.38 -34.62
N PRO G 13 5.46 -54.49 -34.57
CA PRO G 13 6.00 -55.85 -34.36
C PRO G 13 7.01 -56.29 -35.41
N ASP G 14 7.67 -57.41 -35.13
CA ASP G 14 8.79 -57.88 -35.93
C ASP G 14 8.38 -58.25 -37.34
N LEU G 15 9.38 -58.54 -38.18
CA LEU G 15 9.17 -58.85 -39.59
C LEU G 15 9.49 -60.32 -39.86
N VAL G 16 9.96 -60.99 -38.81
CA VAL G 16 10.49 -62.34 -38.94
C VAL G 16 9.98 -63.26 -37.82
N TYR G 17 9.73 -62.69 -36.64
CA TYR G 17 9.19 -63.46 -35.52
C TYR G 17 7.87 -62.86 -35.05
N GLY G 18 7.52 -61.71 -35.64
CA GLY G 18 6.27 -61.04 -35.37
C GLY G 18 6.11 -60.59 -33.93
N ASP G 19 7.23 -60.53 -33.22
CA ASP G 19 7.24 -60.22 -31.80
C ASP G 19 7.68 -58.77 -31.57
N VAL G 20 7.05 -58.12 -30.60
CA VAL G 20 7.38 -56.73 -30.30
C VAL G 20 8.47 -56.63 -29.24
N LEU G 21 8.74 -57.76 -28.59
CA LEU G 21 9.83 -57.82 -27.62
C LEU G 21 11.15 -57.99 -28.36
N VAL G 22 11.08 -57.96 -29.69
CA VAL G 22 12.26 -58.13 -30.52
C VAL G 22 12.66 -56.78 -31.12
N THR G 23 11.77 -56.15 -31.87
CA THR G 23 12.07 -54.79 -32.34
C THR G 23 12.48 -53.91 -31.16
N ALA G 24 11.94 -54.21 -29.98
CA ALA G 24 12.41 -53.63 -28.75
C ALA G 24 13.91 -53.85 -28.61
N PHE G 25 14.31 -55.11 -28.69
CA PHE G 25 15.74 -55.45 -28.59
C PHE G 25 16.48 -54.89 -29.78
N ILE G 26 15.81 -54.83 -30.93
CA ILE G 26 16.52 -54.38 -32.13
C ILE G 26 16.78 -52.89 -32.09
N ASN G 27 15.83 -52.12 -31.57
CA ASN G 27 16.06 -50.69 -31.38
C ASN G 27 17.24 -50.38 -30.47
N LYS G 28 17.33 -51.09 -29.36
CA LYS G 28 18.45 -50.90 -28.44
C LYS G 28 19.82 -51.28 -29.01
N ILE G 29 19.84 -52.22 -29.95
CA ILE G 29 21.08 -52.56 -30.64
C ILE G 29 21.44 -51.46 -31.63
N MET G 30 20.41 -50.75 -32.11
CA MET G 30 20.58 -49.70 -33.12
C MET G 30 21.35 -48.50 -32.57
N ARG G 31 22.12 -47.85 -33.44
CA ARG G 31 22.72 -46.58 -33.08
C ARG G 31 22.72 -45.64 -34.28
N ASP G 32 22.65 -44.35 -34.00
CA ASP G 32 22.62 -43.30 -35.03
C ASP G 32 21.53 -43.56 -36.04
N GLY G 33 20.43 -44.17 -35.59
CA GLY G 33 19.28 -44.41 -36.42
C GLY G 33 19.51 -45.27 -37.64
N LYS G 34 20.50 -46.16 -37.59
CA LYS G 34 20.71 -47.12 -38.66
C LYS G 34 20.04 -48.44 -38.30
N LYS G 35 18.75 -48.58 -38.63
CA LYS G 35 17.96 -49.75 -38.25
C LYS G 35 18.33 -51.00 -39.03
N ASN G 36 18.78 -50.83 -40.27
CA ASN G 36 19.11 -51.97 -41.08
C ASN G 36 20.34 -52.67 -40.50
N LEU G 37 21.28 -51.88 -40.02
CA LEU G 37 22.42 -52.47 -39.36
C LEU G 37 21.93 -53.34 -38.21
N ALA G 38 20.96 -52.85 -37.46
CA ALA G 38 20.57 -53.51 -36.22
C ALA G 38 19.91 -54.83 -36.50
N ALA G 39 19.03 -54.84 -37.49
CA ALA G 39 18.36 -56.08 -37.86
C ALA G 39 19.38 -57.12 -38.32
N ARG G 40 20.25 -56.73 -39.25
CA ARG G 40 21.34 -57.56 -39.75
C ARG G 40 22.25 -58.11 -38.64
N ILE G 41 22.33 -57.39 -37.53
CA ILE G 41 23.09 -57.89 -36.40
C ILE G 41 22.25 -58.95 -35.71
N PHE G 42 21.02 -58.60 -35.37
CA PHE G 42 20.21 -59.49 -34.55
C PHE G 42 19.80 -60.77 -35.23
N TYR G 43 19.29 -60.66 -36.46
CA TYR G 43 18.84 -61.85 -37.17
C TYR G 43 20.01 -62.75 -37.45
N ASP G 44 21.18 -62.17 -37.65
CA ASP G 44 22.40 -62.95 -37.72
C ASP G 44 22.65 -63.67 -36.41
N ALA G 45 22.49 -62.94 -35.31
CA ALA G 45 22.65 -63.53 -33.99
C ALA G 45 21.69 -64.69 -33.80
N CYS G 46 20.50 -64.60 -34.37
CA CYS G 46 19.56 -65.70 -34.30
C CYS G 46 20.09 -66.93 -35.05
N LYS G 47 20.77 -66.69 -36.17
CA LYS G 47 21.34 -67.78 -36.97
C LYS G 47 22.49 -68.49 -36.25
N ILE G 48 23.16 -67.78 -35.34
CA ILE G 48 24.23 -68.40 -34.54
C ILE G 48 23.65 -69.09 -33.33
N ILE G 49 22.48 -68.65 -32.88
CA ILE G 49 21.79 -69.37 -31.82
C ILE G 49 21.44 -70.75 -32.34
N GLN G 50 20.91 -70.80 -33.57
CA GLN G 50 20.47 -72.05 -34.17
C GLN G 50 21.60 -73.06 -34.39
N GLU G 51 22.77 -72.55 -34.73
CA GLU G 51 23.95 -73.39 -34.87
C GLU G 51 24.31 -74.07 -33.55
N LYS G 52 24.71 -73.28 -32.55
CA LYS G 52 25.26 -73.82 -31.31
C LYS G 52 24.20 -74.33 -30.31
N THR G 53 22.98 -74.55 -30.79
CA THR G 53 21.94 -75.27 -30.05
C THR G 53 20.73 -75.50 -30.93
N GLY G 54 20.12 -76.68 -30.82
CA GLY G 54 18.99 -77.04 -31.67
C GLY G 54 17.74 -76.21 -31.45
N GLN G 55 17.74 -75.39 -30.39
CA GLN G 55 16.57 -74.62 -29.97
C GLN G 55 16.23 -73.42 -30.86
N GLU G 56 14.94 -73.19 -31.05
CA GLU G 56 14.43 -72.03 -31.79
C GLU G 56 14.96 -70.78 -31.11
N PRO G 57 15.38 -69.78 -31.91
CA PRO G 57 16.07 -68.66 -31.28
C PRO G 57 15.10 -67.86 -30.42
N LEU G 58 13.86 -67.76 -30.87
CA LEU G 58 12.85 -66.95 -30.17
C LEU G 58 12.54 -67.43 -28.76
N LYS G 59 12.65 -68.73 -28.51
CA LYS G 59 12.48 -69.22 -27.15
C LYS G 59 13.78 -69.08 -26.36
N VAL G 60 14.91 -69.03 -27.07
CA VAL G 60 16.20 -68.79 -26.43
C VAL G 60 16.31 -67.33 -26.02
N PHE G 61 15.87 -66.45 -26.93
CA PHE G 61 15.90 -65.02 -26.69
C PHE G 61 15.07 -64.65 -25.47
N LYS G 62 13.79 -64.99 -25.52
CA LYS G 62 12.88 -64.67 -24.44
C LYS G 62 13.36 -65.26 -23.11
N GLN G 63 14.03 -66.40 -23.18
CA GLN G 63 14.52 -67.06 -21.97
C GLN G 63 15.54 -66.21 -21.21
N ALA G 64 16.46 -65.60 -21.95
CA ALA G 64 17.52 -64.81 -21.33
C ALA G 64 16.96 -63.52 -20.82
N VAL G 65 16.02 -62.95 -21.57
CA VAL G 65 15.39 -61.69 -21.18
C VAL G 65 14.70 -61.79 -19.82
N GLU G 66 13.90 -62.83 -19.65
CA GLU G 66 13.20 -63.10 -18.40
C GLU G 66 14.21 -63.33 -17.29
N ASN G 67 15.35 -63.87 -17.69
CA ASN G 67 16.38 -64.26 -16.75
C ASN G 67 17.20 -63.06 -16.25
N VAL G 68 16.99 -61.92 -16.89
CA VAL G 68 17.82 -60.74 -16.62
C VAL G 68 17.06 -59.68 -15.81
N LYS G 69 15.77 -59.54 -16.05
CA LYS G 69 15.02 -58.47 -15.38
C LYS G 69 14.98 -58.63 -13.86
N PRO G 70 15.32 -57.55 -13.14
CA PRO G 70 15.39 -57.50 -11.66
C PRO G 70 14.03 -57.41 -10.98
N ARG G 71 13.93 -57.93 -9.76
CA ARG G 71 12.70 -57.80 -9.00
C ARG G 71 12.82 -56.67 -7.98
N MET G 72 14.03 -56.15 -7.85
CA MET G 72 14.27 -55.05 -6.94
C MET G 72 15.44 -54.21 -7.44
N GLU G 73 15.44 -52.92 -7.12
CA GLU G 73 16.56 -52.04 -7.43
C GLU G 73 16.58 -50.98 -6.36
N VAL G 74 17.58 -50.12 -6.36
CA VAL G 74 17.57 -48.99 -5.43
C VAL G 74 17.40 -47.63 -6.11
N ARG G 75 16.82 -46.70 -5.37
CA ARG G 75 16.60 -45.37 -5.88
C ARG G 75 16.89 -44.38 -4.78
N SER G 76 17.92 -43.55 -5.00
CA SER G 76 18.35 -42.58 -4.01
C SER G 76 17.19 -41.69 -3.57
N ARG G 77 17.25 -41.24 -2.33
CA ARG G 77 16.21 -40.39 -1.74
C ARG G 77 16.80 -39.71 -0.51
N ARG G 78 16.16 -38.64 -0.06
CA ARG G 78 16.59 -37.93 1.14
C ARG G 78 15.43 -37.24 1.83
N VAL G 79 15.62 -36.93 3.11
CA VAL G 79 14.84 -35.92 3.83
C VAL G 79 15.87 -34.96 4.42
N GLY G 80 16.90 -35.55 5.00
CA GLY G 80 18.08 -34.84 5.45
C GLY G 80 19.27 -35.77 5.30
N GLY G 81 20.32 -35.54 6.09
CA GLY G 81 21.46 -36.45 6.18
C GLY G 81 22.23 -36.67 4.89
N ALA G 82 21.88 -37.73 4.17
CA ALA G 82 22.57 -38.09 2.92
C ALA G 82 21.68 -38.96 2.04
N ASN G 83 22.11 -39.19 0.80
CA ASN G 83 21.31 -39.98 -0.14
C ASN G 83 21.15 -41.44 0.28
N TYR G 84 19.95 -41.76 0.77
CA TYR G 84 19.66 -43.11 1.22
C TYR G 84 19.13 -44.00 0.10
N GLN G 85 19.92 -45.01 -0.25
CA GLN G 85 19.54 -45.99 -1.26
C GLN G 85 18.31 -46.74 -0.80
N VAL G 86 17.15 -46.38 -1.35
CA VAL G 86 15.89 -47.03 -0.95
C VAL G 86 15.51 -48.19 -1.85
N PRO G 87 15.34 -49.38 -1.25
CA PRO G 87 14.95 -50.57 -2.02
C PRO G 87 13.53 -50.39 -2.48
N MET G 88 13.17 -50.90 -3.65
CA MET G 88 11.76 -50.92 -4.06
C MET G 88 11.50 -51.78 -5.28
N GLU G 89 10.23 -52.00 -5.54
CA GLU G 89 9.79 -52.88 -6.60
C GLU G 89 10.27 -52.38 -7.94
N VAL G 90 10.20 -53.24 -8.96
CA VAL G 90 10.57 -52.84 -10.32
C VAL G 90 9.39 -53.08 -11.26
N SER G 91 8.59 -52.03 -11.46
CA SER G 91 7.34 -52.13 -12.18
C SER G 91 7.47 -52.60 -13.63
N PRO G 92 6.94 -53.80 -13.93
CA PRO G 92 7.03 -54.64 -15.12
C PRO G 92 7.59 -53.98 -16.39
N ARG G 93 7.05 -52.82 -16.79
CA ARG G 93 7.51 -52.12 -17.99
C ARG G 93 9.01 -51.78 -17.93
N ARG G 94 9.50 -51.60 -16.72
CA ARG G 94 10.90 -51.24 -16.46
C ARG G 94 11.80 -52.49 -16.44
N GLN G 95 11.29 -53.56 -15.87
CA GLN G 95 11.98 -54.84 -15.93
C GLN G 95 12.27 -55.18 -17.38
N GLN G 96 11.24 -54.99 -18.20
CA GLN G 96 11.32 -55.16 -19.64
C GLN G 96 12.52 -54.42 -20.19
N SER G 97 12.62 -53.13 -19.86
CA SER G 97 13.60 -52.26 -20.50
C SER G 97 14.97 -52.39 -19.89
N LEU G 98 15.03 -52.52 -18.57
CA LEU G 98 16.30 -52.74 -17.91
C LEU G 98 16.96 -53.98 -18.43
N ALA G 99 16.16 -55.00 -18.72
CA ALA G 99 16.69 -56.27 -19.19
C ALA G 99 17.25 -56.11 -20.59
N LEU G 100 16.44 -55.55 -21.47
CA LEU G 100 16.84 -55.34 -22.84
C LEU G 100 18.13 -54.54 -22.91
N ARG G 101 18.17 -53.45 -22.16
CA ARG G 101 19.33 -52.57 -22.17
C ARG G 101 20.58 -53.29 -21.69
N TRP G 102 20.55 -53.79 -20.46
CA TRP G 102 21.69 -54.47 -19.89
C TRP G 102 22.19 -55.52 -20.84
N LEU G 103 21.25 -56.25 -21.45
CA LEU G 103 21.63 -57.31 -22.37
C LEU G 103 22.55 -56.78 -23.44
N VAL G 104 22.16 -55.67 -24.05
CA VAL G 104 22.92 -55.14 -25.15
C VAL G 104 24.24 -54.60 -24.67
N GLN G 105 24.21 -53.84 -23.59
CA GLN G 105 25.44 -53.31 -23.02
C GLN G 105 26.43 -54.42 -22.71
N ALA G 106 25.94 -55.45 -22.00
CA ALA G 106 26.73 -56.62 -21.65
C ALA G 106 27.32 -57.28 -22.89
N ALA G 107 26.51 -57.30 -23.95
CA ALA G 107 26.90 -57.92 -25.22
C ALA G 107 28.11 -57.21 -25.77
N ASN G 108 28.09 -55.88 -25.69
CA ASN G 108 29.14 -55.09 -26.27
C ASN G 108 30.33 -54.92 -25.34
N GLN G 109 30.32 -55.64 -24.23
CA GLN G 109 31.48 -55.71 -23.35
C GLN G 109 32.38 -56.84 -23.81
N ARG G 110 31.75 -57.85 -24.39
CA ARG G 110 32.43 -59.09 -24.76
C ARG G 110 33.63 -58.86 -25.68
N PRO G 111 34.57 -59.85 -25.72
CA PRO G 111 35.80 -59.73 -26.50
C PRO G 111 35.57 -60.17 -27.93
N GLU G 112 34.42 -60.78 -28.19
CA GLU G 112 34.10 -61.32 -29.49
C GLU G 112 34.26 -60.25 -30.56
N ARG G 113 35.11 -60.54 -31.55
CA ARG G 113 35.52 -59.56 -32.54
C ARG G 113 34.41 -58.80 -33.26
N ARG G 114 33.30 -59.47 -33.59
CA ARG G 114 32.20 -58.80 -34.28
C ARG G 114 30.93 -58.85 -33.44
N ALA G 115 29.96 -58.00 -33.76
CA ALA G 115 28.68 -58.08 -33.10
C ALA G 115 27.94 -59.23 -33.74
N ALA G 116 26.74 -59.51 -33.23
CA ALA G 116 25.97 -60.72 -33.56
C ALA G 116 26.55 -61.90 -32.79
N VAL G 117 27.80 -62.25 -33.10
CA VAL G 117 28.55 -63.20 -32.28
C VAL G 117 28.54 -62.72 -30.83
N ARG G 118 28.80 -61.43 -30.63
CA ARG G 118 28.73 -60.88 -29.30
C ARG G 118 27.32 -61.05 -28.78
N ILE G 119 26.34 -60.71 -29.61
CA ILE G 119 24.94 -60.75 -29.18
C ILE G 119 24.50 -62.18 -28.88
N ALA G 120 24.78 -63.08 -29.83
CA ALA G 120 24.52 -64.51 -29.67
C ALA G 120 25.09 -65.04 -28.36
N HIS G 121 26.40 -64.95 -28.21
CA HIS G 121 27.05 -65.47 -27.01
C HIS G 121 26.54 -64.82 -25.73
N GLU G 122 26.09 -63.59 -25.81
CA GLU G 122 25.57 -62.94 -24.63
C GLU G 122 24.13 -63.35 -24.42
N LEU G 123 23.39 -63.50 -25.51
CA LEU G 123 22.02 -64.00 -25.45
C LEU G 123 22.01 -65.44 -24.93
N MET G 124 22.97 -66.24 -25.39
CA MET G 124 23.11 -67.63 -24.94
C MET G 124 23.49 -67.71 -23.47
N ASP G 125 24.65 -67.18 -23.12
CA ASP G 125 25.19 -67.25 -21.76
C ASP G 125 24.19 -66.82 -20.69
N ALA G 126 23.31 -65.91 -21.06
CA ALA G 126 22.33 -65.37 -20.14
C ALA G 126 21.17 -66.34 -19.93
N ALA G 127 20.88 -67.14 -20.96
CA ALA G 127 19.85 -68.17 -20.82
C ALA G 127 20.33 -69.18 -19.79
N GLU G 128 21.63 -69.48 -19.83
CA GLU G 128 22.26 -70.43 -18.89
C GLU G 128 22.49 -69.83 -17.50
N GLY G 129 21.92 -68.65 -17.25
CA GLY G 129 22.00 -68.00 -15.96
C GLY G 129 23.35 -67.36 -15.64
N LYS G 130 24.35 -67.65 -16.47
CA LYS G 130 25.68 -67.08 -16.29
C LYS G 130 25.89 -65.89 -17.22
N GLY G 131 27.14 -65.44 -17.31
CA GLY G 131 27.49 -64.35 -18.21
C GLY G 131 27.05 -63.01 -17.67
N GLY G 132 28.00 -62.12 -17.45
CA GLY G 132 27.73 -60.77 -16.97
C GLY G 132 26.67 -60.06 -17.78
N ALA G 133 25.72 -59.45 -17.06
CA ALA G 133 24.41 -58.98 -17.53
C ALA G 133 23.54 -59.41 -16.39
N VAL G 134 23.56 -60.72 -16.13
CA VAL G 134 22.99 -61.27 -14.93
C VAL G 134 23.82 -60.77 -13.75
N LYS G 135 25.08 -60.43 -14.01
CA LYS G 135 25.86 -59.70 -13.04
C LYS G 135 25.05 -58.49 -12.58
N LYS G 136 24.66 -57.63 -13.51
CA LYS G 136 23.90 -56.43 -13.14
C LYS G 136 22.66 -56.82 -12.37
N LYS G 137 21.83 -57.69 -12.94
CA LYS G 137 20.58 -58.11 -12.29
C LYS G 137 20.81 -58.53 -10.87
N GLU G 138 21.72 -59.48 -10.67
CA GLU G 138 21.99 -59.97 -9.34
C GLU G 138 22.67 -58.90 -8.47
N ASP G 139 23.67 -58.23 -9.02
CA ASP G 139 24.38 -57.24 -8.22
C ASP G 139 23.56 -55.99 -8.00
N VAL G 140 22.45 -55.86 -8.73
CA VAL G 140 21.47 -54.82 -8.44
C VAL G 140 20.64 -55.32 -7.27
N GLU G 141 19.90 -56.40 -7.48
CA GLU G 141 19.05 -56.99 -6.45
C GLU G 141 19.77 -57.24 -5.13
N ARG G 142 21.01 -57.68 -5.22
CA ARG G 142 21.78 -58.00 -4.04
C ARG G 142 22.15 -56.72 -3.33
N MET G 143 22.49 -55.70 -4.10
CA MET G 143 22.88 -54.41 -3.52
C MET G 143 21.65 -53.66 -2.99
N ALA G 144 20.53 -53.80 -3.69
CA ALA G 144 19.24 -53.38 -3.14
C ALA G 144 18.91 -54.44 -2.13
N GLU G 145 17.80 -54.29 -1.42
CA GLU G 145 17.46 -55.22 -0.35
C GLU G 145 18.52 -55.22 0.77
N ALA G 146 19.81 -55.36 0.44
CA ALA G 146 20.90 -55.19 1.42
C ALA G 146 20.79 -53.84 2.15
N ASN G 147 19.90 -52.97 1.65
CA ASN G 147 19.45 -51.78 2.35
C ASN G 147 18.02 -51.91 2.87
N ARG G 148 17.60 -53.15 3.14
CA ARG G 148 16.31 -53.47 3.77
C ARG G 148 15.97 -52.48 4.85
N ALA G 149 17.00 -52.12 5.61
CA ALA G 149 16.88 -51.20 6.73
C ALA G 149 16.13 -49.93 6.34
N TYR G 150 16.26 -49.52 5.09
CA TYR G 150 15.63 -48.30 4.61
C TYR G 150 14.44 -48.56 3.71
N ALA G 151 13.85 -49.74 3.80
CA ALA G 151 12.76 -50.08 2.89
C ALA G 151 11.44 -49.47 3.30
N HIS G 152 11.43 -48.73 4.41
CA HIS G 152 10.19 -48.13 4.89
C HIS G 152 9.85 -46.84 4.14
N TYR G 153 9.89 -46.94 2.82
CA TYR G 153 9.42 -45.88 1.93
C TYR G 153 8.81 -46.59 0.72
N ARG G 154 7.80 -47.42 1.01
CA ARG G 154 7.15 -48.32 0.05
C ARG G 154 6.71 -47.69 -1.30
N TRP G 155 6.00 -46.57 -1.24
CA TRP G 155 5.39 -45.90 -2.41
C TRP G 155 4.27 -46.73 -3.08
N MET H 1 -23.38 5.16 43.69
CA MET H 1 -24.68 5.81 43.84
C MET H 1 -24.94 6.77 42.67
N LEU H 2 -26.14 7.35 42.63
CA LEU H 2 -26.46 8.31 41.59
C LEU H 2 -25.98 9.69 41.97
N THR H 3 -24.84 10.12 41.43
CA THR H 3 -24.18 11.34 41.91
C THR H 3 -24.85 12.63 41.47
N ASP H 4 -25.29 12.69 40.23
CA ASP H 4 -26.07 13.80 39.75
C ASP H 4 -27.31 13.18 39.20
N PRO H 5 -28.47 13.52 39.78
CA PRO H 5 -29.73 12.93 39.35
C PRO H 5 -30.34 13.74 38.22
N ILE H 6 -29.88 14.97 38.07
CA ILE H 6 -30.35 15.80 36.97
C ILE H 6 -29.72 15.37 35.67
N ALA H 7 -28.41 15.16 35.70
CA ALA H 7 -27.72 14.69 34.53
C ALA H 7 -28.25 13.33 34.17
N ASP H 8 -28.55 12.55 35.20
CA ASP H 8 -29.13 11.24 34.96
C ASP H 8 -30.36 11.36 34.08
N MET H 9 -31.25 12.27 34.44
CA MET H 9 -32.44 12.51 33.65
C MET H 9 -32.11 13.05 32.28
N LEU H 10 -31.46 14.21 32.24
CA LEU H 10 -31.01 14.81 30.99
C LEU H 10 -30.46 13.77 30.02
N THR H 11 -29.57 12.95 30.54
CA THR H 11 -29.04 11.86 29.77
C THR H 11 -30.11 10.83 29.44
N ARG H 12 -30.78 10.30 30.46
CA ARG H 12 -31.82 9.28 30.27
C ARG H 12 -32.66 9.61 29.06
N ILE H 13 -32.92 10.90 28.89
CA ILE H 13 -33.73 11.46 27.82
C ILE H 13 -32.95 11.40 26.52
N ARG H 14 -31.72 11.90 26.55
CA ARG H 14 -30.86 11.90 25.38
C ARG H 14 -30.75 10.51 24.79
N ASN H 15 -30.52 9.56 25.69
CA ASN H 15 -30.40 8.18 25.30
C ASN H 15 -31.65 7.67 24.62
N ALA H 16 -32.80 7.87 25.27
CA ALA H 16 -34.08 7.39 24.76
C ALA H 16 -34.38 7.91 23.38
N THR H 17 -34.17 9.20 23.15
CA THR H 17 -34.53 9.79 21.88
C THR H 17 -33.71 9.27 20.70
N ARG H 18 -32.47 8.87 20.97
CA ARG H 18 -31.58 8.51 19.89
C ARG H 18 -31.91 7.13 19.33
N VAL H 19 -32.78 6.42 20.01
CA VAL H 19 -33.36 5.17 19.53
C VAL H 19 -34.87 5.30 19.37
N TYR H 20 -35.32 6.54 19.46
CA TYR H 20 -36.68 6.92 19.12
C TYR H 20 -37.76 6.24 19.97
N LYS H 21 -37.60 6.23 21.28
CA LYS H 21 -38.61 5.61 22.12
C LYS H 21 -39.87 6.47 22.07
N GLU H 22 -41.02 5.95 22.50
CA GLU H 22 -42.22 6.78 22.61
C GLU H 22 -42.20 7.59 23.90
N SER H 23 -41.72 6.97 24.96
CA SER H 23 -41.59 7.64 26.24
C SER H 23 -40.46 7.02 27.06
N THR H 24 -40.05 7.70 28.13
CA THR H 24 -39.06 7.18 29.06
C THR H 24 -39.36 7.55 30.52
N ASP H 25 -38.88 6.72 31.43
CA ASP H 25 -39.15 6.90 32.86
C ASP H 25 -37.94 7.47 33.59
N VAL H 26 -38.10 8.60 34.26
CA VAL H 26 -37.07 9.01 35.20
C VAL H 26 -37.64 8.87 36.61
N PRO H 27 -36.79 8.49 37.59
CA PRO H 27 -37.25 8.50 38.97
C PRO H 27 -37.39 9.96 39.40
N ALA H 28 -38.36 10.23 40.27
CA ALA H 28 -38.98 11.55 40.34
C ALA H 28 -38.48 12.50 41.42
N SER H 29 -38.47 13.78 41.10
CA SER H 29 -38.14 14.81 42.07
C SER H 29 -38.86 16.07 41.64
N ARG H 30 -39.19 16.95 42.57
CA ARG H 30 -39.91 18.13 42.14
C ARG H 30 -39.00 18.91 41.21
N PHE H 31 -37.73 18.95 41.58
CA PHE H 31 -36.76 19.75 40.81
C PHE H 31 -36.59 19.24 39.37
N LYS H 32 -36.56 17.92 39.21
CA LYS H 32 -36.52 17.27 37.90
C LYS H 32 -37.77 17.66 37.16
N GLU H 33 -38.88 17.60 37.88
CA GLU H 33 -40.19 17.86 37.32
C GLU H 33 -40.28 19.30 36.90
N GLU H 34 -39.71 20.17 37.72
CA GLU H 34 -39.79 21.59 37.45
C GLU H 34 -39.03 21.96 36.20
N ILE H 35 -38.22 21.03 35.70
CA ILE H 35 -37.45 21.22 34.48
C ILE H 35 -38.30 20.74 33.31
N LEU H 36 -38.77 19.50 33.38
CA LEU H 36 -39.72 18.98 32.40
C LEU H 36 -40.88 19.95 32.12
N ARG H 37 -41.28 20.75 33.11
CA ARG H 37 -42.32 21.74 32.93
C ARG H 37 -41.91 22.68 31.81
N ILE H 38 -40.61 23.00 31.78
CA ILE H 38 -40.03 23.92 30.81
C ILE H 38 -39.73 23.26 29.48
N LEU H 39 -39.17 22.06 29.56
CA LEU H 39 -38.94 21.27 28.37
C LEU H 39 -40.24 21.25 27.59
N ALA H 40 -41.30 20.88 28.30
CA ALA H 40 -42.65 20.78 27.73
C ALA H 40 -43.13 22.10 27.13
N ARG H 41 -43.11 23.14 27.95
CA ARG H 41 -43.56 24.44 27.52
C ARG H 41 -42.86 24.93 26.25
N GLU H 42 -41.56 24.71 26.16
CA GLU H 42 -40.80 25.28 25.07
C GLU H 42 -40.82 24.39 23.86
N GLY H 43 -41.53 23.29 23.97
CA GLY H 43 -41.77 22.41 22.83
C GLY H 43 -40.84 21.23 22.63
N PHE H 44 -40.10 20.84 23.66
CA PHE H 44 -39.04 19.88 23.45
C PHE H 44 -39.53 18.50 23.71
N ILE H 45 -40.65 18.39 24.40
CA ILE H 45 -41.22 17.06 24.65
C ILE H 45 -42.70 17.09 24.34
N LYS H 46 -43.40 16.03 24.64
CA LYS H 46 -44.82 16.12 24.48
C LYS H 46 -45.41 16.39 25.84
N GLY H 47 -44.56 16.33 26.86
CA GLY H 47 -45.03 16.46 28.22
C GLY H 47 -44.71 15.21 29.00
N TYR H 48 -45.10 15.18 30.26
CA TYR H 48 -44.71 14.11 31.14
C TYR H 48 -45.85 13.81 32.03
N GLU H 49 -45.66 12.88 32.96
CA GLU H 49 -46.69 12.61 33.93
C GLU H 49 -46.21 11.66 34.99
N ARG H 50 -46.66 11.90 36.20
CA ARG H 50 -46.26 11.07 37.30
C ARG H 50 -46.91 9.71 37.18
N VAL H 51 -46.18 8.75 36.66
CA VAL H 51 -46.65 7.39 36.69
C VAL H 51 -46.19 6.78 37.99
N ASP H 52 -46.11 5.46 38.05
CA ASP H 52 -45.70 4.81 39.28
C ASP H 52 -45.22 3.38 39.09
N VAL H 53 -43.91 3.18 38.94
CA VAL H 53 -43.36 1.83 38.71
C VAL H 53 -42.93 1.07 39.97
N ASP H 54 -43.53 -0.11 40.16
CA ASP H 54 -43.27 -0.97 41.31
C ASP H 54 -43.46 -0.28 42.66
N GLY H 55 -44.33 0.71 42.69
CA GLY H 55 -44.70 1.35 43.94
C GLY H 55 -43.76 2.44 44.38
N LYS H 56 -42.92 2.91 43.47
CA LYS H 56 -42.04 4.03 43.73
C LYS H 56 -42.19 5.04 42.59
N PRO H 57 -42.10 6.33 42.91
CA PRO H 57 -42.65 7.40 42.06
C PRO H 57 -41.74 7.88 40.94
N TYR H 58 -42.19 7.71 39.68
CA TYR H 58 -41.43 8.11 38.50
C TYR H 58 -42.14 9.19 37.69
N LEU H 59 -41.39 9.88 36.85
CA LEU H 59 -41.98 10.83 35.90
C LEU H 59 -41.78 10.33 34.49
N ARG H 60 -42.82 9.75 33.90
CA ARG H 60 -42.76 9.32 32.51
C ARG H 60 -42.65 10.52 31.57
N VAL H 61 -41.57 10.65 30.83
CA VAL H 61 -41.47 11.73 29.85
C VAL H 61 -41.93 11.22 28.49
N TYR H 62 -42.73 12.00 27.78
CA TYR H 62 -43.20 11.60 26.45
C TYR H 62 -42.44 12.36 25.37
N LEU H 63 -41.63 11.62 24.61
CA LEU H 63 -40.67 12.18 23.66
C LEU H 63 -41.33 12.58 22.35
N LYS H 64 -40.60 13.36 21.56
CA LYS H 64 -41.17 14.03 20.39
C LYS H 64 -40.11 14.16 19.29
N TYR H 65 -40.44 13.71 18.08
CA TYR H 65 -39.46 13.67 16.99
C TYR H 65 -39.95 14.38 15.77
N GLY H 66 -39.16 14.34 14.71
CA GLY H 66 -39.56 14.97 13.46
C GLY H 66 -40.51 14.08 12.70
N PRO H 67 -40.72 14.39 11.41
CA PRO H 67 -41.38 13.45 10.49
C PRO H 67 -40.33 12.53 9.84
N ARG H 68 -40.76 11.37 9.35
CA ARG H 68 -39.92 10.42 8.59
C ARG H 68 -39.24 11.10 7.40
N ARG H 69 -38.03 10.69 7.02
CA ARG H 69 -37.31 11.46 6.00
C ARG H 69 -37.07 10.75 4.65
N GLN H 70 -36.25 11.37 3.82
CA GLN H 70 -36.03 10.91 2.45
C GLN H 70 -34.69 10.15 2.20
N GLY H 71 -34.60 9.49 1.05
CA GLY H 71 -33.39 8.77 0.70
C GLY H 71 -33.10 7.63 1.65
N PRO H 72 -31.82 7.17 1.71
CA PRO H 72 -31.46 6.14 2.68
C PRO H 72 -31.58 6.76 4.04
N ASP H 73 -31.78 5.97 5.10
CA ASP H 73 -32.00 6.54 6.45
C ASP H 73 -33.20 7.51 6.55
N PRO H 74 -34.38 6.96 6.82
CA PRO H 74 -35.62 7.70 7.02
C PRO H 74 -35.86 8.06 8.48
N ARG H 75 -34.93 7.75 9.37
CA ARG H 75 -35.13 8.13 10.77
C ARG H 75 -35.27 9.64 10.84
N PRO H 76 -36.30 10.09 11.56
CA PRO H 76 -36.76 11.48 11.54
C PRO H 76 -35.79 12.36 12.24
N GLU H 77 -35.89 13.68 12.03
CA GLU H 77 -35.05 14.64 12.73
C GLU H 77 -35.43 14.62 14.20
N GLN H 78 -34.46 14.87 15.07
CA GLN H 78 -34.75 14.91 16.50
C GLN H 78 -35.25 16.30 16.81
N VAL H 79 -36.01 16.44 17.87
CA VAL H 79 -36.48 17.77 18.26
C VAL H 79 -35.47 18.34 19.23
N ILE H 80 -35.10 17.51 20.20
CA ILE H 80 -33.97 17.75 21.11
C ILE H 80 -32.72 17.30 20.37
N HIS H 81 -32.17 18.21 19.58
CA HIS H 81 -30.97 17.90 18.86
C HIS H 81 -29.91 17.53 19.89
N HIS H 82 -29.81 18.38 20.92
CA HIS H 82 -28.65 18.49 21.81
C HIS H 82 -29.10 18.97 23.17
N ILE H 83 -28.58 18.36 24.22
CA ILE H 83 -29.03 18.65 25.57
C ILE H 83 -27.95 18.21 26.55
N ARG H 84 -27.38 19.16 27.30
CA ARG H 84 -26.21 18.87 28.11
C ARG H 84 -26.13 19.67 29.39
N ARG H 85 -25.79 18.99 30.49
CA ARG H 85 -25.60 19.61 31.82
C ARG H 85 -24.47 20.59 31.85
N ILE H 86 -24.72 21.80 32.34
CA ILE H 86 -23.67 22.80 32.47
C ILE H 86 -23.10 22.76 33.86
N SER H 87 -23.90 23.15 34.85
CA SER H 87 -23.44 23.14 36.22
C SER H 87 -23.43 21.69 36.66
N LYS H 88 -22.40 21.25 37.36
CA LYS H 88 -22.38 19.87 37.92
C LYS H 88 -21.78 19.90 39.32
N PRO H 89 -21.86 18.80 40.07
CA PRO H 89 -21.17 18.81 41.36
C PRO H 89 -19.63 18.98 41.27
N GLY H 90 -19.06 19.73 42.20
CA GLY H 90 -17.63 19.95 42.11
C GLY H 90 -17.25 20.72 40.86
N ARG H 91 -18.25 21.21 40.14
CA ARG H 91 -18.13 22.40 39.31
C ARG H 91 -19.46 23.14 39.06
N ARG H 92 -19.96 23.75 40.13
CA ARG H 92 -21.18 24.53 40.06
C ARG H 92 -20.95 25.81 39.21
N VAL H 93 -21.92 26.14 38.37
CA VAL H 93 -21.80 27.28 37.47
C VAL H 93 -22.94 28.28 37.68
N TYR H 94 -22.59 29.48 38.14
CA TYR H 94 -23.56 30.50 38.49
C TYR H 94 -23.41 31.69 37.58
N VAL H 95 -24.48 32.35 37.20
CA VAL H 95 -24.27 33.48 36.31
C VAL H 95 -25.07 34.70 36.72
N GLY H 96 -24.52 35.88 36.47
CA GLY H 96 -25.29 37.09 36.65
C GLY H 96 -26.31 37.21 35.55
N VAL H 97 -27.30 38.07 35.73
CA VAL H 97 -28.29 38.27 34.67
C VAL H 97 -27.59 38.84 33.42
N LYS H 98 -26.51 39.56 33.63
CA LYS H 98 -25.78 40.09 32.50
C LYS H 98 -24.94 39.02 31.82
N GLU H 99 -24.92 37.81 32.39
CA GLU H 99 -24.09 36.72 31.87
C GLU H 99 -24.90 35.51 31.39
N ILE H 100 -26.22 35.58 31.41
CA ILE H 100 -26.99 34.44 30.91
C ILE H 100 -26.85 34.33 29.39
N PRO H 101 -26.26 33.23 28.93
CA PRO H 101 -25.86 32.96 27.54
C PRO H 101 -26.98 32.93 26.50
N ARG H 102 -26.76 33.54 25.33
CA ARG H 102 -27.66 33.41 24.18
C ARG H 102 -27.37 32.10 23.44
N VAL H 103 -28.13 31.05 23.74
CA VAL H 103 -27.96 29.74 23.11
C VAL H 103 -28.46 29.66 21.65
N ARG H 104 -27.52 29.44 20.73
CA ARG H 104 -27.81 29.29 19.31
C ARG H 104 -28.59 30.45 18.81
N ARG H 105 -28.17 31.66 19.15
CA ARG H 105 -28.99 32.83 18.86
C ARG H 105 -30.44 32.53 19.19
N GLY H 106 -30.69 31.95 20.36
CA GLY H 106 -32.05 31.74 20.85
C GLY H 106 -32.85 30.62 20.22
N LEU H 107 -32.26 29.98 19.22
CA LEU H 107 -32.89 28.83 18.62
C LEU H 107 -32.98 27.68 19.63
N GLY H 108 -32.25 27.82 20.73
CA GLY H 108 -32.27 26.85 21.80
C GLY H 108 -32.43 27.55 23.12
N ILE H 109 -32.74 26.79 24.16
CA ILE H 109 -32.94 27.37 25.49
C ILE H 109 -31.76 27.09 26.40
N ALA H 110 -31.79 27.65 27.60
CA ALA H 110 -30.85 27.35 28.66
C ALA H 110 -31.59 27.48 29.99
N ILE H 111 -32.18 26.40 30.48
CA ILE H 111 -32.83 26.37 31.79
C ILE H 111 -31.88 26.75 32.93
N LEU H 112 -32.23 27.73 33.75
CA LEU H 112 -31.44 27.99 34.95
C LEU H 112 -32.32 28.18 36.18
N SER H 113 -31.75 27.98 37.36
CA SER H 113 -32.50 27.94 38.59
C SER H 113 -32.18 29.19 39.36
N THR H 114 -33.20 30.02 39.60
CA THR H 114 -33.04 31.28 40.32
C THR H 114 -33.92 31.28 41.56
N SER H 115 -33.75 32.28 42.41
CA SER H 115 -34.62 32.45 43.56
C SER H 115 -36.07 32.85 43.18
N LYS H 116 -36.31 33.15 41.91
CA LYS H 116 -37.69 33.27 41.44
C LYS H 116 -38.12 31.94 40.85
N GLY H 117 -37.25 30.94 40.97
CA GLY H 117 -37.55 29.59 40.52
C GLY H 117 -36.90 29.21 39.21
N VAL H 118 -37.20 28.01 38.71
CA VAL H 118 -36.60 27.50 37.49
C VAL H 118 -37.05 28.31 36.27
N LEU H 119 -36.16 28.62 35.33
CA LEU H 119 -36.51 29.58 34.30
C LEU H 119 -35.70 29.41 33.05
N THR H 120 -36.25 29.78 31.90
CA THR H 120 -35.48 29.76 30.67
C THR H 120 -34.50 30.92 30.62
N ASP H 121 -33.66 30.98 29.59
CA ASP H 121 -32.81 32.15 29.41
C ASP H 121 -33.63 33.40 29.21
N ARG H 122 -34.52 33.39 28.21
CA ARG H 122 -35.37 34.54 27.92
C ARG H 122 -36.17 34.96 29.15
N GLU H 123 -36.58 33.98 29.94
CA GLU H 123 -37.41 34.22 31.11
C GLU H 123 -36.70 35.07 32.15
N ALA H 124 -35.52 34.64 32.57
CA ALA H 124 -34.72 35.40 33.54
C ALA H 124 -34.24 36.76 33.04
N ARG H 125 -33.77 36.85 31.81
CA ARG H 125 -33.26 38.12 31.34
C ARG H 125 -34.38 39.15 31.30
N LYS H 126 -35.54 38.75 30.80
CA LYS H 126 -36.68 39.66 30.76
C LYS H 126 -37.47 39.64 32.08
N LEU H 127 -36.76 39.35 33.17
CA LEU H 127 -37.34 39.28 34.51
C LEU H 127 -36.27 39.65 35.54
N GLY H 128 -35.04 39.85 35.06
CA GLY H 128 -33.97 40.46 35.84
C GLY H 128 -33.13 39.65 36.81
N VAL H 129 -33.16 38.32 36.71
CA VAL H 129 -32.35 37.53 37.63
C VAL H 129 -31.25 36.73 36.98
N GLY H 130 -30.53 36.00 37.81
CA GLY H 130 -29.48 35.12 37.36
C GLY H 130 -29.54 33.97 38.33
N GLY H 131 -28.70 32.95 38.13
CA GLY H 131 -28.72 31.81 39.00
C GLY H 131 -27.75 30.75 38.58
N GLU H 132 -28.04 29.51 38.95
CA GLU H 132 -27.23 28.35 38.60
C GLU H 132 -27.64 27.91 37.23
N LEU H 133 -26.74 28.07 36.27
CA LEU H 133 -26.97 27.64 34.90
C LEU H 133 -27.06 26.11 34.81
N ILE H 134 -28.26 25.55 34.70
CA ILE H 134 -28.40 24.10 34.77
C ILE H 134 -27.94 23.35 33.53
N CYS H 135 -28.43 23.76 32.36
CA CYS H 135 -28.20 22.98 31.15
C CYS H 135 -28.67 23.70 29.88
N GLU H 136 -27.94 23.50 28.79
CA GLU H 136 -28.39 24.03 27.52
C GLU H 136 -29.18 22.96 26.84
N VAL H 137 -30.16 23.35 26.03
CA VAL H 137 -30.96 22.41 25.26
C VAL H 137 -31.19 23.04 23.91
N TRP H 138 -30.89 22.35 22.82
CA TRP H 138 -31.18 22.94 21.52
C TRP H 138 -31.51 21.97 20.43
N GLU I 1 -10.06 -55.62 -64.79
CA GLU I 1 -8.66 -55.89 -65.09
C GLU I 1 -7.72 -55.14 -64.17
N GLN I 2 -7.97 -53.83 -64.01
CA GLN I 2 -7.07 -52.92 -63.30
C GLN I 2 -7.56 -52.58 -61.88
N TYR I 3 -6.63 -52.23 -60.99
CA TYR I 3 -6.98 -51.66 -59.67
C TYR I 3 -5.89 -50.71 -59.16
N TYR I 4 -6.30 -49.60 -58.55
CA TYR I 4 -5.35 -48.51 -58.31
C TYR I 4 -5.47 -47.77 -56.97
N GLY I 5 -4.31 -47.48 -56.38
CA GLY I 5 -4.21 -46.65 -55.20
C GLY I 5 -2.97 -45.78 -55.26
N THR I 6 -2.97 -44.67 -54.52
CA THR I 6 -1.83 -43.76 -54.51
C THR I 6 -0.82 -44.06 -53.39
N GLY I 7 -0.97 -43.44 -52.22
CA GLY I 7 -0.07 -43.75 -51.13
C GLY I 7 1.11 -42.82 -50.97
N ARG I 8 1.28 -42.30 -49.76
CA ARG I 8 2.30 -41.29 -49.48
C ARG I 8 2.87 -41.32 -48.07
N ARG I 9 4.14 -40.98 -47.96
CA ARG I 9 4.83 -41.02 -46.69
C ARG I 9 6.11 -40.20 -46.78
N LYS I 10 6.14 -39.04 -46.10
CA LYS I 10 7.25 -38.12 -46.20
C LYS I 10 7.49 -37.78 -47.67
N GLU I 11 6.58 -37.01 -48.25
CA GLU I 11 6.62 -36.64 -49.68
C GLU I 11 6.94 -37.75 -50.68
N ALA I 12 7.17 -38.96 -50.18
CA ALA I 12 7.37 -40.12 -51.03
C ALA I 12 6.02 -40.60 -51.55
N VAL I 13 5.90 -40.71 -52.87
CA VAL I 13 4.65 -41.14 -53.49
C VAL I 13 4.84 -42.42 -54.31
N ALA I 14 4.10 -43.45 -53.93
CA ALA I 14 4.05 -44.68 -54.70
C ALA I 14 2.83 -44.65 -55.61
N ARG I 15 2.87 -45.42 -56.70
CA ARG I 15 1.69 -45.63 -57.55
C ARG I 15 1.45 -47.11 -57.58
N VAL I 16 0.27 -47.55 -57.15
CA VAL I 16 0.03 -48.98 -57.10
C VAL I 16 -1.04 -49.41 -58.09
N PHE I 17 -0.71 -50.44 -58.87
CA PHE I 17 -1.61 -51.00 -59.85
C PHE I 17 -1.76 -52.49 -59.58
N LEU I 18 -2.89 -52.87 -59.01
CA LEU I 18 -3.19 -54.28 -58.79
C LEU I 18 -3.80 -54.94 -60.03
N ARG I 19 -3.38 -56.17 -60.30
CA ARG I 19 -3.91 -56.94 -61.40
C ARG I 19 -4.02 -58.39 -60.94
N PRO I 20 -5.05 -59.10 -61.42
CA PRO I 20 -5.17 -60.52 -61.07
C PRO I 20 -3.88 -61.22 -61.46
N GLY I 21 -3.39 -62.15 -60.63
CA GLY I 21 -2.12 -62.76 -60.97
C GLY I 21 -1.52 -63.79 -60.04
N ASN I 22 -0.21 -63.65 -59.83
CA ASN I 22 0.59 -64.72 -59.26
C ASN I 22 1.45 -64.30 -58.07
N GLY I 23 1.49 -62.99 -57.81
CA GLY I 23 2.24 -62.46 -56.67
C GLY I 23 3.52 -61.75 -57.05
N LYS I 24 3.75 -61.59 -58.35
CA LYS I 24 5.00 -61.02 -58.83
C LYS I 24 4.91 -59.51 -58.94
N VAL I 25 5.49 -58.84 -57.94
CA VAL I 25 5.46 -57.39 -57.83
C VAL I 25 6.59 -56.75 -58.63
N THR I 26 6.35 -55.55 -59.17
CA THR I 26 7.39 -54.87 -59.95
C THR I 26 7.42 -53.36 -59.73
N VAL I 27 8.49 -52.91 -59.07
CA VAL I 27 8.63 -51.50 -58.71
C VAL I 27 9.68 -50.81 -59.58
N ASN I 28 9.23 -49.80 -60.33
CA ASN I 28 10.12 -49.02 -61.18
C ASN I 28 10.93 -49.86 -62.14
N GLY I 29 10.23 -50.64 -62.96
CA GLY I 29 10.86 -51.49 -63.95
C GLY I 29 11.84 -52.46 -63.33
N GLN I 30 11.45 -53.08 -62.22
CA GLN I 30 12.33 -53.97 -61.47
C GLN I 30 11.59 -54.91 -60.53
N ASP I 31 12.22 -56.04 -60.24
CA ASP I 31 11.70 -56.97 -59.25
C ASP I 31 11.66 -56.30 -57.88
N PHE I 32 10.52 -56.45 -57.19
CA PHE I 32 10.31 -55.90 -55.85
C PHE I 32 11.42 -56.29 -54.91
N ASN I 33 11.98 -57.47 -55.15
CA ASN I 33 12.93 -58.05 -54.22
C ASN I 33 14.35 -57.74 -54.62
N GLU I 34 14.51 -57.05 -55.74
CA GLU I 34 15.84 -56.60 -56.12
C GLU I 34 15.90 -55.08 -56.31
N TYR I 35 14.83 -54.38 -55.90
CA TYR I 35 14.90 -52.92 -55.75
C TYR I 35 14.98 -52.54 -54.26
N PHE I 36 14.33 -53.34 -53.43
CA PHE I 36 14.45 -53.20 -51.99
C PHE I 36 15.42 -54.25 -51.52
N GLN I 37 16.51 -54.39 -52.26
CA GLN I 37 17.47 -55.43 -51.97
C GLN I 37 18.16 -55.17 -50.65
N GLY I 38 18.03 -56.12 -49.72
CA GLY I 38 18.77 -56.08 -48.48
C GLY I 38 18.11 -55.26 -47.39
N LEU I 39 17.10 -54.50 -47.74
CA LEU I 39 16.37 -53.74 -46.74
C LEU I 39 15.39 -54.67 -46.03
N VAL I 40 15.65 -54.98 -44.77
CA VAL I 40 14.80 -55.89 -43.99
C VAL I 40 13.37 -55.41 -43.78
N ARG I 41 13.08 -54.17 -44.15
CA ARG I 41 11.70 -53.70 -44.17
C ARG I 41 11.02 -54.33 -45.38
N ALA I 42 10.76 -53.51 -46.40
CA ALA I 42 10.43 -54.02 -47.73
C ALA I 42 9.27 -55.02 -47.73
N VAL I 43 9.56 -56.22 -47.25
CA VAL I 43 8.57 -57.29 -47.13
C VAL I 43 7.40 -56.84 -46.27
N ALA I 44 7.57 -55.67 -45.67
CA ALA I 44 6.60 -55.05 -44.80
C ALA I 44 5.62 -54.17 -45.60
N ALA I 45 5.93 -53.93 -46.87
CA ALA I 45 5.09 -53.08 -47.71
C ALA I 45 3.92 -53.86 -48.28
N LEU I 46 3.92 -55.16 -48.04
CA LEU I 46 2.91 -56.04 -48.60
C LEU I 46 1.97 -56.50 -47.51
N GLU I 47 2.23 -56.07 -46.28
CA GLU I 47 1.41 -56.44 -45.14
C GLU I 47 -0.11 -56.30 -45.31
N PRO I 48 -0.58 -55.32 -46.12
CA PRO I 48 -2.03 -55.36 -46.38
C PRO I 48 -2.47 -56.65 -47.09
N LEU I 49 -1.61 -57.18 -47.96
CA LEU I 49 -1.93 -58.41 -48.67
C LEU I 49 -1.99 -59.63 -47.74
N ARG I 50 -0.86 -60.02 -47.16
CA ARG I 50 -0.85 -61.18 -46.27
C ARG I 50 -1.67 -60.99 -44.99
N ALA I 51 -2.78 -60.27 -45.10
CA ALA I 51 -3.67 -59.98 -43.99
C ALA I 51 -5.08 -59.69 -44.49
N VAL I 52 -5.30 -59.89 -45.79
CA VAL I 52 -6.64 -59.95 -46.36
C VAL I 52 -6.70 -61.11 -47.36
N ASP I 53 -5.73 -62.02 -47.26
CA ASP I 53 -5.54 -63.08 -48.25
C ASP I 53 -5.40 -62.49 -49.66
N ALA I 54 -4.16 -62.27 -50.08
CA ALA I 54 -3.91 -61.76 -51.42
C ALA I 54 -2.62 -62.36 -51.93
N LEU I 55 -1.53 -61.62 -51.80
CA LEU I 55 -0.21 -62.06 -52.22
C LEU I 55 -0.24 -62.59 -53.65
N GLY I 56 -0.29 -63.92 -53.76
CA GLY I 56 -0.20 -64.62 -55.04
C GLY I 56 -1.48 -64.73 -55.82
N ARG I 57 -2.59 -64.26 -55.25
CA ARG I 57 -3.83 -64.14 -56.00
C ARG I 57 -3.75 -62.90 -56.92
N PHE I 58 -2.79 -62.02 -56.64
CA PHE I 58 -2.68 -60.70 -57.26
C PHE I 58 -1.32 -60.38 -57.86
N ASP I 59 -1.28 -59.47 -58.84
CA ASP I 59 0.01 -58.95 -59.30
C ASP I 59 0.02 -57.44 -59.20
N ALA I 60 1.22 -56.85 -59.20
CA ALA I 60 1.33 -55.41 -58.97
C ALA I 60 2.55 -54.75 -59.61
N TYR I 61 2.30 -53.71 -60.41
CA TYR I 61 3.35 -52.89 -60.98
C TYR I 61 3.23 -51.47 -60.41
N ILE I 62 4.38 -50.85 -60.15
CA ILE I 62 4.45 -49.70 -59.23
C ILE I 62 5.40 -48.56 -59.66
N THR I 63 4.88 -47.35 -59.75
CA THR I 63 5.70 -46.17 -59.96
C THR I 63 5.99 -45.47 -58.62
N VAL I 64 7.26 -45.13 -58.39
CA VAL I 64 7.72 -44.62 -57.10
C VAL I 64 8.81 -43.58 -57.30
N ARG I 65 8.69 -42.44 -56.65
CA ARG I 65 9.72 -41.41 -56.69
C ARG I 65 9.54 -40.41 -55.57
N GLY I 66 10.66 -39.92 -55.04
CA GLY I 66 10.65 -38.93 -53.98
C GLY I 66 10.98 -39.57 -52.65
N GLY I 67 12.11 -39.17 -52.07
CA GLY I 67 12.49 -39.66 -50.76
C GLY I 67 13.58 -40.70 -50.72
N GLY I 68 13.40 -41.68 -49.86
CA GLY I 68 14.34 -42.76 -49.66
C GLY I 68 13.55 -44.04 -49.43
N LYS I 69 14.14 -45.17 -49.79
CA LYS I 69 13.36 -46.39 -49.96
C LYS I 69 12.44 -46.82 -48.81
N SER I 70 12.70 -46.33 -47.59
CA SER I 70 11.82 -46.70 -46.46
C SER I 70 10.51 -45.93 -46.49
N GLY I 71 10.56 -44.69 -46.94
CA GLY I 71 9.35 -43.93 -47.15
C GLY I 71 8.67 -44.54 -48.37
N GLN I 72 9.47 -44.79 -49.40
CA GLN I 72 9.00 -45.43 -50.61
C GLN I 72 8.37 -46.76 -50.26
N ILE I 73 8.92 -47.44 -49.27
CA ILE I 73 8.30 -48.67 -48.78
C ILE I 73 6.93 -48.41 -48.16
N ASP I 74 6.84 -47.46 -47.25
CA ASP I 74 5.57 -47.19 -46.58
C ASP I 74 4.52 -46.62 -47.54
N ALA I 75 4.96 -45.86 -48.55
CA ALA I 75 4.02 -45.24 -49.49
C ALA I 75 3.40 -46.28 -50.39
N ILE I 76 4.10 -47.40 -50.53
CA ILE I 76 3.59 -48.56 -51.23
C ILE I 76 2.58 -49.25 -50.34
N LYS I 77 3.02 -49.62 -49.14
CA LYS I 77 2.15 -50.17 -48.11
C LYS I 77 0.76 -49.53 -48.07
N LEU I 78 0.73 -48.22 -48.29
CA LEU I 78 -0.54 -47.49 -48.38
C LEU I 78 -1.19 -47.74 -49.73
N GLY I 79 -0.48 -47.37 -50.79
CA GLY I 79 -1.00 -47.43 -52.14
C GLY I 79 -1.66 -48.73 -52.53
N ILE I 80 -1.18 -49.83 -51.95
CA ILE I 80 -1.79 -51.13 -52.18
C ILE I 80 -3.14 -51.25 -51.47
N ALA I 81 -3.17 -50.94 -50.17
CA ALA I 81 -4.40 -50.99 -49.39
C ALA I 81 -5.50 -50.13 -50.00
N ARG I 82 -5.10 -49.10 -50.73
CA ARG I 82 -6.02 -48.23 -51.44
C ARG I 82 -6.56 -48.92 -52.68
N ALA I 83 -5.67 -49.47 -53.49
CA ALA I 83 -6.07 -50.20 -54.70
C ALA I 83 -6.92 -51.39 -54.32
N LEU I 84 -6.64 -51.92 -53.14
CA LEU I 84 -7.34 -53.09 -52.61
C LEU I 84 -8.72 -52.73 -52.07
N VAL I 85 -8.99 -51.43 -51.95
CA VAL I 85 -10.31 -50.97 -51.56
C VAL I 85 -11.10 -50.66 -52.83
N GLN I 86 -10.36 -50.26 -53.87
CA GLN I 86 -10.94 -50.04 -55.19
C GLN I 86 -11.44 -51.37 -55.75
N TYR I 87 -10.92 -52.44 -55.18
CA TYR I 87 -11.47 -53.78 -55.35
C TYR I 87 -12.70 -53.88 -54.45
N ASN I 88 -12.88 -55.06 -53.86
CA ASN I 88 -13.90 -55.25 -52.84
C ASN I 88 -13.77 -54.17 -51.77
N PRO I 89 -14.78 -53.28 -51.66
CA PRO I 89 -14.72 -52.17 -50.70
C PRO I 89 -14.95 -52.68 -49.27
N ASP I 90 -15.45 -53.91 -49.16
CA ASP I 90 -15.61 -54.55 -47.87
C ASP I 90 -14.25 -54.83 -47.23
N TYR I 91 -13.20 -54.72 -48.03
CA TYR I 91 -11.82 -54.72 -47.51
C TYR I 91 -11.58 -53.46 -46.70
N ARG I 92 -11.95 -53.53 -45.42
CA ARG I 92 -11.91 -52.41 -44.51
C ARG I 92 -12.38 -53.00 -43.21
N ALA I 93 -13.35 -53.90 -43.32
CA ALA I 93 -13.88 -54.67 -42.21
C ALA I 93 -12.73 -55.20 -41.39
N LYS I 94 -11.89 -55.99 -42.03
CA LYS I 94 -10.65 -56.44 -41.40
C LYS I 94 -9.45 -55.92 -42.18
N LEU I 95 -9.33 -54.59 -42.26
CA LEU I 95 -8.21 -53.94 -42.93
C LEU I 95 -7.92 -52.58 -42.30
N LYS I 96 -8.98 -51.83 -42.02
CA LYS I 96 -8.87 -50.55 -41.32
C LYS I 96 -8.40 -50.67 -39.86
N PRO I 97 -8.97 -51.61 -39.07
CA PRO I 97 -8.52 -51.76 -37.68
C PRO I 97 -7.03 -52.09 -37.52
N LEU I 98 -6.36 -52.40 -38.63
CA LEU I 98 -4.95 -52.77 -38.59
C LEU I 98 -4.06 -51.59 -38.98
N GLY I 99 -4.69 -50.52 -39.46
CA GLY I 99 -3.98 -49.31 -39.81
C GLY I 99 -4.07 -49.01 -41.29
N PHE I 100 -3.01 -49.41 -42.00
CA PHE I 100 -2.97 -49.47 -43.47
C PHE I 100 -3.63 -48.33 -44.26
N LEU I 101 -4.89 -48.03 -43.95
CA LEU I 101 -5.62 -46.99 -44.67
C LEU I 101 -5.31 -45.61 -44.10
N THR I 102 -4.50 -45.58 -43.05
CA THR I 102 -4.08 -44.32 -42.45
C THR I 102 -2.92 -43.75 -43.26
N ARG I 103 -2.67 -42.45 -43.14
CA ARG I 103 -1.56 -41.84 -43.86
C ARG I 103 -0.63 -41.13 -42.88
N ASP I 104 0.48 -41.76 -42.54
CA ASP I 104 1.41 -41.20 -41.56
C ASP I 104 1.86 -39.81 -41.96
N ALA I 105 1.24 -38.82 -41.32
CA ALA I 105 1.43 -37.43 -41.70
C ALA I 105 2.65 -36.84 -41.03
N ARG I 106 3.48 -37.70 -40.43
CA ARG I 106 4.74 -37.28 -39.84
C ARG I 106 5.72 -36.79 -40.90
N VAL I 107 6.18 -35.56 -40.77
CA VAL I 107 7.01 -34.94 -41.79
C VAL I 107 8.19 -34.27 -41.12
N VAL I 108 9.31 -34.18 -41.83
CA VAL I 108 10.49 -33.48 -41.32
C VAL I 108 10.23 -32.05 -40.85
N GLU I 109 10.54 -31.81 -39.57
CA GLU I 109 10.30 -30.53 -38.92
C GLU I 109 11.27 -29.43 -39.37
N ARG I 110 10.72 -28.25 -39.59
CA ARG I 110 11.45 -27.08 -40.05
C ARG I 110 12.67 -26.75 -39.21
N LYS I 111 13.79 -26.44 -39.84
CA LYS I 111 14.95 -25.91 -39.12
C LYS I 111 14.69 -24.49 -38.65
N LYS I 112 14.87 -24.21 -37.36
CA LYS I 112 14.56 -22.90 -36.80
C LYS I 112 15.80 -22.13 -36.34
N TYR I 113 15.79 -20.82 -36.54
CA TYR I 113 16.95 -20.00 -36.19
C TYR I 113 17.25 -20.07 -34.70
N GLY I 114 18.51 -19.85 -34.35
CA GLY I 114 18.90 -19.83 -32.96
C GLY I 114 18.98 -21.22 -32.39
N LYS I 115 18.65 -22.21 -33.20
CA LYS I 115 18.91 -23.59 -32.85
C LYS I 115 19.76 -24.18 -33.96
N HIS I 116 20.47 -25.25 -33.66
CA HIS I 116 21.23 -25.92 -34.69
C HIS I 116 20.34 -26.76 -35.60
N LYS I 117 19.28 -27.32 -35.05
CA LYS I 117 18.60 -28.42 -35.72
C LYS I 117 17.10 -28.44 -35.48
N ALA I 118 16.48 -27.26 -35.50
CA ALA I 118 15.08 -27.10 -35.12
C ALA I 118 14.88 -27.19 -33.61
N ARG I 119 15.18 -28.34 -33.02
CA ARG I 119 15.02 -28.44 -31.59
C ARG I 119 16.33 -28.40 -30.83
N ARG I 120 17.38 -29.02 -31.36
CA ARG I 120 18.65 -28.97 -30.67
C ARG I 120 19.08 -27.51 -30.52
N ALA I 121 19.01 -27.02 -29.30
CA ALA I 121 19.41 -25.67 -29.00
C ALA I 121 20.93 -25.63 -28.75
N PRO I 122 21.57 -24.47 -28.91
CA PRO I 122 23.01 -24.39 -28.74
C PRO I 122 23.38 -24.50 -27.29
N GLN I 123 24.48 -25.15 -26.96
CA GLN I 123 24.82 -25.31 -25.56
C GLN I 123 25.39 -24.03 -24.97
N TYR I 124 25.45 -23.92 -23.65
CA TYR I 124 26.01 -22.71 -23.06
C TYR I 124 26.76 -22.89 -21.75
N SER I 125 27.22 -21.76 -21.21
CA SER I 125 28.26 -21.74 -20.21
C SER I 125 27.82 -21.53 -18.76
N LYS I 126 27.46 -20.31 -18.41
CA LYS I 126 27.53 -19.92 -17.00
C LYS I 126 26.24 -19.51 -16.29
N ARG I 127 25.33 -20.47 -16.08
CA ARG I 127 24.09 -20.22 -15.30
C ARG I 127 24.12 -20.81 -13.88
N LYS J 1 4.38 -22.61 -82.74
CA LYS J 1 4.95 -21.87 -81.63
C LYS J 1 4.40 -20.45 -81.54
N ILE J 2 4.09 -20.03 -80.32
CA ILE J 2 3.62 -18.70 -79.99
C ILE J 2 3.88 -18.49 -78.51
N ARG J 3 5.15 -18.65 -78.11
CA ARG J 3 5.55 -18.64 -76.70
C ARG J 3 4.98 -17.44 -75.95
N ILE J 4 4.25 -17.70 -74.87
CA ILE J 4 3.72 -16.59 -74.06
C ILE J 4 3.72 -16.87 -72.53
N LYS J 5 4.91 -16.77 -71.93
CA LYS J 5 5.10 -17.08 -70.50
C LYS J 5 4.95 -15.85 -69.63
N LEU J 6 4.01 -15.92 -68.68
CA LEU J 6 3.64 -14.78 -67.85
C LEU J 6 4.23 -14.90 -66.45
N ARG J 7 4.92 -13.85 -65.99
CA ARG J 7 5.55 -13.89 -64.67
C ARG J 7 5.58 -12.55 -63.95
N GLY J 8 5.01 -12.53 -62.75
CA GLY J 8 5.04 -11.37 -61.87
C GLY J 8 5.17 -11.76 -60.40
N PHE J 9 4.82 -10.83 -59.51
CA PHE J 9 4.91 -11.08 -58.07
C PHE J 9 3.56 -11.40 -57.42
N ASP J 10 2.46 -11.27 -58.16
CA ASP J 10 1.14 -11.55 -57.59
C ASP J 10 0.29 -12.52 -58.40
N HIS J 11 -0.38 -13.43 -57.72
CA HIS J 11 -1.13 -14.50 -58.37
C HIS J 11 -2.60 -14.17 -58.62
N LYS J 12 -3.13 -13.21 -57.89
CA LYS J 12 -4.47 -12.73 -58.17
C LYS J 12 -4.38 -12.01 -59.52
N THR J 13 -3.26 -11.33 -59.70
CA THR J 13 -3.00 -10.45 -60.83
C THR J 13 -2.43 -11.25 -62.00
N LEU J 14 -2.28 -12.55 -61.80
CA LEU J 14 -1.96 -13.45 -62.91
C LEU J 14 -3.18 -14.27 -63.20
N ASP J 15 -4.32 -13.64 -63.03
CA ASP J 15 -5.58 -14.16 -63.56
C ASP J 15 -6.08 -13.07 -64.46
N ALA J 16 -5.75 -11.84 -64.10
CA ALA J 16 -5.95 -10.69 -64.97
C ALA J 16 -4.84 -10.67 -66.01
N SER J 17 -4.40 -11.86 -66.41
CA SER J 17 -3.29 -12.00 -67.32
C SER J 17 -3.47 -13.26 -68.13
N ALA J 18 -4.29 -14.18 -67.62
CA ALA J 18 -4.55 -15.44 -68.30
C ALA J 18 -5.99 -15.54 -68.75
N GLN J 19 -6.88 -14.83 -68.06
CA GLN J 19 -8.31 -14.89 -68.36
C GLN J 19 -8.66 -14.09 -69.61
N LYS J 20 -8.36 -12.80 -69.61
CA LYS J 20 -8.59 -11.98 -70.78
C LYS J 20 -7.64 -12.35 -71.95
N ILE J 21 -6.49 -12.94 -71.60
CA ILE J 21 -5.54 -13.40 -72.61
C ILE J 21 -5.97 -14.77 -73.17
N VAL J 22 -7.00 -15.35 -72.56
CA VAL J 22 -7.69 -16.50 -73.15
C VAL J 22 -9.09 -16.12 -73.62
N GLU J 23 -9.83 -15.39 -72.79
CA GLU J 23 -11.13 -14.86 -73.21
C GLU J 23 -10.95 -13.82 -74.32
N ALA J 24 -10.51 -14.30 -75.48
CA ALA J 24 -10.32 -13.49 -76.68
C ALA J 24 -10.26 -14.43 -77.87
N ALA J 25 -9.66 -15.59 -77.62
CA ALA J 25 -9.62 -16.66 -78.60
C ALA J 25 -10.04 -17.97 -77.93
N ARG J 26 -10.89 -17.86 -76.90
CA ARG J 26 -11.37 -19.03 -76.14
C ARG J 26 -12.46 -19.77 -76.91
N ARG J 27 -13.70 -19.30 -76.81
CA ARG J 27 -14.83 -19.93 -77.49
C ARG J 27 -15.14 -19.22 -78.80
N SER J 28 -14.59 -18.02 -78.94
CA SER J 28 -14.69 -17.27 -80.19
C SER J 28 -13.30 -16.80 -80.65
N GLY J 29 -12.73 -17.52 -81.61
CA GLY J 29 -11.39 -17.25 -82.10
C GLY J 29 -10.62 -18.50 -82.53
N ALA J 30 -9.95 -19.15 -81.57
CA ALA J 30 -9.06 -20.27 -81.86
C ALA J 30 -9.24 -21.47 -80.90
N GLN J 31 -8.34 -21.61 -79.93
CA GLN J 31 -8.40 -22.74 -79.01
C GLN J 31 -7.69 -22.50 -77.65
N VAL J 32 -6.39 -22.18 -77.70
CA VAL J 32 -5.56 -21.91 -76.53
C VAL J 32 -5.25 -23.14 -75.66
N SER J 33 -3.99 -23.25 -75.23
CA SER J 33 -3.52 -24.42 -74.47
C SER J 33 -3.77 -24.32 -72.95
N GLY J 34 -4.63 -23.39 -72.53
CA GLY J 34 -4.98 -23.24 -71.13
C GLY J 34 -3.84 -22.71 -70.28
N PRO J 35 -4.16 -21.94 -69.24
CA PRO J 35 -3.10 -21.36 -68.40
C PRO J 35 -2.42 -22.39 -67.49
N ILE J 36 -1.21 -22.83 -67.83
CA ILE J 36 -0.55 -23.86 -67.05
C ILE J 36 0.42 -23.30 -66.01
N PRO J 37 0.15 -23.59 -64.72
CA PRO J 37 0.83 -23.17 -63.49
C PRO J 37 2.33 -22.88 -63.60
N LEU J 38 3.18 -23.90 -63.68
CA LEU J 38 4.65 -23.71 -63.69
C LEU J 38 5.18 -23.24 -62.34
N PRO J 39 6.10 -24.03 -61.76
CA PRO J 39 6.57 -23.83 -60.39
C PRO J 39 7.21 -22.46 -60.22
N THR J 40 7.10 -21.91 -59.01
CA THR J 40 7.55 -20.54 -58.74
C THR J 40 8.91 -20.53 -58.06
N ARG J 41 9.62 -19.40 -58.16
CA ARG J 41 10.91 -19.26 -57.51
C ARG J 41 10.87 -18.20 -56.41
N VAL J 42 11.21 -18.62 -55.20
CA VAL J 42 11.19 -17.74 -54.03
C VAL J 42 12.61 -17.43 -53.58
N ARG J 43 12.84 -16.21 -53.11
CA ARG J 43 14.17 -15.84 -52.64
C ARG J 43 14.07 -15.36 -51.20
N ARG J 44 14.77 -16.04 -50.30
CA ARG J 44 14.73 -15.69 -48.88
C ARG J 44 15.90 -14.80 -48.49
N PHE J 45 15.59 -13.80 -47.68
CA PHE J 45 16.57 -12.94 -47.07
C PHE J 45 16.39 -13.15 -45.59
N THR J 46 17.49 -13.30 -44.87
CA THR J 46 17.36 -13.51 -43.44
C THR J 46 18.13 -12.50 -42.61
N VAL J 47 17.49 -11.35 -42.49
CA VAL J 47 18.03 -10.27 -41.72
C VAL J 47 17.85 -10.53 -40.24
N ILE J 48 18.89 -10.18 -39.51
CA ILE J 48 18.98 -10.13 -38.05
C ILE J 48 18.08 -9.00 -37.57
N ARG J 49 17.20 -9.28 -36.62
CA ARG J 49 16.17 -8.32 -36.23
C ARG J 49 16.64 -6.95 -35.74
N GLY J 50 17.60 -6.90 -34.82
CA GLY J 50 18.10 -5.61 -34.39
C GLY J 50 19.32 -5.16 -35.19
N PRO J 51 19.69 -3.89 -35.05
CA PRO J 51 21.06 -3.56 -35.43
C PRO J 51 21.91 -4.09 -34.30
N PHE J 52 23.21 -4.30 -34.51
CA PHE J 52 24.10 -4.61 -33.37
C PHE J 52 23.78 -5.78 -32.40
N LYS J 53 24.59 -6.83 -32.51
CA LYS J 53 24.49 -8.07 -31.75
C LYS J 53 23.11 -8.71 -31.72
N HIS J 54 22.81 -9.44 -30.65
CA HIS J 54 21.62 -10.27 -30.60
C HIS J 54 21.61 -11.23 -31.77
N LYS J 55 22.61 -12.12 -31.79
CA LYS J 55 22.88 -13.05 -32.89
C LYS J 55 21.68 -13.87 -33.34
N ASP J 56 20.72 -14.03 -32.45
CA ASP J 56 19.81 -15.15 -32.48
C ASP J 56 18.34 -14.76 -32.63
N SER J 57 18.05 -13.63 -33.26
CA SER J 57 16.66 -13.27 -33.49
C SER J 57 16.29 -13.49 -34.94
N ARG J 58 16.81 -12.66 -35.84
CA ARG J 58 16.46 -12.80 -37.26
C ARG J 58 14.95 -12.66 -37.64
N GLU J 59 14.67 -12.51 -38.94
CA GLU J 59 13.31 -12.43 -39.43
C GLU J 59 13.33 -12.66 -40.93
N HIS J 60 12.51 -13.60 -41.40
CA HIS J 60 12.56 -14.07 -42.80
C HIS J 60 11.65 -13.35 -43.82
N PHE J 61 12.24 -12.88 -44.91
CA PHE J 61 11.47 -12.32 -46.02
C PHE J 61 11.57 -13.24 -47.24
N GLU J 62 10.68 -13.02 -48.20
CA GLU J 62 10.66 -13.84 -49.40
C GLU J 62 10.13 -13.01 -50.57
N LEU J 63 10.51 -13.36 -51.78
CA LEU J 63 10.10 -12.63 -52.97
C LEU J 63 9.60 -13.59 -54.05
N ARG J 64 8.36 -14.06 -53.90
CA ARG J 64 7.84 -15.12 -54.75
C ARG J 64 7.57 -14.64 -56.17
N THR J 65 8.05 -15.39 -57.17
CA THR J 65 7.85 -15.05 -58.60
C THR J 65 6.98 -16.07 -59.33
N HIS J 66 5.68 -15.82 -59.42
CA HIS J 66 4.73 -16.80 -59.93
C HIS J 66 4.64 -16.83 -61.46
N ASN J 67 4.39 -18.02 -62.03
CA ASN J 67 4.41 -18.20 -63.49
C ASN J 67 3.13 -18.81 -64.09
N ARG J 68 2.98 -18.72 -65.42
CA ARG J 68 1.89 -19.35 -66.19
C ARG J 68 2.33 -19.57 -67.65
N LEU J 69 1.65 -20.46 -68.39
CA LEU J 69 2.10 -20.85 -69.73
C LEU J 69 1.28 -20.35 -70.94
N VAL J 70 -0.02 -20.63 -70.95
CA VAL J 70 -0.93 -20.17 -72.01
C VAL J 70 -0.73 -20.80 -73.40
N ASP J 71 0.19 -20.26 -74.20
CA ASP J 71 0.48 -20.75 -75.57
C ASP J 71 -0.73 -21.00 -76.49
N ILE J 72 -1.10 -19.97 -77.24
CA ILE J 72 -2.26 -19.95 -78.13
C ILE J 72 -2.11 -20.83 -79.39
N ILE J 73 -2.49 -22.10 -79.31
CA ILE J 73 -2.42 -22.99 -80.49
C ILE J 73 -3.35 -22.51 -81.61
N ASN J 74 -2.93 -22.71 -82.86
CA ASN J 74 -3.65 -22.24 -84.08
C ASN J 74 -4.00 -20.74 -84.10
N PRO J 75 -3.05 -19.93 -84.57
CA PRO J 75 -3.08 -18.46 -84.46
C PRO J 75 -3.63 -17.71 -85.68
N ASN J 76 -4.93 -17.48 -85.71
CA ASN J 76 -5.47 -16.55 -86.69
C ASN J 76 -5.00 -15.16 -86.28
N ARG J 77 -4.84 -14.28 -87.25
CA ARG J 77 -4.30 -12.96 -86.96
C ARG J 77 -5.35 -11.95 -86.48
N LYS J 78 -6.62 -12.33 -86.55
CA LYS J 78 -7.69 -11.45 -86.07
C LYS J 78 -7.68 -11.37 -84.55
N THR J 79 -7.54 -12.52 -83.89
CA THR J 79 -7.43 -12.54 -82.43
C THR J 79 -6.18 -11.76 -82.00
N ILE J 80 -5.11 -11.88 -82.78
CA ILE J 80 -3.83 -11.23 -82.50
C ILE J 80 -3.92 -9.71 -82.31
N GLU J 81 -4.59 -9.04 -83.24
CA GLU J 81 -4.81 -7.60 -83.13
C GLU J 81 -5.69 -7.28 -81.94
N GLN J 82 -6.43 -8.27 -81.45
CA GLN J 82 -7.23 -8.10 -80.26
C GLN J 82 -6.44 -8.49 -79.02
N LEU J 83 -5.61 -9.54 -79.14
CA LEU J 83 -4.79 -10.02 -78.04
C LEU J 83 -3.59 -9.12 -77.75
N MET J 84 -2.85 -8.73 -78.78
CA MET J 84 -1.66 -7.90 -78.59
C MET J 84 -1.96 -6.44 -78.21
N THR J 85 -3.21 -6.03 -78.34
CA THR J 85 -3.60 -4.66 -78.00
C THR J 85 -4.76 -4.62 -77.00
N LEU J 86 -4.67 -5.47 -75.98
CA LEU J 86 -5.58 -5.42 -74.83
C LEU J 86 -4.84 -5.89 -73.57
N ASP J 87 -4.77 -5.01 -72.57
CA ASP J 87 -4.06 -5.28 -71.32
C ASP J 87 -4.81 -4.78 -70.09
N LEU J 88 -4.26 -5.02 -68.90
CA LEU J 88 -4.88 -4.55 -67.65
C LEU J 88 -3.95 -4.41 -66.42
N PRO J 89 -3.16 -5.46 -66.09
CA PRO J 89 -2.44 -5.37 -64.81
C PRO J 89 -1.08 -4.69 -64.92
N THR J 90 -0.68 -3.99 -63.86
CA THR J 90 0.57 -3.24 -63.84
C THR J 90 1.81 -4.12 -63.59
N GLY J 91 1.90 -4.71 -62.40
CA GLY J 91 3.05 -5.53 -62.04
C GLY J 91 3.12 -6.92 -62.67
N VAL J 92 2.93 -6.98 -63.99
CA VAL J 92 3.05 -8.24 -64.75
C VAL J 92 4.02 -8.08 -65.93
N GLU J 93 4.63 -9.18 -66.37
CA GLU J 93 5.50 -9.16 -67.53
C GLU J 93 5.18 -10.26 -68.53
N ILE J 94 5.51 -10.00 -69.80
CA ILE J 94 5.25 -10.95 -70.88
C ILE J 94 6.51 -11.29 -71.66
N GLU J 95 6.58 -12.53 -72.11
CA GLU J 95 7.67 -12.98 -72.95
C GLU J 95 7.02 -13.58 -74.19
N ILE J 96 7.53 -13.22 -75.36
CA ILE J 96 6.97 -13.73 -76.61
C ILE J 96 8.05 -14.17 -77.62
N LYS J 97 8.21 -15.48 -77.78
CA LYS J 97 9.23 -16.02 -78.70
C LYS J 97 8.78 -17.27 -79.45
N THR J 98 8.12 -17.07 -80.60
CA THR J 98 7.68 -18.19 -81.44
C THR J 98 8.87 -19.00 -81.98
N LYS K 1 18.00 -74.89 27.75
CA LYS K 1 17.84 -76.20 28.37
C LYS K 1 17.00 -76.12 29.65
N ARG K 2 15.70 -75.92 29.48
CA ARG K 2 14.80 -75.75 30.61
C ARG K 2 13.41 -76.26 30.31
N GLN K 3 13.01 -76.16 29.05
CA GLN K 3 11.68 -76.55 28.59
C GLN K 3 10.56 -75.78 29.29
N VAL K 4 10.41 -74.50 28.94
CA VAL K 4 9.38 -73.66 29.56
C VAL K 4 8.07 -73.63 28.78
N ALA K 5 8.12 -74.02 27.51
CA ALA K 5 6.94 -74.12 26.65
C ALA K 5 6.24 -72.80 26.48
N SER K 6 5.73 -72.27 27.59
CA SER K 6 5.03 -70.99 27.62
C SER K 6 5.81 -69.94 28.41
N GLY K 7 5.65 -68.69 28.04
CA GLY K 7 6.30 -67.59 28.74
C GLY K 7 5.80 -66.22 28.29
N ARG K 8 6.60 -65.18 28.56
CA ARG K 8 6.26 -63.83 28.13
C ARG K 8 7.36 -63.19 27.31
N ALA K 9 6.98 -62.44 26.28
CA ALA K 9 7.91 -61.62 25.53
C ALA K 9 7.62 -60.11 25.71
N TYR K 10 8.53 -59.41 26.39
CA TYR K 10 8.46 -57.98 26.54
C TYR K 10 9.15 -57.32 25.36
N ILE K 11 8.39 -56.57 24.56
CA ILE K 11 8.98 -55.75 23.51
C ILE K 11 9.17 -54.39 24.11
N HIS K 12 10.34 -53.79 23.94
CA HIS K 12 10.55 -52.47 24.49
C HIS K 12 10.83 -51.46 23.39
N ALA K 13 9.81 -50.75 22.94
CA ALA K 13 9.93 -49.83 21.81
C ALA K 13 10.63 -48.56 22.22
N SER K 14 11.28 -47.93 21.27
CA SER K 14 11.98 -46.69 21.56
C SER K 14 12.43 -46.10 20.25
N TYR K 15 12.62 -44.79 20.22
CA TYR K 15 12.95 -44.12 18.98
C TYR K 15 14.38 -44.37 18.55
N ASN K 16 15.16 -44.96 19.45
CA ASN K 16 16.61 -45.08 19.23
C ASN K 16 17.14 -46.50 18.98
N ASN K 17 16.26 -47.48 19.24
CA ASN K 17 16.56 -48.91 19.29
C ASN K 17 15.33 -49.64 19.78
N THR K 18 15.24 -50.94 19.52
CA THR K 18 14.11 -51.74 20.00
C THR K 18 14.65 -52.99 20.63
N ILE K 19 14.24 -53.30 21.86
CA ILE K 19 14.76 -54.51 22.49
C ILE K 19 13.69 -55.44 23.03
N VAL K 20 13.97 -56.75 22.97
CA VAL K 20 12.96 -57.76 23.22
C VAL K 20 13.45 -58.84 24.17
N THR K 21 12.86 -58.88 25.34
CA THR K 21 13.22 -59.86 26.34
C THR K 21 12.19 -60.95 26.30
N ILE K 22 12.63 -62.20 26.29
CA ILE K 22 11.72 -63.34 26.46
C ILE K 22 11.87 -63.94 27.87
N THR K 23 10.76 -64.39 28.43
CA THR K 23 10.73 -64.58 29.86
C THR K 23 9.81 -65.73 30.31
N ASP K 24 10.23 -66.45 31.34
CA ASP K 24 9.41 -67.50 31.89
C ASP K 24 8.20 -66.84 32.56
N PRO K 25 7.07 -67.56 32.67
CA PRO K 25 5.81 -66.94 33.10
C PRO K 25 5.82 -66.26 34.48
N ASP K 26 7.00 -66.08 35.07
CA ASP K 26 7.13 -65.31 36.30
C ASP K 26 7.95 -64.07 36.07
N GLY K 27 8.36 -63.88 34.81
CA GLY K 27 9.07 -62.67 34.44
C GLY K 27 10.59 -62.76 34.44
N ASN K 28 11.14 -63.93 34.80
CA ASN K 28 12.59 -64.12 34.72
C ASN K 28 13.01 -64.40 33.30
N PRO K 29 14.04 -63.69 32.84
CA PRO K 29 14.50 -63.76 31.44
C PRO K 29 14.96 -65.15 30.99
N ILE K 30 14.73 -65.44 29.73
CA ILE K 30 15.20 -66.68 29.14
C ILE K 30 16.32 -66.31 28.20
N THR K 31 16.01 -65.33 27.34
CA THR K 31 16.96 -64.77 26.37
C THR K 31 16.48 -63.39 26.00
N TRP K 32 17.33 -62.64 25.28
CA TRP K 32 16.92 -61.33 24.80
C TRP K 32 17.61 -60.94 23.49
N SER K 33 17.27 -59.75 23.02
CA SER K 33 17.87 -59.22 21.82
C SER K 33 17.65 -57.71 21.70
N SER K 34 18.18 -57.13 20.63
CA SER K 34 17.97 -55.73 20.37
C SER K 34 18.56 -55.51 19.00
N GLY K 35 18.61 -54.26 18.56
CA GLY K 35 19.17 -53.95 17.27
C GLY K 35 20.69 -54.02 17.26
N GLY K 36 21.31 -53.81 18.42
CA GLY K 36 22.76 -53.94 18.48
C GLY K 36 23.16 -55.40 18.42
N VAL K 37 22.47 -56.20 19.22
CA VAL K 37 22.66 -57.63 19.24
C VAL K 37 22.51 -58.21 17.85
N ILE K 38 21.53 -57.73 17.09
CA ILE K 38 21.32 -58.20 15.71
C ILE K 38 22.52 -57.92 14.83
N GLY K 39 23.11 -56.74 14.98
CA GLY K 39 24.31 -56.38 14.25
C GLY K 39 24.51 -54.89 14.07
N TYR K 40 23.38 -54.18 13.95
CA TYR K 40 23.36 -52.75 13.64
C TYR K 40 24.12 -51.86 14.62
N LYS K 41 24.82 -50.86 14.07
CA LYS K 41 25.59 -49.92 14.86
C LYS K 41 24.59 -48.92 15.41
N GLY K 42 25.03 -47.71 15.73
CA GLY K 42 24.10 -46.68 16.16
C GLY K 42 23.14 -46.34 15.04
N SER K 43 21.93 -45.91 15.41
CA SER K 43 21.00 -45.26 14.48
C SER K 43 20.15 -46.10 13.55
N ARG K 44 20.65 -47.24 13.08
CA ARG K 44 19.77 -48.13 12.34
C ARG K 44 18.87 -48.84 13.34
N LYS K 45 19.45 -49.62 14.24
CA LYS K 45 18.78 -50.16 15.45
C LYS K 45 17.32 -49.75 15.73
N GLY K 46 17.05 -48.45 15.67
CA GLY K 46 15.70 -47.96 15.90
C GLY K 46 14.79 -48.35 14.76
N THR K 47 15.36 -48.53 13.58
CA THR K 47 14.60 -48.85 12.38
C THR K 47 13.68 -50.04 12.59
N PRO K 48 12.52 -50.03 11.91
CA PRO K 48 11.59 -51.17 11.89
C PRO K 48 12.25 -52.47 11.48
N TYR K 49 13.16 -52.44 10.51
CA TYR K 49 13.82 -53.68 10.13
C TYR K 49 14.56 -54.29 11.29
N ALA K 50 15.33 -53.47 11.99
CA ALA K 50 16.07 -53.92 13.16
C ALA K 50 15.17 -54.69 14.08
N ALA K 51 14.05 -54.07 14.43
CA ALA K 51 13.08 -54.69 15.31
C ALA K 51 12.57 -56.03 14.77
N GLN K 52 12.56 -56.18 13.47
CA GLN K 52 12.05 -57.42 12.93
C GLN K 52 12.99 -58.55 13.30
N LEU K 53 14.26 -58.42 12.96
CA LEU K 53 15.22 -59.49 13.27
C LEU K 53 15.49 -59.61 14.78
N ALA K 54 15.51 -58.46 15.46
CA ALA K 54 15.59 -58.41 16.91
C ALA K 54 14.58 -59.37 17.51
N ALA K 55 13.31 -59.19 17.18
CA ALA K 55 12.28 -60.08 17.71
C ALA K 55 12.46 -61.53 17.25
N LEU K 56 12.80 -61.72 15.97
CA LEU K 56 12.99 -63.06 15.43
C LEU K 56 14.16 -63.78 16.10
N ASP K 57 15.26 -63.05 16.26
CA ASP K 57 16.43 -63.55 16.98
C ASP K 57 15.97 -64.09 18.32
N ALA K 58 15.45 -63.18 19.14
CA ALA K 58 14.99 -63.51 20.48
C ALA K 58 14.10 -64.75 20.50
N ALA K 59 13.15 -64.84 19.57
CA ALA K 59 12.26 -66.00 19.53
C ALA K 59 13.00 -67.25 19.10
N LYS K 60 13.86 -67.14 18.09
CA LYS K 60 14.65 -68.30 17.70
C LYS K 60 15.47 -68.80 18.89
N LYS K 61 16.07 -67.86 19.62
CA LYS K 61 16.85 -68.19 20.81
C LYS K 61 16.01 -68.83 21.91
N ALA K 62 14.71 -68.58 21.86
CA ALA K 62 13.83 -69.04 22.90
C ALA K 62 13.19 -70.35 22.49
N MET K 63 13.15 -70.62 21.20
CA MET K 63 12.65 -71.90 20.72
C MET K 63 13.61 -72.96 21.20
N ALA K 64 14.85 -72.57 21.41
CA ALA K 64 15.88 -73.44 21.93
C ALA K 64 15.52 -74.00 23.31
N TYR K 65 14.99 -73.16 24.19
CA TYR K 65 14.51 -73.64 25.48
C TYR K 65 13.12 -74.23 25.30
N GLY K 66 12.78 -74.51 24.04
CA GLY K 66 11.58 -75.24 23.71
C GLY K 66 10.29 -74.53 24.03
N MET K 67 10.27 -73.21 23.84
CA MET K 67 9.07 -72.41 23.97
C MET K 67 8.12 -72.71 22.83
N GLN K 68 6.83 -72.74 23.11
CA GLN K 68 5.85 -72.98 22.08
C GLN K 68 5.00 -71.73 21.84
N SER K 69 4.81 -70.95 22.89
CA SER K 69 3.91 -69.79 22.88
C SER K 69 4.28 -68.76 23.94
N VAL K 70 3.99 -67.48 23.67
CA VAL K 70 4.28 -66.40 24.62
C VAL K 70 3.19 -65.35 24.71
N ASP K 71 3.21 -64.61 25.80
CA ASP K 71 2.37 -63.43 25.94
C ASP K 71 3.19 -62.20 25.62
N VAL K 72 2.61 -61.26 24.90
CA VAL K 72 3.34 -60.08 24.50
C VAL K 72 3.01 -58.84 25.33
N ILE K 73 4.05 -58.22 25.87
CA ILE K 73 3.91 -56.96 26.56
C ILE K 73 4.76 -55.98 25.79
N VAL K 74 4.16 -54.87 25.39
CA VAL K 74 4.90 -53.87 24.64
C VAL K 74 4.89 -52.56 25.41
N ARG K 75 6.07 -51.96 25.54
CA ARG K 75 6.17 -50.69 26.22
C ARG K 75 7.03 -49.87 25.34
N GLY K 76 6.71 -48.60 25.24
CA GLY K 76 7.44 -47.72 24.35
C GLY K 76 6.53 -47.32 23.23
N THR K 77 6.91 -46.25 22.54
CA THR K 77 6.10 -45.70 21.45
C THR K 77 6.96 -45.58 20.21
N GLY K 78 8.10 -46.27 20.23
CA GLY K 78 9.09 -46.11 19.19
C GLY K 78 8.64 -46.53 17.81
N ALA K 79 9.54 -46.34 16.84
CA ALA K 79 9.35 -46.89 15.51
C ALA K 79 9.54 -48.37 15.65
N GLY K 80 8.92 -49.14 14.77
CA GLY K 80 9.11 -50.58 14.77
C GLY K 80 8.61 -51.26 16.03
N ARG K 81 7.66 -50.62 16.69
CA ARG K 81 6.97 -51.22 17.80
C ARG K 81 6.12 -52.36 17.26
N GLU K 82 5.49 -52.13 16.12
CA GLU K 82 4.58 -53.11 15.54
C GLU K 82 5.34 -54.22 14.83
N GLN K 83 6.40 -53.87 14.12
CA GLN K 83 7.19 -54.84 13.38
C GLN K 83 7.76 -55.91 14.28
N ALA K 84 8.06 -55.53 15.52
CA ALA K 84 8.48 -56.48 16.53
C ALA K 84 7.34 -57.46 16.85
N ILE K 85 6.11 -56.95 16.84
CA ILE K 85 4.94 -57.76 17.15
C ILE K 85 4.56 -58.63 15.97
N ARG K 86 4.64 -58.06 14.77
CA ARG K 86 4.34 -58.84 13.58
C ARG K 86 5.29 -60.01 13.57
N ALA K 87 6.57 -59.71 13.80
CA ALA K 87 7.63 -60.71 13.67
C ALA K 87 7.47 -61.84 14.66
N LEU K 88 6.94 -61.53 15.84
CA LEU K 88 6.71 -62.56 16.84
C LEU K 88 5.51 -63.41 16.43
N GLN K 89 4.57 -62.84 15.69
CA GLN K 89 3.45 -63.63 15.21
C GLN K 89 3.96 -64.63 14.17
N ALA K 90 4.62 -64.11 13.13
CA ALA K 90 5.21 -64.93 12.07
C ALA K 90 6.44 -65.74 12.54
N SER K 91 6.70 -65.70 13.85
CA SER K 91 7.87 -66.35 14.41
C SER K 91 7.65 -67.84 14.58
N GLY K 92 6.38 -68.25 14.60
CA GLY K 92 6.06 -69.64 14.85
C GLY K 92 5.68 -69.86 16.30
N LEU K 93 6.21 -69.03 17.18
CA LEU K 93 5.68 -68.93 18.53
C LEU K 93 4.20 -68.57 18.44
N GLN K 94 3.39 -69.07 19.36
CA GLN K 94 1.99 -68.67 19.37
C GLN K 94 1.79 -67.49 20.30
N VAL K 95 1.44 -66.36 19.70
CA VAL K 95 1.14 -65.16 20.47
C VAL K 95 -0.25 -65.28 21.08
N LYS K 96 -0.29 -65.48 22.39
CA LYS K 96 -1.55 -65.72 23.07
C LYS K 96 -2.25 -64.40 23.40
N SER K 97 -1.49 -63.31 23.48
CA SER K 97 -2.05 -62.00 23.79
C SER K 97 -1.08 -60.89 23.40
N ILE K 98 -1.56 -59.65 23.37
CA ILE K 98 -0.68 -58.49 23.26
C ILE K 98 -1.19 -57.46 24.24
N VAL K 99 -0.32 -56.78 24.98
CA VAL K 99 -0.82 -55.75 25.90
C VAL K 99 0.05 -54.50 25.96
N ASP K 100 -0.50 -53.34 25.62
CA ASP K 100 0.28 -52.13 25.79
C ASP K 100 0.42 -51.87 27.28
N ASP K 101 1.54 -51.29 27.66
CA ASP K 101 1.87 -51.17 29.06
C ASP K 101 2.93 -50.11 29.27
N THR K 102 3.10 -49.24 28.29
CA THR K 102 4.06 -48.16 28.40
C THR K 102 3.81 -47.42 29.71
N PRO K 103 4.85 -47.22 30.53
CA PRO K 103 4.58 -46.59 31.82
C PRO K 103 4.42 -45.09 31.66
N VAL K 104 3.47 -44.53 32.38
CA VAL K 104 3.33 -43.10 32.41
C VAL K 104 3.07 -42.62 33.82
N PRO K 105 3.71 -41.50 34.21
CA PRO K 105 3.50 -40.92 35.53
C PRO K 105 2.20 -40.14 35.58
N HIS K 106 1.63 -40.09 36.78
CA HIS K 106 0.46 -39.26 37.04
C HIS K 106 0.95 -37.86 37.39
N ASN K 107 1.79 -37.34 36.49
CA ASN K 107 2.59 -36.14 36.68
C ASN K 107 3.59 -36.22 37.81
N GLY K 108 4.78 -36.72 37.53
CA GLY K 108 5.71 -37.06 38.57
C GLY K 108 6.99 -36.25 38.53
N CYS K 109 7.90 -36.62 37.64
CA CYS K 109 9.19 -35.95 37.58
C CYS K 109 9.25 -34.99 36.43
N ARG K 110 10.02 -33.91 36.60
CA ARG K 110 10.19 -32.98 35.52
C ARG K 110 10.95 -33.65 34.38
N PRO K 111 10.32 -33.69 33.22
CA PRO K 111 10.95 -34.19 32.01
C PRO K 111 12.25 -33.47 31.68
N LYS K 112 13.09 -34.09 30.86
CA LYS K 112 14.26 -33.43 30.34
C LYS K 112 13.73 -32.36 29.41
N LYS K 113 14.50 -31.29 29.21
CA LYS K 113 14.00 -30.20 28.40
C LYS K 113 13.62 -30.62 27.00
N LYS K 114 14.24 -31.69 26.48
CA LYS K 114 13.86 -32.14 25.14
C LYS K 114 12.46 -32.71 25.13
N PHE K 115 11.88 -32.98 26.28
CA PHE K 115 10.52 -33.50 26.32
C PHE K 115 9.52 -32.57 27.00
N ARG K 116 9.82 -31.29 27.01
CA ARG K 116 9.02 -30.36 27.78
C ARG K 116 8.01 -29.61 26.92
N LYS K 117 8.35 -29.46 25.64
CA LYS K 117 7.50 -28.76 24.69
C LYS K 117 7.23 -27.34 25.20
N ALA K 118 6.04 -27.15 25.77
CA ALA K 118 5.67 -25.88 26.39
C ALA K 118 4.89 -26.17 27.68
N SER K 119 3.77 -25.47 27.85
CA SER K 119 2.86 -25.72 28.97
C SER K 119 1.54 -26.29 28.46
N PRO L 1 -8.01 15.92 33.50
CA PRO L 1 -8.24 15.50 34.88
C PRO L 1 -9.54 16.07 35.43
N THR L 2 -9.91 15.64 36.64
CA THR L 2 -11.13 16.17 37.23
C THR L 2 -10.82 17.60 37.61
N ILE L 3 -11.84 18.41 37.84
CA ILE L 3 -11.62 19.79 38.24
C ILE L 3 -10.96 19.81 39.62
N ASN L 4 -11.43 18.93 40.50
CA ASN L 4 -10.87 18.92 41.84
C ASN L 4 -9.40 18.66 41.75
N GLN L 5 -8.97 17.93 40.73
CA GLN L 5 -7.54 17.67 40.50
C GLN L 5 -6.81 18.87 39.97
N LEU L 6 -7.43 19.64 39.10
CA LEU L 6 -6.80 20.84 38.60
C LEU L 6 -6.68 21.80 39.74
N VAL L 7 -7.70 21.79 40.57
CA VAL L 7 -7.68 22.56 41.78
C VAL L 7 -6.47 22.11 42.60
N ARG L 8 -6.39 20.81 42.89
CA ARG L 8 -5.31 20.29 43.71
C ARG L 8 -3.95 20.55 43.12
N LYS L 9 -3.75 20.25 41.84
CA LYS L 9 -2.43 20.38 41.24
C LYS L 9 -2.35 21.53 40.27
N GLY L 10 -3.05 21.43 39.15
CA GLY L 10 -3.05 22.53 38.20
C GLY L 10 -2.19 22.20 37.03
N ARG L 11 -2.30 23.02 35.98
CA ARG L 11 -1.48 22.84 34.79
C ARG L 11 -0.10 23.47 34.98
N GLU L 12 0.96 22.78 34.57
CA GLU L 12 2.27 23.37 34.73
C GLU L 12 2.64 24.03 33.43
N LYS L 13 3.15 25.25 33.52
CA LYS L 13 3.40 26.08 32.36
C LYS L 13 4.70 25.60 31.75
N VAL L 14 4.99 26.03 30.53
CA VAL L 14 6.12 25.45 29.81
C VAL L 14 7.36 26.34 29.85
N ARG L 15 8.50 25.77 30.21
CA ARG L 15 9.76 26.48 30.11
C ARG L 15 10.32 26.31 28.70
N LYS L 16 10.96 27.35 28.18
CA LYS L 16 11.42 27.36 26.81
C LYS L 16 12.93 27.62 26.72
N LYS L 17 13.73 26.56 26.86
CA LYS L 17 15.19 26.73 26.88
C LYS L 17 15.77 27.20 25.54
N SER L 18 16.73 28.13 25.63
CA SER L 18 17.33 28.79 24.47
C SER L 18 18.05 27.84 23.52
N LYS L 19 18.05 28.21 22.24
CA LYS L 19 18.78 27.45 21.25
C LYS L 19 20.19 27.99 21.15
N VAL L 20 20.49 29.03 21.92
CA VAL L 20 21.70 29.84 21.70
C VAL L 20 22.22 30.66 22.88
N PRO L 21 22.90 30.02 23.84
CA PRO L 21 23.55 30.74 24.97
C PRO L 21 24.78 31.60 24.58
N ALA L 22 24.44 32.69 23.87
CA ALA L 22 25.32 33.82 23.56
C ALA L 22 25.14 34.75 24.73
N LEU L 23 24.89 34.15 25.90
CA LEU L 23 24.52 34.77 27.18
C LEU L 23 23.78 36.06 27.02
N LYS L 24 23.79 36.89 28.07
CA LYS L 24 23.24 38.25 28.01
C LYS L 24 21.87 38.39 27.34
N GLY L 25 21.48 37.35 26.61
CA GLY L 25 20.37 37.39 25.67
C GLY L 25 20.94 37.92 24.39
N ALA L 26 21.89 38.84 24.56
CA ALA L 26 22.38 39.80 23.56
C ALA L 26 22.35 39.36 22.09
N PRO L 27 22.07 40.29 21.21
CA PRO L 27 22.05 39.99 19.77
C PRO L 27 23.33 39.34 19.25
N PHE L 28 24.51 39.80 19.69
CA PHE L 28 25.79 39.24 19.26
C PHE L 28 26.80 39.21 20.37
N ARG L 29 27.90 38.51 20.14
CA ARG L 29 28.95 38.49 21.13
C ARG L 29 30.30 38.36 20.47
N ARG L 30 31.24 39.16 20.96
CA ARG L 30 32.62 39.18 20.49
C ARG L 30 33.49 38.10 21.12
N GLY L 31 34.39 37.54 20.33
CA GLY L 31 35.32 36.55 20.83
C GLY L 31 36.52 36.46 19.93
N VAL L 32 37.46 35.59 20.28
CA VAL L 32 38.67 35.43 19.46
C VAL L 32 38.71 34.05 18.87
N CYS L 33 39.34 33.90 17.72
CA CYS L 33 39.48 32.58 17.15
C CYS L 33 40.60 31.88 17.86
N THR L 34 40.35 30.65 18.25
CA THR L 34 41.35 29.85 18.91
C THR L 34 41.56 28.57 18.11
N VAL L 35 41.00 28.59 16.90
CA VAL L 35 41.40 27.75 15.76
C VAL L 35 40.40 27.87 14.62
N VAL L 36 40.92 27.96 13.41
CA VAL L 36 40.11 27.86 12.19
C VAL L 36 40.20 26.41 11.68
N ARG L 37 39.10 25.83 11.25
CA ARG L 37 39.14 24.43 10.91
C ARG L 37 38.39 24.22 9.60
N THR L 38 38.45 23.00 9.08
CA THR L 38 37.59 22.57 7.99
C THR L 38 36.76 21.44 8.56
N VAL L 39 35.46 21.39 8.23
CA VAL L 39 34.62 20.34 8.80
C VAL L 39 33.79 19.64 7.75
N THR L 40 33.64 18.32 7.92
CA THR L 40 32.79 17.53 7.05
C THR L 40 31.35 17.56 7.55
N PRO L 41 30.40 17.76 6.62
CA PRO L 41 28.97 17.71 6.90
C PRO L 41 28.53 16.28 7.10
N LYS L 42 27.23 16.09 7.15
CA LYS L 42 26.67 14.77 7.38
C LYS L 42 25.58 14.46 6.37
N LYS L 43 24.75 13.48 6.67
CA LYS L 43 23.48 13.31 5.98
C LYS L 43 23.78 13.20 4.48
N PRO L 44 22.93 13.75 3.57
CA PRO L 44 23.49 13.61 2.23
C PRO L 44 24.27 14.81 1.73
N ASN L 45 25.18 15.29 2.56
CA ASN L 45 26.02 16.37 2.11
C ASN L 45 27.49 16.01 2.15
N SER L 46 28.26 16.63 1.26
CA SER L 46 29.70 16.52 1.31
C SER L 46 30.23 17.88 0.85
N ALA L 47 31.20 18.41 1.59
CA ALA L 47 32.06 19.53 1.18
C ALA L 47 33.02 19.86 2.33
N LEU L 48 33.90 20.83 2.13
CA LEU L 48 34.78 21.24 3.22
C LEU L 48 34.31 22.56 3.81
N ARG L 49 33.94 22.53 5.09
CA ARG L 49 33.24 23.66 5.70
C ARG L 49 34.10 24.44 6.68
N LYS L 50 34.16 25.75 6.46
CA LYS L 50 34.98 26.65 7.27
C LYS L 50 34.30 26.93 8.61
N VAL L 51 34.96 26.56 9.71
CA VAL L 51 34.46 26.91 11.04
C VAL L 51 35.57 27.52 11.90
N ALA L 52 35.19 28.14 13.02
CA ALA L 52 36.15 28.60 14.01
C ALA L 52 35.74 28.13 15.41
N LYS L 53 36.70 27.82 16.27
CA LYS L 53 36.41 27.72 17.70
C LYS L 53 36.64 29.11 18.25
N VAL L 54 35.62 29.71 18.85
CA VAL L 54 35.77 31.04 19.40
C VAL L 54 35.70 31.02 20.92
N ARG L 55 36.51 31.86 21.57
CA ARG L 55 36.41 32.06 23.00
C ARG L 55 35.89 33.47 23.23
N LEU L 56 34.75 33.56 23.91
CA LEU L 56 33.90 34.77 23.93
C LEU L 56 34.05 35.68 25.15
N THR L 57 33.71 36.96 24.96
CA THR L 57 33.57 37.89 26.09
C THR L 57 32.44 37.44 27.00
N SER L 58 31.64 36.50 26.52
CA SER L 58 30.67 35.80 27.34
C SER L 58 31.38 34.85 28.28
N GLY L 59 32.65 34.57 27.99
CA GLY L 59 33.41 33.57 28.73
C GLY L 59 32.89 32.18 28.38
N TYR L 60 32.90 31.90 27.07
CA TYR L 60 32.25 30.71 26.52
C TYR L 60 33.03 30.31 25.29
N GLU L 61 33.25 29.01 25.10
CA GLU L 61 34.00 28.52 23.95
C GLU L 61 33.06 27.78 23.01
N VAL L 62 32.68 28.45 21.93
CA VAL L 62 31.71 27.90 20.99
C VAL L 62 32.29 27.86 19.61
N THR L 63 31.77 26.94 18.81
CA THR L 63 32.21 26.80 17.44
C THR L 63 31.29 27.48 16.43
N ALA L 64 31.82 28.52 15.81
CA ALA L 64 31.08 29.33 14.86
C ALA L 64 31.37 28.93 13.42
N TYR L 65 30.48 29.28 12.50
CA TYR L 65 30.68 28.96 11.11
C TYR L 65 31.11 30.22 10.42
N ILE L 66 31.88 30.08 9.34
CA ILE L 66 32.45 31.22 8.64
C ILE L 66 31.92 31.28 7.22
N PRO L 67 30.77 31.93 7.02
CA PRO L 67 30.08 31.96 5.74
C PRO L 67 30.86 32.73 4.67
N GLY L 68 30.47 32.52 3.42
CA GLY L 68 31.11 33.17 2.30
C GLY L 68 32.14 32.24 1.65
N GLU L 69 32.41 32.44 0.38
CA GLU L 69 33.42 31.64 -0.32
C GLU L 69 34.82 31.96 0.21
N GLY L 70 35.18 33.23 0.28
CA GLY L 70 36.49 33.60 0.79
C GLY L 70 36.51 34.06 2.25
N HIS L 71 37.44 33.52 3.05
CA HIS L 71 37.63 33.99 4.43
C HIS L 71 39.10 34.20 4.88
N ASN L 72 39.29 35.08 5.84
CA ASN L 72 40.65 35.50 6.23
C ASN L 72 40.93 35.40 7.73
N LEU L 73 40.46 34.34 8.36
CA LEU L 73 40.52 34.24 9.81
C LEU L 73 41.63 33.31 10.28
N GLN L 74 42.39 33.77 11.28
CA GLN L 74 43.55 33.04 11.74
C GLN L 74 43.51 32.73 13.24
N GLU L 75 44.36 31.80 13.67
CA GLU L 75 44.35 31.27 15.04
C GLU L 75 44.58 32.32 16.13
N HIS L 76 44.19 33.55 15.86
CA HIS L 76 44.21 34.62 16.85
C HIS L 76 43.34 35.79 16.42
N SER L 77 42.55 35.59 15.38
CA SER L 77 41.62 36.58 14.86
C SER L 77 40.41 36.83 15.78
N VAL L 78 40.17 38.11 16.09
CA VAL L 78 38.99 38.50 16.86
C VAL L 78 37.79 38.67 15.94
N VAL L 79 36.61 38.35 16.45
CA VAL L 79 35.51 38.07 15.55
C VAL L 79 34.24 38.32 16.32
N LEU L 80 33.14 38.57 15.60
CA LEU L 80 31.82 38.78 16.23
C LEU L 80 30.79 37.69 15.86
N ILE L 81 30.38 36.88 16.83
CA ILE L 81 29.49 35.77 16.50
C ILE L 81 28.06 36.22 16.65
N ARG L 82 27.11 35.45 16.13
CA ARG L 82 25.78 36.02 16.03
C ARG L 82 24.61 35.07 15.93
N GLY L 83 24.80 33.77 16.16
CA GLY L 83 23.62 32.92 16.23
C GLY L 83 23.01 32.66 14.87
N GLY L 84 22.62 31.40 14.66
CA GLY L 84 22.23 30.92 13.36
C GLY L 84 22.88 29.57 13.12
N ARG L 85 22.16 28.52 13.48
CA ARG L 85 22.69 27.18 13.36
C ARG L 85 23.02 26.89 11.90
N VAL L 86 24.06 26.08 11.67
CA VAL L 86 24.31 25.50 10.36
C VAL L 86 23.75 24.09 10.35
N LYS L 87 22.78 23.84 9.46
CA LYS L 87 21.98 22.63 9.58
C LYS L 87 22.80 21.33 9.45
N ASP L 88 23.98 21.43 8.84
CA ASP L 88 24.73 20.22 8.51
C ASP L 88 25.85 19.83 9.44
N LEU L 89 26.48 20.80 10.07
CA LEU L 89 27.50 20.48 11.04
C LEU L 89 26.84 20.44 12.40
N PRO L 90 26.70 19.24 13.00
CA PRO L 90 26.08 19.23 14.33
C PRO L 90 26.95 20.01 15.29
N GLY L 91 26.31 20.73 16.21
CA GLY L 91 27.02 21.49 17.22
C GLY L 91 27.60 22.80 16.74
N VAL L 92 27.18 23.23 15.54
CA VAL L 92 27.50 24.57 15.09
C VAL L 92 26.21 25.37 15.08
N ARG L 93 26.05 26.22 16.08
CA ARG L 93 24.81 26.95 16.34
C ARG L 93 24.86 28.44 16.03
N TYR L 94 26.05 29.02 16.02
CA TYR L 94 26.20 30.45 15.76
C TYR L 94 26.94 30.68 14.46
N HIS L 95 26.71 31.85 13.88
CA HIS L 95 27.42 32.27 12.67
C HIS L 95 28.36 33.37 13.08
N ILE L 96 29.28 33.69 12.19
CA ILE L 96 30.19 34.83 12.36
C ILE L 96 29.77 35.97 11.44
N VAL L 97 29.79 37.19 11.95
CA VAL L 97 29.41 38.36 11.15
C VAL L 97 30.51 38.74 10.15
N ARG L 98 30.21 38.70 8.87
CA ARG L 98 31.21 39.09 7.88
C ARG L 98 31.17 40.59 7.70
N GLY L 99 32.26 41.25 8.05
CA GLY L 99 32.37 42.69 7.90
C GLY L 99 32.67 43.37 9.21
N VAL L 100 32.86 42.57 10.25
CA VAL L 100 33.06 43.11 11.58
C VAL L 100 34.30 42.55 12.24
N TYR L 101 35.19 43.47 12.62
CA TYR L 101 36.45 43.17 13.33
C TYR L 101 37.52 42.66 12.38
N ASP L 102 38.13 41.52 12.71
CA ASP L 102 39.18 40.96 11.87
C ASP L 102 38.61 40.35 10.57
N ALA L 103 37.39 39.82 10.66
CA ALA L 103 36.72 39.18 9.50
C ALA L 103 36.41 40.13 8.36
N ALA L 104 36.94 39.78 7.18
CA ALA L 104 36.78 40.59 5.99
C ALA L 104 35.41 40.37 5.39
N GLY L 105 34.94 41.36 4.64
CA GLY L 105 33.74 41.19 3.88
C GLY L 105 34.10 40.29 2.72
N VAL L 106 33.12 39.62 2.15
CA VAL L 106 33.35 38.79 0.98
C VAL L 106 33.81 39.72 -0.17
N LYS L 107 34.60 39.16 -1.08
CA LYS L 107 35.28 39.95 -2.09
C LYS L 107 34.56 39.86 -3.42
N ASP L 108 34.33 41.01 -4.05
CA ASP L 108 33.75 41.07 -5.38
C ASP L 108 32.37 40.41 -5.45
N ARG L 109 31.63 40.49 -4.35
CA ARG L 109 30.27 39.95 -4.29
C ARG L 109 29.26 41.03 -4.65
N LYS L 110 28.25 40.68 -5.42
CA LYS L 110 27.42 41.72 -6.02
C LYS L 110 25.92 41.63 -5.63
N LYS L 111 25.51 40.42 -5.24
CA LYS L 111 24.13 40.15 -4.85
C LYS L 111 23.82 40.37 -3.35
N SER L 112 23.68 39.29 -2.59
CA SER L 112 23.20 39.42 -1.20
C SER L 112 24.19 40.14 -0.29
N ARG L 113 24.58 41.36 -0.66
CA ARG L 113 25.77 42.03 -0.12
C ARG L 113 25.87 42.34 1.40
N SER L 114 24.74 42.64 2.05
CA SER L 114 24.79 43.09 3.43
C SER L 114 24.94 41.92 4.41
N LYS L 115 24.40 40.76 4.08
CA LYS L 115 24.92 39.54 4.71
C LYS L 115 26.22 39.40 3.95
N TYR L 116 27.27 38.85 4.55
CA TYR L 116 28.62 38.83 3.91
C TYR L 116 29.33 40.19 4.01
N GLY L 117 28.56 41.25 4.09
CA GLY L 117 29.08 42.54 4.48
C GLY L 117 30.11 43.12 3.54
N THR L 118 29.67 43.53 2.38
CA THR L 118 30.57 44.13 1.41
C THR L 118 29.99 45.48 1.00
N LYS L 119 30.85 46.46 0.73
CA LYS L 119 30.37 47.81 0.43
C LYS L 119 29.61 47.90 -0.89
N LYS L 120 29.39 49.12 -1.38
CA LYS L 120 28.67 49.28 -2.63
C LYS L 120 29.65 49.57 -3.74
N PRO L 121 29.84 48.61 -4.66
CA PRO L 121 30.65 48.73 -5.88
C PRO L 121 30.39 50.07 -6.54
N LYS L 122 31.42 50.90 -6.71
CA LYS L 122 31.20 52.30 -7.04
C LYS L 122 31.64 52.68 -8.45
N GLU L 123 30.75 53.35 -9.16
CA GLU L 123 31.01 53.86 -10.50
C GLU L 123 29.82 54.71 -10.96
N ALA L 124 29.79 55.06 -12.24
CA ALA L 124 28.68 55.78 -12.84
C ALA L 124 28.04 54.97 -13.96
N ALA M 1 61.75 -58.50 -46.15
CA ALA M 1 63.21 -58.52 -46.19
C ALA M 1 63.81 -57.15 -45.89
N ARG M 2 64.93 -56.83 -46.55
CA ARG M 2 65.62 -55.57 -46.30
C ARG M 2 65.43 -54.64 -47.48
N ILE M 3 64.18 -54.28 -47.76
CA ILE M 3 63.86 -53.52 -48.96
C ILE M 3 64.63 -52.21 -49.11
N ALA M 4 64.47 -51.29 -48.17
CA ALA M 4 65.22 -50.04 -48.27
C ALA M 4 66.27 -50.00 -47.18
N GLY M 5 67.32 -49.20 -47.42
CA GLY M 5 68.45 -49.06 -46.52
C GLY M 5 68.11 -49.23 -45.05
N VAL M 6 68.85 -50.09 -44.36
CA VAL M 6 68.63 -50.45 -42.95
C VAL M 6 67.16 -50.54 -42.48
N GLU M 7 66.27 -51.03 -43.34
CA GLU M 7 64.87 -51.18 -42.98
C GLU M 7 64.27 -52.53 -43.34
N ILE M 8 63.24 -52.94 -42.60
CA ILE M 8 62.74 -54.32 -42.62
C ILE M 8 61.24 -54.45 -42.30
N PRO M 9 60.39 -54.55 -43.33
CA PRO M 9 58.96 -54.76 -43.05
C PRO M 9 58.63 -56.25 -43.06
N ARG M 10 57.61 -56.73 -42.33
CA ARG M 10 57.30 -58.17 -42.45
C ARG M 10 55.85 -58.60 -42.19
N ASN M 11 55.49 -59.77 -42.74
CA ASN M 11 54.31 -60.52 -42.31
C ASN M 11 52.90 -59.87 -42.49
N LYS M 12 52.85 -58.62 -42.93
CA LYS M 12 51.62 -58.04 -43.43
C LYS M 12 51.75 -57.89 -44.94
N ARG M 13 50.71 -57.44 -45.63
CA ARG M 13 50.77 -57.25 -47.08
C ARG M 13 51.97 -56.39 -47.50
N VAL M 14 52.57 -56.68 -48.65
CA VAL M 14 53.72 -55.96 -49.18
C VAL M 14 53.53 -54.46 -49.34
N ASP M 15 52.39 -54.06 -49.89
CA ASP M 15 52.08 -52.65 -50.11
C ASP M 15 51.96 -51.85 -48.80
N VAL M 16 51.37 -52.47 -47.78
CA VAL M 16 51.30 -51.90 -46.44
C VAL M 16 52.68 -51.95 -45.78
N ALA M 17 53.43 -52.99 -46.10
CA ALA M 17 54.76 -53.20 -45.54
C ALA M 17 55.75 -52.11 -45.91
N LEU M 18 55.82 -51.78 -47.20
CA LEU M 18 56.77 -50.78 -47.67
C LEU M 18 56.53 -49.39 -47.09
N THR M 19 55.38 -49.21 -46.44
CA THR M 19 55.04 -47.97 -45.77
C THR M 19 55.98 -47.73 -44.62
N TYR M 20 56.40 -48.85 -44.03
CA TYR M 20 57.30 -48.88 -42.88
C TYR M 20 58.67 -48.31 -43.20
N ILE M 21 58.89 -48.03 -44.49
CA ILE M 21 60.08 -47.35 -44.99
C ILE M 21 59.83 -45.84 -44.94
N TYR M 22 60.90 -45.04 -44.92
CA TYR M 22 60.73 -43.63 -44.63
C TYR M 22 60.06 -42.79 -45.73
N GLY M 23 60.65 -42.70 -46.91
CA GLY M 23 60.00 -41.89 -47.94
C GLY M 23 58.89 -42.58 -48.73
N ILE M 24 58.16 -43.48 -48.09
CA ILE M 24 57.21 -44.35 -48.78
C ILE M 24 55.88 -44.53 -48.04
N GLY M 25 54.78 -44.50 -48.80
CA GLY M 25 53.49 -44.81 -48.23
C GLY M 25 52.36 -44.88 -49.24
N LYS M 26 51.64 -46.00 -49.23
CA LYS M 26 50.51 -46.23 -50.13
C LYS M 26 50.77 -45.79 -51.56
N ALA M 27 50.76 -44.47 -51.75
CA ALA M 27 50.96 -43.85 -53.05
C ALA M 27 52.23 -44.33 -53.73
N ARG M 28 53.32 -44.45 -52.98
CA ARG M 28 54.58 -44.88 -53.57
C ARG M 28 54.72 -46.39 -53.53
N ALA M 29 53.79 -47.03 -52.84
CA ALA M 29 53.73 -48.48 -52.78
C ALA M 29 52.94 -49.03 -53.95
N LYS M 30 51.73 -48.48 -54.14
CA LYS M 30 50.89 -48.87 -55.27
C LYS M 30 51.66 -48.70 -56.59
N GLU M 31 52.54 -47.70 -56.65
CA GLU M 31 53.31 -47.43 -57.85
C GLU M 31 54.51 -48.37 -58.00
N ALA M 32 55.28 -48.50 -56.93
CA ALA M 32 56.51 -49.26 -57.00
C ALA M 32 56.23 -50.74 -57.00
N LEU M 33 54.96 -51.11 -56.89
CA LEU M 33 54.58 -52.51 -57.05
C LEU M 33 54.07 -52.74 -58.46
N GLU M 34 53.18 -51.87 -58.93
CA GLU M 34 52.68 -51.95 -60.29
C GLU M 34 53.84 -51.93 -61.30
N LYS M 35 54.86 -51.14 -60.97
CA LYS M 35 55.99 -50.90 -61.89
C LYS M 35 57.02 -52.00 -61.77
N THR M 36 57.00 -52.67 -60.62
CA THR M 36 57.96 -53.72 -60.34
C THR M 36 57.36 -55.06 -60.70
N GLY M 37 56.04 -55.14 -60.61
CA GLY M 37 55.30 -56.28 -61.11
C GLY M 37 54.83 -57.30 -60.09
N ILE M 38 54.85 -56.93 -58.82
CA ILE M 38 54.45 -57.87 -57.77
C ILE M 38 53.01 -57.64 -57.34
N ASN M 39 52.28 -58.72 -57.07
CA ASN M 39 50.92 -58.59 -56.57
C ASN M 39 50.96 -57.97 -55.18
N PRO M 40 50.23 -56.86 -55.01
CA PRO M 40 50.25 -56.09 -53.76
C PRO M 40 49.74 -56.90 -52.59
N ALA M 41 49.00 -57.96 -52.86
CA ALA M 41 48.27 -58.68 -51.81
C ALA M 41 49.09 -59.67 -50.98
N THR M 42 50.13 -60.29 -51.55
CA THR M 42 50.87 -61.33 -50.84
C THR M 42 51.58 -60.82 -49.60
N ARG M 43 51.58 -61.64 -48.55
CA ARG M 43 52.35 -61.37 -47.33
C ARG M 43 53.84 -61.28 -47.69
N VAL M 44 54.63 -60.61 -46.89
CA VAL M 44 56.03 -60.38 -47.24
C VAL M 44 56.82 -61.70 -47.27
N LYS M 45 56.38 -62.65 -46.46
CA LYS M 45 57.01 -63.96 -46.35
C LYS M 45 57.03 -64.69 -47.69
N ASP M 46 56.02 -64.41 -48.51
CA ASP M 46 55.77 -65.18 -49.73
C ASP M 46 56.43 -64.56 -50.96
N LEU M 47 57.38 -63.67 -50.75
CA LEU M 47 58.02 -62.99 -51.87
C LEU M 47 59.21 -63.76 -52.32
N THR M 48 59.28 -64.01 -53.62
CA THR M 48 60.43 -64.64 -54.24
C THR M 48 61.66 -63.84 -53.89
N GLU M 49 62.76 -64.51 -53.58
CA GLU M 49 64.02 -63.81 -53.35
C GLU M 49 64.29 -62.93 -54.56
N ALA M 50 64.00 -63.45 -55.74
CA ALA M 50 64.11 -62.70 -56.98
C ALA M 50 63.23 -61.47 -56.94
N GLU M 51 62.02 -61.59 -56.38
CA GLU M 51 61.06 -60.48 -56.32
C GLU M 51 61.48 -59.35 -55.39
N VAL M 52 61.93 -59.72 -54.19
CA VAL M 52 62.44 -58.76 -53.22
C VAL M 52 63.53 -57.93 -53.89
N VAL M 53 64.37 -58.60 -54.66
CA VAL M 53 65.47 -57.92 -55.34
C VAL M 53 64.98 -56.89 -56.35
N ARG M 54 64.10 -57.32 -57.26
CA ARG M 54 63.57 -56.42 -58.29
C ARG M 54 62.91 -55.22 -57.65
N LEU M 55 62.41 -55.41 -56.42
CA LEU M 55 61.78 -54.38 -55.62
C LEU M 55 62.83 -53.46 -55.01
N ARG M 56 63.76 -54.07 -54.27
CA ARG M 56 64.82 -53.35 -53.58
C ARG M 56 65.74 -52.57 -54.53
N GLU M 57 66.13 -53.16 -55.65
CA GLU M 57 67.02 -52.47 -56.60
C GLU M 57 66.30 -51.32 -57.30
N TYR M 58 64.98 -51.28 -57.16
CA TYR M 58 64.17 -50.21 -57.72
C TYR M 58 63.93 -49.12 -56.69
N VAL M 59 63.25 -49.50 -55.63
CA VAL M 59 62.89 -48.60 -54.55
C VAL M 59 64.07 -47.76 -54.04
N GLU M 60 65.24 -48.39 -53.87
CA GLU M 60 66.41 -47.68 -53.38
C GLU M 60 67.00 -46.73 -54.43
N ASN M 61 67.29 -47.28 -55.61
CA ASN M 61 67.90 -46.50 -56.69
C ASN M 61 66.91 -45.67 -57.51
N THR M 62 65.83 -45.20 -56.89
CA THR M 62 64.86 -44.38 -57.62
C THR M 62 64.24 -43.26 -56.79
N TRP M 63 64.46 -43.32 -55.47
CA TRP M 63 63.87 -42.37 -54.51
C TRP M 63 64.79 -42.03 -53.34
N LYS M 64 64.80 -40.77 -52.94
CA LYS M 64 65.49 -40.39 -51.72
C LYS M 64 64.66 -40.91 -50.56
N LEU M 65 65.20 -41.89 -49.85
CA LEU M 65 64.45 -42.53 -48.75
C LEU M 65 65.24 -42.48 -47.47
N GLU M 66 64.61 -42.96 -46.39
CA GLU M 66 65.23 -43.01 -45.07
C GLU M 66 66.15 -41.84 -44.73
N GLY M 67 67.31 -42.16 -44.16
CA GLY M 67 68.25 -41.15 -43.71
C GLY M 67 68.58 -40.09 -44.76
N GLU M 68 68.74 -40.51 -46.00
CA GLU M 68 69.05 -39.59 -47.09
C GLU M 68 67.96 -38.52 -47.25
N LEU M 69 66.75 -38.83 -46.80
CA LEU M 69 65.64 -37.88 -46.80
C LEU M 69 65.70 -37.03 -45.53
N ARG M 70 65.54 -37.70 -44.39
CA ARG M 70 65.39 -37.03 -43.10
C ARG M 70 66.64 -36.31 -42.58
N ALA M 71 67.70 -36.30 -43.37
CA ALA M 71 68.89 -35.55 -43.03
C ALA M 71 69.01 -34.35 -43.95
N GLU M 72 68.51 -34.52 -45.17
CA GLU M 72 68.51 -33.44 -46.13
C GLU M 72 67.35 -32.51 -45.86
N VAL M 73 66.26 -33.07 -45.33
CA VAL M 73 65.12 -32.25 -44.92
C VAL M 73 65.52 -31.36 -43.75
N ALA M 74 66.34 -31.91 -42.86
CA ALA M 74 66.79 -31.18 -41.69
C ALA M 74 67.71 -30.06 -42.12
N ALA M 75 68.48 -30.33 -43.19
CA ALA M 75 69.37 -29.34 -43.78
C ALA M 75 68.58 -28.40 -44.68
N ASN M 76 67.45 -28.89 -45.17
CA ASN M 76 66.57 -28.05 -45.96
C ASN M 76 65.91 -26.99 -45.10
N ILE M 77 65.95 -27.20 -43.78
CA ILE M 77 65.40 -26.25 -42.81
C ILE M 77 66.51 -25.36 -42.25
N LYS M 78 67.71 -25.91 -42.12
CA LYS M 78 68.82 -25.11 -41.65
C LYS M 78 69.06 -23.98 -42.63
N ARG M 79 68.75 -24.22 -43.90
CA ARG M 79 68.89 -23.21 -44.92
C ARG M 79 68.08 -21.97 -44.58
N LEU M 80 66.86 -22.20 -44.12
CA LEU M 80 65.97 -21.09 -43.76
C LEU M 80 66.47 -20.39 -42.50
N MET M 81 67.03 -21.16 -41.56
CA MET M 81 67.63 -20.61 -40.36
C MET M 81 69.00 -20.01 -40.68
N ASP M 82 69.59 -20.45 -41.80
CA ASP M 82 70.87 -19.89 -42.23
C ASP M 82 70.69 -18.44 -42.63
N ILE M 83 69.80 -18.19 -43.60
CA ILE M 83 69.51 -16.80 -44.02
C ILE M 83 68.66 -16.10 -42.98
N GLY M 84 68.08 -14.98 -43.39
CA GLY M 84 67.22 -14.22 -42.48
C GLY M 84 65.84 -14.81 -42.33
N CYS M 85 65.36 -15.43 -43.41
CA CYS M 85 63.98 -15.92 -43.60
C CYS M 85 63.03 -16.04 -42.41
N TYR M 86 61.80 -15.59 -42.61
CA TYR M 86 60.77 -15.59 -41.57
C TYR M 86 60.55 -16.98 -41.00
N ARG M 87 60.26 -17.94 -41.88
CA ARG M 87 60.05 -19.32 -41.45
C ARG M 87 61.23 -19.80 -40.63
N GLY M 88 62.40 -19.25 -40.93
CA GLY M 88 63.62 -19.56 -40.18
C GLY M 88 63.51 -19.07 -38.75
N LEU M 89 63.11 -17.82 -38.59
CA LEU M 89 62.87 -17.30 -37.26
C LEU M 89 61.77 -18.15 -36.64
N ARG M 90 60.70 -18.38 -37.40
CA ARG M 90 59.58 -19.19 -36.94
C ARG M 90 59.98 -20.62 -36.60
N HIS M 91 61.06 -21.10 -37.19
CA HIS M 91 61.59 -22.40 -36.83
C HIS M 91 62.45 -22.33 -35.58
N ARG M 92 63.28 -21.29 -35.49
CA ARG M 92 64.10 -21.03 -34.31
C ARG M 92 63.16 -20.96 -33.12
N ARG M 93 62.23 -20.03 -33.20
CA ARG M 93 61.30 -19.75 -32.11
C ARG M 93 60.59 -21.03 -31.65
N GLY M 94 60.10 -21.81 -32.61
CA GLY M 94 59.39 -23.04 -32.30
C GLY M 94 57.89 -22.89 -32.33
N LEU M 95 57.40 -22.14 -33.29
CA LEU M 95 55.99 -21.84 -33.41
C LEU M 95 55.55 -22.27 -34.78
N PRO M 96 54.24 -22.22 -35.08
CA PRO M 96 53.74 -22.54 -36.41
C PRO M 96 54.51 -21.86 -37.54
N VAL M 97 54.26 -22.28 -38.76
CA VAL M 97 55.08 -21.85 -39.89
C VAL M 97 54.18 -21.71 -41.12
N ARG M 98 53.00 -22.31 -41.04
CA ARG M 98 52.04 -22.27 -42.14
C ARG M 98 51.01 -21.17 -41.89
N GLY M 99 51.48 -20.13 -41.22
CA GLY M 99 50.64 -18.98 -40.91
C GLY M 99 49.36 -19.33 -40.19
N GLN M 100 49.45 -20.00 -39.05
CA GLN M 100 48.28 -20.34 -38.28
C GLN M 100 48.15 -19.36 -37.14
N ARG M 101 47.13 -19.54 -36.31
CA ARG M 101 46.94 -18.73 -35.12
C ARG M 101 47.80 -19.25 -33.98
N THR M 102 48.15 -18.39 -33.01
CA THR M 102 48.96 -18.84 -31.88
C THR M 102 48.39 -18.50 -30.52
N ARG M 103 47.24 -17.82 -30.50
CA ARG M 103 46.61 -17.38 -29.25
C ARG M 103 45.89 -18.51 -28.53
N THR M 104 45.26 -19.37 -29.32
CA THR M 104 44.80 -20.68 -28.90
C THR M 104 45.53 -21.59 -29.86
N ASN M 105 45.79 -22.84 -29.47
CA ASN M 105 46.07 -23.88 -30.45
C ASN M 105 47.38 -23.85 -31.25
N ALA M 106 48.51 -23.82 -30.59
CA ALA M 106 49.71 -24.12 -31.35
C ALA M 106 50.33 -25.29 -30.65
N ARG M 107 49.48 -25.99 -29.90
CA ARG M 107 49.90 -27.02 -28.98
C ARG M 107 50.86 -28.05 -29.57
N THR M 108 50.67 -28.42 -30.83
CA THR M 108 51.51 -29.47 -31.39
C THR M 108 52.92 -28.96 -31.67
N ARG M 109 53.02 -27.72 -32.13
CA ARG M 109 54.30 -27.14 -32.48
C ARG M 109 55.09 -26.68 -31.25
N LYS M 110 54.36 -26.21 -30.23
CA LYS M 110 54.94 -25.75 -28.98
C LYS M 110 55.28 -26.86 -28.01
N GLY M 111 54.41 -27.86 -27.93
CA GLY M 111 54.48 -28.88 -26.91
C GLY M 111 53.49 -28.52 -25.82
N PRO M 112 53.27 -29.43 -24.86
CA PRO M 112 52.40 -29.30 -23.67
C PRO M 112 52.39 -27.90 -23.02
N ARG M 113 51.31 -27.56 -22.32
CA ARG M 113 51.10 -26.20 -21.78
C ARG M 113 51.98 -25.79 -20.61
N LYS M 114 52.73 -24.71 -20.81
CA LYS M 114 53.58 -24.13 -19.75
C LYS M 114 52.83 -23.05 -18.95
N THR M 115 51.93 -23.50 -18.06
CA THR M 115 51.00 -22.60 -17.37
C THR M 115 51.68 -21.60 -16.41
N VAL M 116 51.15 -20.38 -16.40
CA VAL M 116 51.61 -19.32 -15.50
C VAL M 116 50.44 -18.60 -14.81
N ALA M 117 50.75 -17.55 -14.04
CA ALA M 117 49.76 -16.87 -13.21
C ALA M 117 49.00 -15.76 -13.94
N GLY M 118 48.17 -15.05 -13.18
CA GLY M 118 47.39 -13.93 -13.70
C GLY M 118 47.92 -12.59 -13.26
N LYS M 119 47.18 -11.90 -12.37
CA LYS M 119 47.55 -10.58 -11.90
C LYS M 119 47.21 -10.38 -10.41
N LYS M 120 46.50 -9.30 -10.11
CA LYS M 120 45.92 -9.07 -8.78
C LYS M 120 44.41 -9.35 -8.84
N LYS M 121 43.59 -8.29 -8.79
CA LYS M 121 42.15 -8.46 -9.07
C LYS M 121 41.89 -8.40 -10.59
N ALA M 122 41.01 -9.29 -11.02
CA ALA M 122 40.63 -9.52 -12.42
C ALA M 122 39.62 -10.67 -12.40
N PRO M 123 38.93 -10.93 -13.52
CA PRO M 123 38.07 -12.12 -13.46
C PRO M 123 38.86 -13.44 -13.60
N ARG M 124 38.73 -14.33 -12.61
CA ARG M 124 39.31 -15.68 -12.67
C ARG M 124 38.50 -16.59 -13.58
N LYS M 125 37.75 -15.97 -14.49
CA LYS M 125 36.95 -16.66 -15.51
C LYS M 125 37.84 -17.40 -16.58
N ALA N 1 28.66 5.33 -42.65
CA ALA N 1 29.98 5.66 -42.14
C ALA N 1 30.36 7.10 -42.50
N ARG N 2 31.66 7.39 -42.48
CA ARG N 2 32.18 8.71 -42.83
C ARG N 2 31.72 9.07 -44.24
N LYS N 3 31.19 10.28 -44.41
CA LYS N 3 30.64 10.67 -45.69
C LYS N 3 31.74 10.71 -46.73
N ALA N 4 32.98 10.93 -46.27
CA ALA N 4 34.15 10.87 -47.13
C ALA N 4 34.32 9.49 -47.76
N LEU N 5 34.21 8.46 -46.92
CA LEU N 5 34.40 7.08 -47.36
C LEU N 5 33.35 6.63 -48.35
N ILE N 6 32.30 7.41 -48.55
CA ILE N 6 31.35 7.01 -49.57
C ILE N 6 31.94 7.38 -50.91
N GLU N 7 32.59 6.37 -51.48
CA GLU N 7 33.33 6.47 -52.71
C GLU N 7 33.75 5.06 -53.14
N LYS N 8 32.78 4.14 -53.10
CA LYS N 8 32.79 3.03 -54.05
C LYS N 8 32.19 3.69 -55.29
N ALA N 9 31.46 4.78 -55.03
CA ALA N 9 31.03 5.70 -56.04
C ALA N 9 32.21 6.02 -56.97
N LYS N 10 33.40 6.16 -56.39
CA LYS N 10 34.63 6.40 -57.17
C LYS N 10 34.80 5.36 -58.26
N ARG N 11 34.22 5.67 -59.42
CA ARG N 11 34.16 4.79 -60.59
C ARG N 11 35.42 3.97 -60.80
N THR N 12 36.48 4.64 -61.26
CA THR N 12 37.79 4.02 -61.35
C THR N 12 38.31 3.80 -59.94
N PRO N 13 38.54 2.53 -59.58
CA PRO N 13 39.12 2.22 -58.29
C PRO N 13 40.50 1.62 -58.49
N LYS N 14 41.15 1.98 -59.60
CA LYS N 14 42.41 1.38 -60.04
C LYS N 14 42.30 -0.11 -60.43
N PHE N 15 41.83 -0.94 -59.51
CA PHE N 15 41.60 -2.35 -59.80
C PHE N 15 40.38 -2.82 -59.03
N LYS N 16 39.53 -3.60 -59.70
CA LYS N 16 38.23 -4.02 -59.15
C LYS N 16 38.30 -4.58 -57.73
N VAL N 17 39.46 -5.14 -57.36
CA VAL N 17 39.61 -5.74 -56.04
C VAL N 17 39.64 -4.72 -54.91
N ARG N 18 39.42 -3.45 -55.24
CA ARG N 18 39.21 -2.45 -54.21
C ARG N 18 37.73 -2.02 -54.18
N ALA N 19 36.98 -2.42 -55.20
CA ALA N 19 35.55 -2.10 -55.28
C ALA N 19 34.77 -2.82 -54.20
N TYR N 20 33.93 -2.09 -53.47
CA TYR N 20 33.15 -2.71 -52.40
C TYR N 20 31.80 -2.05 -52.15
N THR N 21 30.74 -2.84 -52.20
CA THR N 21 29.39 -2.33 -51.99
C THR N 21 29.25 -1.51 -50.71
N ARG N 22 28.31 -0.56 -50.75
CA ARG N 22 27.73 0.01 -49.54
C ARG N 22 26.23 0.13 -49.74
N CYS N 23 25.50 0.25 -48.64
CA CYS N 23 24.07 0.39 -48.68
C CYS N 23 23.78 1.71 -49.35
N VAL N 24 23.01 1.66 -50.43
CA VAL N 24 22.73 2.89 -51.17
C VAL N 24 22.04 3.90 -50.25
N ARG N 25 21.35 3.38 -49.23
CA ARG N 25 20.50 4.16 -48.32
C ARG N 25 21.24 4.75 -47.12
N CYS N 26 21.87 3.89 -46.31
CA CYS N 26 22.50 4.34 -45.07
C CYS N 26 24.04 4.32 -45.10
N GLY N 27 24.59 3.73 -46.15
CA GLY N 27 26.02 3.78 -46.37
C GLY N 27 26.79 2.69 -45.68
N ARG N 28 26.07 1.81 -44.99
CA ARG N 28 26.70 0.68 -44.30
C ARG N 28 27.51 -0.14 -45.31
N ALA N 29 28.63 -0.70 -44.86
CA ALA N 29 29.50 -1.46 -45.76
C ALA N 29 29.48 -2.94 -45.46
N ARG N 30 28.53 -3.38 -44.64
CA ARG N 30 28.68 -4.64 -43.94
C ARG N 30 27.50 -5.61 -43.96
N SER N 31 26.44 -5.36 -44.72
CA SER N 31 25.47 -6.45 -44.89
C SER N 31 24.62 -6.27 -46.14
N VAL N 32 25.29 -5.93 -47.23
CA VAL N 32 24.65 -5.39 -48.41
C VAL N 32 24.12 -6.45 -49.38
N TYR N 33 22.88 -6.86 -49.16
CA TYR N 33 22.22 -7.80 -50.05
C TYR N 33 22.28 -7.32 -51.51
N ARG N 34 23.10 -7.99 -52.32
CA ARG N 34 23.34 -7.61 -53.72
C ARG N 34 22.10 -7.23 -54.50
N PHE N 35 21.07 -8.05 -54.34
CA PHE N 35 19.80 -7.90 -55.03
C PHE N 35 19.28 -6.50 -54.84
N PHE N 36 19.14 -6.11 -53.57
CA PHE N 36 18.53 -4.84 -53.21
C PHE N 36 19.46 -3.63 -53.23
N GLY N 37 20.72 -3.82 -52.87
CA GLY N 37 21.64 -2.71 -52.74
C GLY N 37 21.50 -2.15 -51.34
N LEU N 38 20.68 -2.84 -50.57
CA LEU N 38 20.40 -2.44 -49.22
C LEU N 38 21.19 -3.27 -48.23
N CYS N 39 21.42 -2.72 -47.03
CA CYS N 39 22.06 -3.45 -45.95
C CYS N 39 21.00 -4.12 -45.08
N ARG N 40 21.45 -4.88 -44.09
CA ARG N 40 20.55 -5.64 -43.23
C ARG N 40 19.36 -4.83 -42.71
N ILE N 41 19.62 -3.66 -42.12
CA ILE N 41 18.55 -2.94 -41.44
C ILE N 41 17.68 -2.18 -42.40
N CYS N 42 18.31 -1.47 -43.33
CA CYS N 42 17.58 -0.74 -44.34
C CYS N 42 16.62 -1.69 -45.02
N LEU N 43 17.13 -2.87 -45.39
CA LEU N 43 16.28 -3.92 -45.94
C LEU N 43 15.04 -4.15 -45.07
N ARG N 44 15.23 -4.53 -43.81
CA ARG N 44 14.09 -4.83 -42.97
C ARG N 44 13.16 -3.64 -42.84
N GLU N 45 13.72 -2.44 -42.63
CA GLU N 45 12.93 -1.23 -42.42
C GLU N 45 12.00 -0.94 -43.60
N LEU N 46 12.58 -0.91 -44.80
CA LEU N 46 11.83 -0.62 -46.01
C LEU N 46 10.81 -1.70 -46.29
N ALA N 47 11.19 -2.95 -46.04
CA ALA N 47 10.29 -4.08 -46.21
C ALA N 47 9.01 -3.86 -45.44
N HIS N 48 9.15 -3.53 -44.17
CA HIS N 48 8.01 -3.30 -43.31
C HIS N 48 7.19 -2.11 -43.78
N LYS N 49 7.86 -1.06 -44.27
CA LYS N 49 7.17 0.09 -44.85
C LYS N 49 6.41 -0.34 -46.09
N GLY N 50 6.83 -1.46 -46.68
CA GLY N 50 6.19 -2.01 -47.85
C GLY N 50 6.60 -1.29 -49.11
N GLN N 51 7.83 -0.77 -49.13
CA GLN N 51 8.33 0.03 -50.25
C GLN N 51 9.18 -0.73 -51.28
N LEU N 52 9.39 -2.04 -51.06
CA LEU N 52 10.04 -2.91 -52.05
C LEU N 52 9.16 -4.08 -52.46
N PRO N 53 8.66 -4.05 -53.71
CA PRO N 53 7.52 -4.79 -54.26
C PRO N 53 7.65 -6.29 -54.11
N GLY N 54 6.51 -6.97 -53.89
CA GLY N 54 6.47 -8.42 -53.87
C GLY N 54 7.23 -9.12 -52.74
N VAL N 55 7.59 -8.37 -51.70
CA VAL N 55 8.33 -8.93 -50.58
C VAL N 55 7.48 -9.06 -49.33
N ARG N 56 7.00 -10.26 -49.04
CA ARG N 56 6.27 -10.46 -47.81
C ARG N 56 7.20 -10.97 -46.70
N LYS N 57 6.64 -11.27 -45.55
CA LYS N 57 7.36 -12.00 -44.53
C LYS N 57 7.07 -13.47 -44.76
N ALA N 58 8.11 -14.29 -44.65
CA ALA N 58 8.01 -15.69 -45.02
C ALA N 58 7.61 -16.56 -43.84
N SER N 59 6.66 -17.46 -44.07
CA SER N 59 6.24 -18.38 -43.03
C SER N 59 6.06 -19.76 -43.64
N TRP N 60 6.82 -20.72 -43.13
CA TRP N 60 6.77 -22.09 -43.66
C TRP N 60 7.28 -23.10 -42.63
N PRO O 1 -17.13 -22.56 63.26
CA PRO O 1 -18.19 -21.78 62.62
C PRO O 1 -19.26 -21.35 63.63
N ILE O 2 -19.74 -20.11 63.53
CA ILE O 2 -20.80 -19.67 64.44
C ILE O 2 -22.15 -20.12 63.93
N THR O 3 -22.76 -21.06 64.64
CA THR O 3 -24.07 -21.57 64.22
C THR O 3 -25.23 -20.76 64.81
N LYS O 4 -26.43 -21.17 64.41
CA LYS O 4 -27.64 -20.42 64.68
C LYS O 4 -27.83 -20.14 66.15
N GLU O 5 -27.74 -21.18 66.98
CA GLU O 5 -27.96 -21.01 68.41
C GLU O 5 -27.01 -20.02 69.09
N GLU O 6 -25.92 -19.65 68.42
CA GLU O 6 -24.96 -18.70 68.99
C GLU O 6 -25.24 -17.30 68.49
N LYS O 7 -25.35 -17.18 67.18
CA LYS O 7 -25.77 -15.96 66.52
C LYS O 7 -27.03 -15.38 67.19
N GLN O 8 -27.96 -16.25 67.57
CA GLN O 8 -29.18 -15.87 68.28
C GLN O 8 -28.90 -15.08 69.53
N LYS O 9 -28.33 -15.79 70.51
CA LYS O 9 -27.83 -15.23 71.76
C LYS O 9 -27.41 -13.77 71.64
N VAL O 10 -26.69 -13.47 70.54
CA VAL O 10 -26.16 -12.14 70.29
C VAL O 10 -27.25 -11.19 69.86
N ILE O 11 -27.99 -11.58 68.82
CA ILE O 11 -29.05 -10.74 68.30
C ILE O 11 -30.03 -10.45 69.40
N GLN O 12 -30.60 -11.51 69.97
CA GLN O 12 -31.60 -11.43 71.04
C GLN O 12 -31.14 -10.48 72.11
N GLU O 13 -29.88 -10.61 72.48
CA GLU O 13 -29.27 -9.67 73.40
C GLU O 13 -29.36 -8.25 72.86
N PHE O 14 -28.52 -7.90 71.87
CA PHE O 14 -28.37 -6.50 71.43
C PHE O 14 -29.53 -5.91 70.64
N ALA O 15 -30.63 -6.66 70.49
CA ALA O 15 -31.80 -6.14 69.80
C ALA O 15 -32.36 -4.96 70.60
N ARG O 16 -32.91 -3.98 69.89
CA ARG O 16 -33.48 -2.80 70.52
C ARG O 16 -34.92 -3.03 70.98
N PHE O 17 -35.51 -4.09 70.46
CA PHE O 17 -36.87 -4.48 70.78
C PHE O 17 -37.10 -5.82 70.10
N PRO O 18 -37.92 -6.69 70.70
CA PRO O 18 -38.17 -8.03 70.17
C PRO O 18 -38.43 -8.05 68.65
N GLY O 19 -37.60 -8.77 67.91
CA GLY O 19 -37.78 -8.89 66.48
C GLY O 19 -36.80 -8.09 65.63
N ASP O 20 -36.20 -7.05 66.22
CA ASP O 20 -35.18 -6.26 65.56
C ASP O 20 -33.94 -7.11 65.23
N THR O 21 -33.59 -7.20 63.95
CA THR O 21 -32.47 -8.05 63.54
C THR O 21 -31.37 -7.28 62.85
N GLY O 22 -31.64 -6.02 62.50
CA GLY O 22 -30.72 -5.26 61.69
C GLY O 22 -30.47 -3.84 62.12
N SER O 23 -30.60 -3.57 63.41
CA SER O 23 -30.28 -2.25 63.90
C SER O 23 -28.79 -2.13 64.14
N THR O 24 -28.27 -0.91 64.00
CA THR O 24 -26.83 -0.67 64.10
C THR O 24 -26.17 -1.44 65.24
N GLU O 25 -26.80 -1.47 66.41
CA GLU O 25 -26.26 -2.23 67.53
C GLU O 25 -26.16 -3.69 67.18
N VAL O 26 -27.21 -4.21 66.59
CA VAL O 26 -27.25 -5.63 66.32
C VAL O 26 -26.21 -5.97 65.27
N GLN O 27 -25.92 -5.03 64.39
CA GLN O 27 -24.92 -5.29 63.37
C GLN O 27 -23.52 -5.22 63.98
N VAL O 28 -23.19 -4.08 64.58
CA VAL O 28 -21.91 -3.90 65.24
C VAL O 28 -21.67 -5.02 66.23
N ALA O 29 -22.72 -5.51 66.87
CA ALA O 29 -22.52 -6.62 67.77
C ALA O 29 -22.12 -7.84 66.94
N LEU O 30 -22.97 -8.17 65.97
CA LEU O 30 -22.77 -9.36 65.15
C LEU O 30 -21.37 -9.40 64.54
N LEU O 31 -20.99 -8.28 63.93
CA LEU O 31 -19.67 -8.13 63.35
C LEU O 31 -18.55 -8.36 64.34
N THR O 32 -18.68 -7.77 65.52
CA THR O 32 -17.68 -7.95 66.58
C THR O 32 -17.52 -9.41 66.91
N LEU O 33 -18.62 -10.12 66.92
CA LEU O 33 -18.56 -11.54 67.17
C LEU O 33 -17.71 -12.22 66.07
N ARG O 34 -17.83 -11.73 64.84
CA ARG O 34 -17.13 -12.32 63.73
C ARG O 34 -15.67 -11.95 63.72
N ILE O 35 -15.37 -10.70 64.04
CA ILE O 35 -13.98 -10.26 64.13
C ILE O 35 -13.22 -11.08 65.15
N ASN O 36 -13.77 -11.20 66.35
CA ASN O 36 -13.06 -11.88 67.40
C ASN O 36 -12.73 -13.31 67.05
N ARG O 37 -13.68 -14.02 66.45
CA ARG O 37 -13.45 -15.39 66.00
C ARG O 37 -12.33 -15.45 64.99
N LEU O 38 -12.29 -14.46 64.10
CA LEU O 38 -11.30 -14.44 63.01
C LEU O 38 -9.90 -14.12 63.51
N SER O 39 -9.82 -13.31 64.55
CA SER O 39 -8.55 -12.91 65.08
C SER O 39 -7.91 -14.06 65.82
N GLU O 40 -8.73 -14.93 66.39
CA GLU O 40 -8.22 -16.13 67.03
C GLU O 40 -7.67 -17.10 65.98
N HIS O 41 -8.41 -17.23 64.88
CA HIS O 41 -8.00 -18.05 63.74
C HIS O 41 -6.66 -17.59 63.22
N LEU O 42 -6.43 -16.29 63.31
CA LEU O 42 -5.23 -15.69 62.77
C LEU O 42 -4.11 -15.53 63.78
N LYS O 43 -4.30 -15.98 65.02
CA LYS O 43 -3.20 -15.95 65.97
C LYS O 43 -2.32 -17.17 65.72
N VAL O 44 -2.95 -18.33 65.53
CA VAL O 44 -2.30 -19.43 64.82
C VAL O 44 -2.54 -19.05 63.38
N HIS O 45 -2.08 -19.86 62.43
CA HIS O 45 -2.29 -19.53 61.02
C HIS O 45 -1.99 -18.06 60.70
N LYS O 46 -0.78 -17.60 60.98
CA LYS O 46 -0.42 -16.23 60.62
C LYS O 46 -0.29 -16.13 59.10
N LYS O 47 -0.15 -17.28 58.44
CA LYS O 47 0.19 -17.27 57.03
C LYS O 47 -1.02 -17.14 56.12
N ASP O 48 -2.20 -17.25 56.71
CA ASP O 48 -3.47 -17.14 55.98
C ASP O 48 -3.78 -15.70 55.62
N HIS O 49 -3.31 -15.25 54.48
CA HIS O 49 -3.43 -13.84 54.18
C HIS O 49 -4.76 -13.52 53.53
N HIS O 50 -5.37 -14.50 52.89
CA HIS O 50 -6.62 -14.25 52.20
C HIS O 50 -7.70 -13.96 53.20
N SER O 51 -7.69 -14.72 54.29
CA SER O 51 -8.60 -14.47 55.40
C SER O 51 -8.34 -13.11 56.04
N HIS O 52 -7.08 -12.73 56.18
CA HIS O 52 -6.77 -11.45 56.80
C HIS O 52 -7.41 -10.30 56.04
N ARG O 53 -7.65 -10.46 54.75
CA ARG O 53 -8.32 -9.40 54.01
C ARG O 53 -9.80 -9.34 54.39
N GLY O 54 -10.38 -10.49 54.69
CA GLY O 54 -11.75 -10.52 55.17
C GLY O 54 -11.84 -9.67 56.41
N LEU O 55 -10.92 -9.88 57.34
CA LEU O 55 -10.93 -9.19 58.61
C LEU O 55 -10.75 -7.69 58.43
N LEU O 56 -9.93 -7.28 57.49
CA LEU O 56 -9.72 -5.86 57.24
C LEU O 56 -11.00 -5.17 56.83
N MET O 57 -11.91 -5.95 56.25
CA MET O 57 -13.16 -5.42 55.76
C MET O 57 -14.16 -5.40 56.87
N MET O 58 -14.21 -6.47 57.66
CA MET O 58 -15.10 -6.51 58.82
C MET O 58 -14.75 -5.41 59.80
N VAL O 59 -13.46 -5.20 60.06
CA VAL O 59 -13.07 -4.14 60.96
C VAL O 59 -13.54 -2.82 60.38
N GLY O 60 -13.49 -2.73 59.06
CA GLY O 60 -13.87 -1.51 58.36
C GLY O 60 -15.37 -1.26 58.35
N GLN O 61 -16.15 -2.33 58.32
CA GLN O 61 -17.59 -2.17 58.29
C GLN O 61 -18.01 -1.79 59.69
N ARG O 62 -17.30 -2.29 60.68
CA ARG O 62 -17.65 -1.97 62.06
C ARG O 62 -17.33 -0.52 62.40
N ARG O 63 -16.13 -0.07 62.08
CA ARG O 63 -15.77 1.30 62.44
C ARG O 63 -16.56 2.28 61.59
N ARG O 64 -17.34 1.75 60.67
CA ARG O 64 -18.13 2.57 59.79
C ARG O 64 -19.50 2.82 60.40
N LEU O 65 -20.02 1.78 61.04
CA LEU O 65 -21.33 1.86 61.64
C LEU O 65 -21.21 2.61 62.95
N LEU O 66 -20.15 2.35 63.70
CA LEU O 66 -19.91 3.08 64.93
C LEU O 66 -19.80 4.55 64.62
N ARG O 67 -19.04 4.89 63.57
CA ARG O 67 -18.82 6.27 63.18
C ARG O 67 -20.12 6.97 62.85
N TYR O 68 -21.10 6.17 62.41
CA TYR O 68 -22.43 6.70 62.12
C TYR O 68 -23.19 6.82 63.41
N LEU O 69 -23.11 5.78 64.21
CA LEU O 69 -23.86 5.72 65.45
C LEU O 69 -23.36 6.79 66.44
N GLN O 70 -22.07 7.12 66.39
CA GLN O 70 -21.58 8.18 67.24
C GLN O 70 -21.83 9.48 66.53
N ARG O 71 -23.05 9.67 66.07
CA ARG O 71 -23.43 10.89 65.39
C ARG O 71 -24.94 10.94 65.36
N GLU O 72 -25.57 9.79 65.57
CA GLU O 72 -27.03 9.75 65.61
C GLU O 72 -27.56 9.68 67.02
N ASP O 73 -26.82 9.07 67.92
CA ASP O 73 -27.34 8.82 69.26
C ASP O 73 -26.17 8.67 70.23
N PRO O 74 -25.31 9.67 70.31
CA PRO O 74 -23.98 9.55 70.91
C PRO O 74 -23.97 9.04 72.35
N GLU O 75 -25.14 8.84 72.93
CA GLU O 75 -25.16 8.18 74.23
C GLU O 75 -25.48 6.72 74.00
N ARG O 76 -26.20 6.43 72.93
CA ARG O 76 -26.47 5.05 72.51
C ARG O 76 -25.21 4.44 71.92
N TYR O 77 -24.28 5.29 71.48
CA TYR O 77 -22.95 4.86 71.05
C TYR O 77 -22.12 4.47 72.26
N ARG O 78 -21.98 5.41 73.18
CA ARG O 78 -21.20 5.23 74.40
C ARG O 78 -21.52 3.87 75.04
N ALA O 79 -22.79 3.49 74.95
CA ALA O 79 -23.31 2.28 75.56
C ALA O 79 -22.91 1.02 74.81
N LEU O 80 -22.97 1.07 73.47
CA LEU O 80 -22.56 -0.07 72.66
C LEU O 80 -21.11 -0.42 72.91
N ILE O 81 -20.25 0.59 72.84
CA ILE O 81 -18.83 0.45 73.16
C ILE O 81 -18.61 -0.24 74.50
N GLU O 82 -19.11 0.38 75.57
CA GLU O 82 -19.04 -0.21 76.90
C GLU O 82 -19.48 -1.68 76.93
N LYS O 83 -20.62 -1.95 76.28
CA LYS O 83 -21.27 -3.26 76.27
C LYS O 83 -20.38 -4.33 75.63
N LEU O 84 -19.61 -3.89 74.65
CA LEU O 84 -18.69 -4.76 73.96
C LEU O 84 -17.31 -4.59 74.57
N GLY O 85 -16.98 -3.33 74.90
CA GLY O 85 -15.63 -2.98 75.29
C GLY O 85 -14.74 -2.99 74.06
N ILE O 86 -15.01 -2.09 73.12
CA ILE O 86 -14.21 -2.02 71.90
C ILE O 86 -13.88 -0.58 71.53
N ARG O 87 -13.14 -0.42 70.43
CA ARG O 87 -12.69 0.89 69.96
C ARG O 87 -12.06 1.73 71.08
N GLY O 88 -10.82 1.41 71.42
CA GLY O 88 -10.11 2.11 72.48
C GLY O 88 -8.71 1.57 72.72
N MET P 1 1.49 72.72 53.57
CA MET P 1 0.59 73.77 53.09
C MET P 1 0.10 73.46 51.69
N VAL P 2 -1.21 73.55 51.51
CA VAL P 2 -1.77 73.22 50.21
C VAL P 2 -1.85 74.45 49.31
N LYS P 3 -1.45 74.26 48.06
CA LYS P 3 -1.39 75.32 47.06
C LYS P 3 -2.56 75.32 46.05
N ILE P 4 -2.63 76.32 45.21
CA ILE P 4 -3.53 76.27 44.09
C ILE P 4 -2.64 76.74 42.99
N ARG P 5 -2.23 75.87 42.08
CA ARG P 5 -1.19 76.29 41.15
C ARG P 5 -1.23 75.57 39.84
N LEU P 6 -0.45 76.06 38.89
CA LEU P 6 -0.44 75.55 37.52
C LEU P 6 0.43 74.34 37.35
N ALA P 7 -0.15 73.17 37.13
CA ALA P 7 0.63 72.01 36.71
C ALA P 7 0.77 71.95 35.19
N ARG P 8 1.98 71.66 34.70
CA ARG P 8 2.32 71.73 33.28
C ARG P 8 1.93 70.48 32.47
N PHE P 9 1.12 70.69 31.44
CA PHE P 9 0.51 69.57 30.75
C PHE P 9 0.49 69.64 29.23
N GLY P 10 1.08 70.65 28.60
CA GLY P 10 1.00 70.65 27.15
C GLY P 10 1.89 69.61 26.45
N SER P 11 2.77 70.12 25.58
CA SER P 11 3.88 69.36 25.03
C SER P 11 4.96 70.39 24.71
N LYS P 12 6.06 69.97 24.11
CA LYS P 12 7.14 70.91 23.83
C LYS P 12 6.64 72.08 22.97
N HIS P 13 6.88 73.30 23.42
CA HIS P 13 6.48 74.51 22.70
C HIS P 13 4.97 74.70 22.65
N ASN P 14 4.23 73.70 23.10
CA ASN P 14 2.76 73.79 23.17
C ASN P 14 2.32 73.52 24.59
N PRO P 15 2.36 74.55 25.45
CA PRO P 15 2.07 74.38 26.87
C PRO P 15 0.60 74.54 27.19
N HIS P 16 0.09 73.62 28.01
CA HIS P 16 -1.22 73.79 28.62
C HIS P 16 -1.09 73.50 30.09
N TYR P 17 -1.51 74.46 30.90
CA TYR P 17 -1.46 74.27 32.33
C TYR P 17 -2.78 73.76 32.83
N ARG P 18 -2.72 73.08 33.95
CA ARG P 18 -3.87 72.51 34.54
C ARG P 18 -3.87 73.07 35.95
N ILE P 19 -4.79 73.99 36.25
CA ILE P 19 -4.87 74.62 37.57
C ILE P 19 -5.43 73.64 38.61
N VAL P 20 -4.61 73.36 39.63
CA VAL P 20 -4.89 72.31 40.60
C VAL P 20 -4.67 72.75 42.04
N VAL P 21 -5.23 71.99 42.96
CA VAL P 21 -4.94 72.17 44.37
C VAL P 21 -3.98 71.05 44.65
N THR P 22 -2.96 71.28 45.46
CA THR P 22 -2.05 70.20 45.82
C THR P 22 -1.18 70.58 47.01
N ASP P 23 -0.55 69.60 47.66
CA ASP P 23 0.37 69.90 48.74
C ASP P 23 1.55 70.50 48.05
N ALA P 24 2.08 71.56 48.64
CA ALA P 24 3.19 72.32 48.05
C ALA P 24 4.48 71.55 47.86
N ARG P 25 4.58 70.36 48.42
CA ARG P 25 5.79 69.57 48.35
C ARG P 25 5.70 68.49 47.30
N ARG P 26 4.67 68.55 46.48
CA ARG P 26 4.56 67.59 45.41
C ARG P 26 5.47 68.08 44.33
N LYS P 27 5.91 67.17 43.45
CA LYS P 27 6.64 67.59 42.25
C LYS P 27 5.64 68.38 41.43
N ARG P 28 6.12 69.16 40.46
CA ARG P 28 5.24 70.11 39.82
C ARG P 28 4.11 69.41 39.05
N ASP P 29 4.44 68.29 38.42
CA ASP P 29 3.51 67.66 37.53
C ASP P 29 3.01 66.37 38.13
N GLY P 30 3.15 66.23 39.43
CA GLY P 30 2.83 64.97 40.09
C GLY P 30 1.38 64.78 40.51
N LYS P 31 1.19 64.01 41.58
CA LYS P 31 -0.16 63.72 42.07
C LYS P 31 -0.76 64.90 42.77
N TYR P 32 -1.93 65.29 42.31
CA TYR P 32 -2.62 66.40 42.91
C TYR P 32 -3.91 66.03 43.64
N ILE P 33 -4.43 66.95 44.42
CA ILE P 33 -5.59 66.68 45.22
C ILE P 33 -6.83 66.86 44.37
N GLU P 34 -6.81 67.85 43.50
CA GLU P 34 -7.99 68.16 42.70
C GLU P 34 -7.74 69.20 41.63
N LYS P 35 -8.20 68.95 40.41
CA LYS P 35 -8.08 69.91 39.35
C LYS P 35 -9.25 70.85 39.50
N ILE P 36 -9.06 72.15 39.28
CA ILE P 36 -10.17 73.09 39.35
C ILE P 36 -10.04 74.10 38.25
N GLY P 37 -9.71 73.66 37.05
CA GLY P 37 -9.56 74.59 35.94
C GLY P 37 -8.34 74.34 35.09
N TYR P 38 -8.26 75.02 33.96
CA TYR P 38 -7.11 74.87 33.09
C TYR P 38 -6.84 76.20 32.43
N TYR P 39 -5.79 76.26 31.63
CA TYR P 39 -5.36 77.53 31.08
C TYR P 39 -4.32 77.37 30.00
N ASP P 40 -4.68 77.72 28.77
CA ASP P 40 -3.70 77.78 27.71
C ASP P 40 -3.23 79.22 27.54
N PRO P 41 -1.92 79.44 27.65
CA PRO P 41 -1.38 80.80 27.63
C PRO P 41 -1.45 81.38 26.24
N ARG P 42 -1.36 80.54 25.22
CA ARG P 42 -1.24 81.00 23.85
C ARG P 42 -2.57 81.31 23.20
N LYS P 43 -3.64 81.19 23.99
CA LYS P 43 -4.99 81.53 23.56
C LYS P 43 -5.23 81.01 22.15
N THR P 44 -5.16 79.69 21.97
CA THR P 44 -5.28 79.06 20.65
C THR P 44 -6.73 78.77 20.27
N THR P 45 -7.61 78.98 21.24
CA THR P 45 -9.00 78.56 21.19
C THR P 45 -9.85 79.62 21.91
N PRO P 46 -11.13 79.78 21.49
CA PRO P 46 -11.97 80.80 22.14
C PRO P 46 -12.13 80.56 23.64
N ASP P 47 -12.01 79.31 24.09
CA ASP P 47 -12.02 79.05 25.51
C ASP P 47 -10.62 78.64 25.92
N TRP P 48 -9.97 79.49 26.72
CA TRP P 48 -8.59 79.20 27.15
C TRP P 48 -8.34 79.37 28.65
N LEU P 49 -9.34 79.87 29.38
CA LEU P 49 -9.29 79.84 30.84
C LEU P 49 -10.64 79.39 31.35
N LYS P 50 -10.66 78.40 32.24
CA LYS P 50 -11.88 77.97 32.90
C LYS P 50 -11.57 77.85 34.38
N VAL P 51 -12.54 78.07 35.27
CA VAL P 51 -12.23 77.87 36.67
C VAL P 51 -13.12 76.96 37.53
N ASP P 52 -14.39 77.28 37.68
CA ASP P 52 -15.23 76.71 38.76
C ASP P 52 -14.88 77.50 39.98
N VAL P 53 -15.59 78.60 40.14
CA VAL P 53 -15.29 79.47 41.25
C VAL P 53 -15.58 78.74 42.54
N GLU P 54 -16.66 77.97 42.60
CA GLU P 54 -17.03 77.40 43.89
C GLU P 54 -15.93 76.54 44.51
N ARG P 55 -15.32 75.68 43.71
CA ARG P 55 -14.26 74.85 44.21
C ARG P 55 -13.04 75.70 44.54
N ALA P 56 -12.75 76.68 43.68
CA ALA P 56 -11.64 77.59 43.94
C ALA P 56 -11.86 78.32 45.26
N ARG P 57 -13.06 78.86 45.44
CA ARG P 57 -13.43 79.51 46.67
C ARG P 57 -13.33 78.56 47.82
N TYR P 58 -13.87 77.36 47.67
CA TYR P 58 -13.81 76.37 48.74
C TYR P 58 -12.41 76.18 49.26
N TRP P 59 -11.48 75.95 48.36
CA TRP P 59 -10.14 75.61 48.76
C TRP P 59 -9.46 76.78 49.44
N LEU P 60 -9.63 77.98 48.87
CA LEU P 60 -9.13 79.18 49.49
C LEU P 60 -9.67 79.25 50.90
N SER P 61 -10.93 78.88 51.09
CA SER P 61 -11.58 79.00 52.40
C SER P 61 -10.93 78.10 53.41
N VAL P 62 -10.25 77.06 52.95
CA VAL P 62 -9.47 76.28 53.89
C VAL P 62 -7.95 76.42 53.75
N GLY P 63 -7.52 77.60 53.32
CA GLY P 63 -6.12 77.97 53.37
C GLY P 63 -5.33 77.40 52.24
N ALA P 64 -5.99 77.08 51.14
CA ALA P 64 -5.23 76.86 49.95
C ALA P 64 -4.60 78.21 49.66
N GLN P 65 -3.36 78.20 49.20
CA GLN P 65 -2.65 79.43 48.92
C GLN P 65 -2.26 79.43 47.46
N PRO P 66 -2.77 80.38 46.68
CA PRO P 66 -2.48 80.39 45.24
C PRO P 66 -1.15 81.03 44.86
N THR P 67 -0.39 80.39 43.97
CA THR P 67 0.81 81.01 43.43
C THR P 67 0.47 82.36 42.81
N ASP P 68 1.44 83.24 42.67
CA ASP P 68 1.10 84.57 42.19
C ASP P 68 0.47 84.53 40.82
N THR P 69 0.68 83.44 40.09
CA THR P 69 0.04 83.31 38.78
C THR P 69 -1.37 82.75 38.84
N ALA P 70 -1.54 81.67 39.60
CA ALA P 70 -2.84 81.03 39.68
C ALA P 70 -3.83 82.02 40.20
N ARG P 71 -3.34 82.93 41.06
CA ARG P 71 -4.17 83.97 41.63
C ARG P 71 -4.64 84.94 40.54
N ARG P 72 -3.72 85.36 39.69
CA ARG P 72 -4.08 86.16 38.54
C ARG P 72 -5.20 85.51 37.73
N LEU P 73 -5.00 84.26 37.35
CA LEU P 73 -6.01 83.54 36.61
C LEU P 73 -7.28 83.39 37.44
N LEU P 74 -7.13 83.02 38.70
CA LEU P 74 -8.28 82.92 39.59
C LEU P 74 -9.02 84.24 39.60
N ARG P 75 -8.33 85.35 39.85
CA ARG P 75 -8.99 86.65 39.89
C ARG P 75 -9.75 86.95 38.60
N GLN P 76 -9.05 86.78 37.49
CA GLN P 76 -9.57 87.05 36.16
C GLN P 76 -10.87 86.30 35.83
N ALA P 77 -11.01 85.08 36.34
CA ALA P 77 -12.24 84.31 36.12
C ALA P 77 -13.26 84.64 37.20
N GLY P 78 -13.06 85.75 37.89
CA GLY P 78 -13.99 86.28 38.88
C GLY P 78 -14.11 85.54 40.20
N VAL P 79 -13.01 84.96 40.65
CA VAL P 79 -13.00 84.13 41.86
C VAL P 79 -13.14 85.03 43.06
N PHE P 80 -12.53 86.20 42.97
CA PHE P 80 -12.48 87.05 44.12
C PHE P 80 -13.67 87.99 44.15
N ARG P 81 -13.89 88.70 43.04
CA ARG P 81 -14.94 89.71 42.87
C ARG P 81 -16.21 89.52 43.74
N GLN P 82 -16.41 90.43 44.69
CA GLN P 82 -17.45 90.28 45.71
C GLN P 82 -18.65 91.20 45.50
N GLU P 83 -18.55 92.07 44.50
CA GLU P 83 -19.60 93.04 44.19
C GLU P 83 -20.45 92.56 43.02
N PRO Q 1 -15.80 49.24 58.65
CA PRO Q 1 -16.35 48.40 59.71
C PRO Q 1 -15.27 47.48 60.22
N LYS Q 2 -15.13 47.38 61.53
CA LYS Q 2 -14.27 46.38 62.07
C LYS Q 2 -14.76 45.03 61.57
N LYS Q 3 -13.86 44.31 60.89
CA LYS Q 3 -14.22 43.06 60.26
C LYS Q 3 -14.65 42.06 61.31
N VAL Q 4 -15.70 41.29 61.04
CA VAL Q 4 -16.18 40.29 62.01
C VAL Q 4 -16.28 38.86 61.46
N LEU Q 5 -15.46 37.96 61.97
CA LEU Q 5 -15.51 36.58 61.51
C LEU Q 5 -16.16 35.68 62.56
N THR Q 6 -16.76 34.57 62.11
CA THR Q 6 -17.37 33.57 62.99
C THR Q 6 -16.56 32.28 62.96
N GLY Q 7 -16.25 31.73 64.12
CA GLY Q 7 -15.41 30.53 64.13
C GLY Q 7 -15.55 29.51 65.23
N VAL Q 8 -14.58 28.62 65.28
CA VAL Q 8 -14.62 27.52 66.19
C VAL Q 8 -13.39 27.51 67.04
N VAL Q 9 -13.56 27.44 68.36
CA VAL Q 9 -12.41 27.41 69.24
C VAL Q 9 -11.76 26.02 69.20
N VAL Q 10 -10.51 25.97 68.76
CA VAL Q 10 -9.81 24.70 68.68
C VAL Q 10 -8.69 24.65 69.72
N SER Q 11 -8.64 25.67 70.58
CA SER Q 11 -7.60 25.74 71.61
C SER Q 11 -7.87 26.81 72.65
N ASP Q 12 -7.79 26.43 73.93
CA ASP Q 12 -7.79 27.38 75.03
C ASP Q 12 -6.67 27.07 76.02
N LYS Q 13 -5.74 26.25 75.56
CA LYS Q 13 -4.55 25.89 76.32
C LYS Q 13 -3.59 27.06 76.27
N MET Q 14 -3.95 28.17 76.90
CA MET Q 14 -3.24 29.43 76.77
C MET Q 14 -3.95 30.43 77.66
N GLN Q 15 -3.20 31.18 78.45
CA GLN Q 15 -3.81 32.13 79.38
C GLN Q 15 -4.50 33.26 78.64
N LYS Q 16 -5.80 33.39 78.87
CA LYS Q 16 -6.60 34.49 78.32
C LYS Q 16 -6.63 34.60 76.79
N THR Q 17 -6.57 33.48 76.09
CA THR Q 17 -6.49 33.56 74.65
C THR Q 17 -7.08 32.30 74.04
N VAL Q 18 -7.96 32.47 73.06
CA VAL Q 18 -8.52 31.32 72.33
C VAL Q 18 -7.97 31.30 70.91
N THR Q 19 -7.94 30.10 70.30
CA THR Q 19 -7.61 29.98 68.89
C THR Q 19 -8.84 29.67 68.07
N VAL Q 20 -9.53 30.71 67.61
CA VAL Q 20 -10.68 30.56 66.74
C VAL Q 20 -10.32 30.22 65.29
N LEU Q 21 -10.94 29.17 64.77
CA LEU Q 21 -10.73 28.76 63.38
C LEU Q 21 -11.92 29.22 62.53
N VAL Q 22 -11.60 29.99 61.47
CA VAL Q 22 -12.60 30.56 60.57
C VAL Q 22 -12.43 30.06 59.11
N GLU Q 23 -13.54 29.65 58.48
CA GLU Q 23 -13.53 29.03 57.16
C GLU Q 23 -14.14 30.02 56.16
N ARG Q 24 -13.83 29.93 54.87
CA ARG Q 24 -14.56 30.76 53.86
C ARG Q 24 -14.86 30.09 52.50
N GLN Q 25 -16.11 29.69 52.25
CA GLN Q 25 -16.51 29.21 50.93
C GLN Q 25 -16.34 30.32 49.88
N PHE Q 26 -15.71 29.97 48.76
CA PHE Q 26 -15.63 30.86 47.59
C PHE Q 26 -15.30 30.15 46.26
N PRO Q 27 -15.89 30.66 45.17
CA PRO Q 27 -15.58 30.17 43.83
C PRO Q 27 -14.15 30.44 43.49
N HIS Q 28 -13.48 29.44 42.93
CA HIS Q 28 -12.07 29.46 42.56
C HIS Q 28 -11.91 30.28 41.31
N PRO Q 29 -10.92 31.17 41.27
CA PRO Q 29 -10.58 32.06 40.17
C PRO Q 29 -10.66 31.39 38.82
N LEU Q 30 -9.67 30.58 38.45
CA LEU Q 30 -9.63 29.96 37.12
C LEU Q 30 -10.67 28.83 36.86
N TYR Q 31 -10.83 27.96 37.84
CA TYR Q 31 -11.48 26.67 37.65
C TYR Q 31 -12.90 26.70 38.12
N GLY Q 32 -13.29 27.74 38.83
CA GLY Q 32 -14.69 27.96 39.13
C GLY Q 32 -15.36 27.12 40.21
N LYS Q 33 -14.81 25.95 40.47
CA LYS Q 33 -15.30 25.08 41.52
C LYS Q 33 -15.26 25.89 42.81
N VAL Q 34 -16.19 25.63 43.75
CA VAL Q 34 -16.12 26.27 45.07
C VAL Q 34 -15.18 25.54 46.02
N ILE Q 35 -14.21 26.28 46.57
CA ILE Q 35 -13.24 25.68 47.48
C ILE Q 35 -13.35 26.28 48.88
N LYS Q 36 -13.36 25.43 49.89
CA LYS Q 36 -13.33 25.91 51.26
C LYS Q 36 -11.87 26.18 51.51
N ARG Q 37 -11.58 26.85 52.62
CA ARG Q 37 -10.25 27.34 52.89
C ARG Q 37 -10.42 27.98 54.24
N SER Q 38 -9.50 27.72 55.17
CA SER Q 38 -9.70 28.19 56.54
C SER Q 38 -8.44 28.72 57.20
N LYS Q 39 -8.61 29.62 58.16
CA LYS Q 39 -7.49 30.29 58.84
C LYS Q 39 -7.64 30.47 60.36
N LYS Q 40 -6.58 30.21 61.11
CA LYS Q 40 -6.62 30.29 62.58
C LYS Q 40 -6.32 31.70 63.06
N TYR Q 41 -7.23 32.26 63.86
CA TYR Q 41 -6.98 33.52 64.54
C TYR Q 41 -6.81 33.36 66.06
N LEU Q 42 -5.91 34.14 66.66
CA LEU Q 42 -5.81 34.17 68.10
C LEU Q 42 -6.73 35.27 68.62
N ALA Q 43 -7.66 34.90 69.49
CA ALA Q 43 -8.62 35.87 70.01
C ALA Q 43 -8.45 36.09 71.51
N HIS Q 44 -8.67 37.34 71.89
CA HIS Q 44 -8.55 37.79 73.27
C HIS Q 44 -9.73 37.33 74.10
N ASP Q 45 -9.49 36.40 75.00
CA ASP Q 45 -10.51 35.98 75.95
C ASP Q 45 -10.07 36.44 77.32
N PRO Q 46 -10.47 37.67 77.69
CA PRO Q 46 -9.86 38.32 78.85
C PRO Q 46 -10.33 37.65 80.13
N GLU Q 47 -11.57 37.19 80.15
CA GLU Q 47 -12.09 36.57 81.36
C GLU Q 47 -12.22 35.05 81.23
N GLU Q 48 -11.16 34.40 80.76
CA GLU Q 48 -11.12 32.98 80.36
C GLU Q 48 -12.50 32.32 80.21
N LYS Q 49 -13.38 33.03 79.50
CA LYS Q 49 -14.81 32.73 79.40
C LYS Q 49 -15.17 31.57 78.46
N TYR Q 50 -14.80 31.69 77.18
CA TYR Q 50 -15.21 30.74 76.15
C TYR Q 50 -14.31 29.53 76.19
N LYS Q 51 -14.88 28.34 75.95
CA LYS Q 51 -14.13 27.08 75.98
C LYS Q 51 -14.25 26.32 74.67
N LEU Q 52 -13.34 25.38 74.40
CA LEU Q 52 -13.30 24.78 73.06
C LEU Q 52 -14.48 23.90 72.74
N GLY Q 53 -15.06 24.17 71.57
CA GLY Q 53 -16.37 23.70 71.23
C GLY Q 53 -17.30 24.86 71.02
N ASP Q 54 -17.08 25.96 71.74
CA ASP Q 54 -17.85 27.17 71.49
C ASP Q 54 -17.71 27.62 70.03
N VAL Q 55 -18.78 28.16 69.47
CA VAL Q 55 -18.71 28.83 68.18
C VAL Q 55 -18.96 30.32 68.41
N VAL Q 56 -17.95 31.14 68.09
CA VAL Q 56 -17.90 32.53 68.52
C VAL Q 56 -17.77 33.52 67.38
N GLU Q 57 -18.25 34.73 67.54
CA GLU Q 57 -17.90 35.77 66.58
C GLU Q 57 -16.69 36.54 67.05
N ILE Q 58 -15.81 36.87 66.12
CA ILE Q 58 -14.50 37.42 66.43
C ILE Q 58 -14.43 38.82 65.83
N ILE Q 59 -13.94 39.81 66.56
CA ILE Q 59 -14.01 41.20 66.06
C ILE Q 59 -12.66 41.89 65.91
N GLU Q 60 -12.50 42.68 64.85
CA GLU Q 60 -11.25 43.38 64.57
C GLU Q 60 -10.98 44.37 65.68
N SER Q 61 -9.76 44.37 66.21
CA SER Q 61 -9.45 45.14 67.41
C SER Q 61 -8.01 45.65 67.43
N ARG Q 62 -7.78 46.73 68.16
CA ARG Q 62 -6.45 47.26 68.40
C ARG Q 62 -5.64 46.18 69.06
N PRO Q 63 -4.38 46.01 68.62
CA PRO Q 63 -3.61 44.81 68.91
C PRO Q 63 -3.32 44.59 70.38
N ILE Q 64 -3.48 43.33 70.76
CA ILE Q 64 -3.26 42.88 72.10
C ILE Q 64 -1.88 42.20 72.22
N SER Q 65 -1.47 41.42 71.22
CA SER Q 65 -0.08 41.04 71.08
C SER Q 65 0.24 41.16 69.62
N LYS Q 66 1.34 40.56 69.17
CA LYS Q 66 1.40 40.17 67.76
C LYS Q 66 0.50 38.94 67.69
N ARG Q 67 0.15 38.44 66.51
CA ARG Q 67 -0.80 37.33 66.46
C ARG Q 67 -2.20 37.68 67.02
N LYS Q 68 -2.24 38.42 68.12
CA LYS Q 68 -3.51 38.77 68.74
C LYS Q 68 -4.07 40.14 68.29
N ARG Q 69 -5.02 40.11 67.36
CA ARG Q 69 -5.64 41.35 66.91
C ARG Q 69 -7.15 41.23 66.88
N PHE Q 70 -7.69 40.19 67.50
CA PHE Q 70 -9.14 40.08 67.61
C PHE Q 70 -9.59 39.76 69.02
N ARG Q 71 -10.81 40.18 69.34
CA ARG Q 71 -11.41 39.93 70.63
C ARG Q 71 -12.67 39.14 70.39
N VAL Q 72 -13.00 38.22 71.28
CA VAL Q 72 -14.17 37.37 71.04
C VAL Q 72 -15.43 38.15 71.26
N LEU Q 73 -16.20 38.38 70.19
CA LEU Q 73 -17.29 39.34 70.22
C LEU Q 73 -18.54 38.83 70.93
N ARG Q 74 -18.90 37.57 70.70
CA ARG Q 74 -20.03 36.95 71.39
C ARG Q 74 -20.07 35.47 71.14
N LEU Q 75 -20.96 34.79 71.85
CA LEU Q 75 -21.15 33.36 71.65
C LEU Q 75 -22.33 33.09 70.71
N VAL Q 76 -22.13 32.18 69.76
CA VAL Q 76 -23.21 31.76 68.90
C VAL Q 76 -23.81 30.47 69.45
N GLU Q 77 -23.37 29.33 68.94
CA GLU Q 77 -23.76 28.06 69.54
C GLU Q 77 -22.56 27.47 70.27
N SER Q 78 -22.82 26.53 71.18
CA SER Q 78 -21.77 25.93 72.01
C SER Q 78 -21.58 24.43 71.76
N GLY Q 79 -20.65 23.84 72.51
CA GLY Q 79 -20.48 22.40 72.53
C GLY Q 79 -20.04 21.63 71.29
N ARG Q 80 -20.27 22.16 70.10
CA ARG Q 80 -20.05 21.34 68.91
C ARG Q 80 -18.61 20.93 68.63
N MET Q 81 -18.29 19.72 69.08
CA MET Q 81 -16.94 19.18 69.10
C MET Q 81 -16.56 18.50 67.79
N ASP Q 82 -17.50 18.46 66.86
CA ASP Q 82 -17.27 17.78 65.59
C ASP Q 82 -16.14 18.47 64.86
N LEU Q 83 -16.24 19.80 64.76
CA LEU Q 83 -15.23 20.58 64.05
C LEU Q 83 -13.91 20.60 64.81
N VAL Q 84 -13.99 20.62 66.13
CA VAL Q 84 -12.78 20.50 66.92
C VAL Q 84 -12.06 19.19 66.60
N GLU Q 85 -12.82 18.09 66.61
CA GLU Q 85 -12.25 16.78 66.30
C GLU Q 85 -11.84 16.77 64.85
N LYS Q 86 -12.68 17.35 64.01
CA LYS Q 86 -12.37 17.53 62.60
C LYS Q 86 -10.97 18.13 62.46
N TYR Q 87 -10.78 19.31 63.04
CA TYR Q 87 -9.51 20.00 62.98
C TYR Q 87 -8.38 19.19 63.63
N LEU Q 88 -8.73 18.41 64.64
CA LEU Q 88 -7.73 17.66 65.41
C LEU Q 88 -7.13 16.46 64.67
N ILE Q 89 -7.97 15.71 63.95
CA ILE Q 89 -7.48 14.60 63.15
C ILE Q 89 -6.54 15.17 62.10
N ARG Q 90 -7.04 16.23 61.46
CA ARG Q 90 -6.37 16.95 60.39
C ARG Q 90 -4.89 17.11 60.68
N ARG Q 91 -4.56 17.42 61.92
CA ARG Q 91 -3.17 17.61 62.31
C ARG Q 91 -2.52 16.31 62.76
N GLN Q 92 -3.32 15.37 63.24
CA GLN Q 92 -2.79 14.08 63.68
C GLN Q 92 -2.21 13.32 62.49
N ASN Q 93 -2.80 13.56 61.31
CA ASN Q 93 -2.31 12.99 60.06
C ASN Q 93 -0.87 13.33 59.78
N TYR Q 94 -0.48 14.55 60.15
CA TYR Q 94 0.85 15.06 59.84
C TYR Q 94 1.95 14.12 60.32
N GLN Q 95 1.62 13.27 61.29
CA GLN Q 95 2.57 12.32 61.87
C GLN Q 95 3.23 11.46 60.81
N SER Q 96 2.44 10.98 59.84
CA SER Q 96 3.03 10.35 58.66
C SER Q 96 3.57 11.45 57.76
N LEU Q 97 3.33 11.36 56.46
CA LEU Q 97 3.72 12.42 55.52
C LEU Q 97 5.19 12.94 55.58
N SER Q 98 6.15 12.10 55.97
CA SER Q 98 7.48 12.62 56.34
C SER Q 98 8.76 11.95 55.77
N LYS Q 99 9.27 10.99 56.55
CA LYS Q 99 10.61 10.40 56.41
C LYS Q 99 10.88 9.67 57.73
N ARG Q 100 10.22 10.13 58.80
CA ARG Q 100 10.51 9.67 60.17
C ARG Q 100 9.61 8.55 60.73
N GLY Q 101 8.76 8.88 61.70
CA GLY Q 101 7.96 7.87 62.38
C GLY Q 101 6.77 8.33 63.20
N GLY Q 102 5.67 7.60 63.08
CA GLY Q 102 4.42 7.92 63.78
C GLY Q 102 3.15 7.50 63.02
N LYS Q 103 2.31 6.71 63.68
CA LYS Q 103 1.05 6.23 63.08
C LYS Q 103 -0.01 7.34 62.94
N ALA Q 104 -0.37 7.67 61.69
CA ALA Q 104 -1.29 8.77 61.43
C ALA Q 104 -2.73 8.33 61.26
N PRO R 1 -22.03 -37.78 12.94
CA PRO R 1 -23.00 -37.83 14.03
C PRO R 1 -22.36 -37.98 15.41
N SER R 2 -21.57 -39.04 15.62
CA SER R 2 -20.89 -39.32 16.89
C SER R 2 -21.83 -39.64 18.06
N ARG R 3 -22.86 -40.45 17.78
CA ARG R 3 -23.89 -40.79 18.78
C ARG R 3 -23.99 -42.29 19.07
N LYS R 4 -22.89 -42.90 19.49
CA LYS R 4 -22.91 -44.31 19.89
C LYS R 4 -23.52 -44.47 21.29
N ALA R 5 -23.20 -45.58 21.96
CA ALA R 5 -23.77 -45.84 23.29
C ALA R 5 -23.24 -44.87 24.36
N LYS R 6 -24.16 -44.27 25.11
CA LYS R 6 -23.79 -43.40 26.25
C LYS R 6 -23.79 -44.21 27.54
N VAL R 7 -23.48 -43.58 28.67
CA VAL R 7 -23.51 -44.30 29.94
C VAL R 7 -24.76 -43.96 30.78
N LYS R 8 -25.04 -42.67 30.95
CA LYS R 8 -26.15 -42.20 31.78
C LYS R 8 -27.47 -42.96 31.53
N ALA R 9 -27.67 -43.41 30.29
CA ALA R 9 -28.85 -44.19 29.92
C ALA R 9 -28.80 -45.62 30.46
N THR R 10 -27.64 -46.25 30.30
CA THR R 10 -27.37 -47.63 30.76
C THR R 10 -27.86 -47.98 32.17
N LEU R 11 -27.78 -47.03 33.10
CA LEU R 11 -28.18 -47.30 34.48
C LEU R 11 -29.50 -46.65 34.83
N GLY R 12 -29.79 -46.62 36.12
CA GLY R 12 -31.02 -46.04 36.61
C GLY R 12 -30.83 -45.00 37.70
N GLU R 13 -31.64 -45.10 38.73
CA GLU R 13 -31.76 -44.07 39.76
C GLU R 13 -30.63 -44.12 40.78
N PHE R 14 -29.39 -44.04 40.33
CA PHE R 14 -28.26 -44.26 41.24
C PHE R 14 -27.74 -43.02 41.95
N ASP R 15 -27.31 -43.24 43.19
CA ASP R 15 -26.65 -42.22 44.01
C ASP R 15 -25.34 -41.88 43.33
N LEU R 16 -24.97 -40.60 43.34
CA LEU R 16 -23.73 -40.22 42.69
C LEU R 16 -22.62 -40.02 43.71
N ARG R 17 -22.88 -40.38 44.96
CA ARG R 17 -21.90 -40.19 46.00
C ARG R 17 -21.60 -41.50 46.70
N ASP R 18 -22.08 -42.59 46.13
CA ASP R 18 -21.89 -43.89 46.77
C ASP R 18 -20.59 -44.53 46.29
N TYR R 19 -19.49 -44.10 46.91
CA TYR R 19 -18.14 -44.54 46.53
C TYR R 19 -17.90 -46.01 46.83
N ARG R 20 -18.81 -46.63 47.56
CA ARG R 20 -18.69 -48.04 47.89
C ARG R 20 -19.34 -48.92 46.84
N ASN R 21 -20.33 -48.36 46.16
CA ASN R 21 -20.96 -49.07 45.05
C ASN R 21 -19.99 -49.17 43.89
N VAL R 22 -19.71 -50.38 43.45
CA VAL R 22 -18.69 -50.53 42.44
C VAL R 22 -19.20 -50.97 41.09
N GLU R 23 -19.94 -52.06 41.06
CA GLU R 23 -20.53 -52.56 39.83
C GLU R 23 -21.20 -51.44 39.04
N VAL R 24 -21.73 -50.45 39.76
CA VAL R 24 -22.25 -49.24 39.13
C VAL R 24 -21.11 -48.33 38.74
N LEU R 25 -20.30 -47.95 39.71
CA LEU R 25 -19.19 -47.02 39.50
C LEU R 25 -18.18 -47.40 38.41
N LYS R 26 -17.88 -48.69 38.28
CA LYS R 26 -16.87 -49.13 37.32
C LYS R 26 -17.33 -48.97 35.87
N ARG R 27 -18.59 -48.58 35.66
CA ARG R 27 -19.08 -48.36 34.31
C ARG R 27 -18.63 -47.02 33.75
N PHE R 28 -17.93 -46.26 34.57
CA PHE R 28 -17.55 -44.91 34.18
C PHE R 28 -16.04 -44.82 33.97
N LEU R 29 -15.39 -45.96 33.80
CA LEU R 29 -13.95 -45.97 33.64
C LEU R 29 -13.56 -46.46 32.26
N SER R 30 -12.40 -46.03 31.79
CA SER R 30 -11.89 -46.38 30.47
C SER R 30 -11.80 -47.90 30.30
N GLU R 31 -11.34 -48.30 29.11
CA GLU R 31 -10.93 -49.67 28.86
C GLU R 31 -9.77 -49.92 29.83
N THR R 32 -8.83 -48.96 29.85
CA THR R 32 -7.87 -48.80 30.95
C THR R 32 -8.60 -48.27 32.18
N GLY R 33 -7.88 -47.59 33.06
CA GLY R 33 -8.50 -47.18 34.31
C GLY R 33 -9.09 -45.79 34.28
N LYS R 34 -8.76 -45.06 33.21
CA LYS R 34 -9.07 -43.63 33.11
C LYS R 34 -10.55 -43.29 33.24
N ILE R 35 -10.84 -42.23 33.97
CA ILE R 35 -12.19 -41.73 34.16
C ILE R 35 -12.74 -41.25 32.83
N LEU R 36 -13.95 -41.67 32.50
CA LEU R 36 -14.52 -41.37 31.20
C LEU R 36 -14.91 -39.90 31.04
N PRO R 37 -14.75 -39.40 29.80
CA PRO R 37 -15.10 -38.03 29.45
C PRO R 37 -16.62 -37.85 29.43
N ARG R 38 -17.08 -36.61 29.55
CA ARG R 38 -18.51 -36.34 29.55
C ARG R 38 -19.17 -36.78 28.25
N ARG R 39 -18.44 -36.70 27.14
CA ARG R 39 -19.03 -37.08 25.88
C ARG R 39 -19.41 -38.55 25.89
N ARG R 40 -18.85 -39.30 26.84
CA ARG R 40 -19.15 -40.72 26.92
C ARG R 40 -19.85 -41.12 28.21
N THR R 41 -19.83 -40.25 29.22
CA THR R 41 -20.60 -40.53 30.43
C THR R 41 -22.00 -39.98 30.25
N GLY R 42 -22.10 -38.91 29.47
CA GLY R 42 -23.35 -38.20 29.26
C GLY R 42 -23.87 -37.58 30.55
N LEU R 43 -22.96 -37.08 31.37
CA LEU R 43 -23.37 -36.48 32.62
C LEU R 43 -23.32 -35.00 32.46
N SER R 44 -24.16 -34.31 33.22
CA SER R 44 -24.12 -32.85 33.30
C SER R 44 -22.81 -32.37 33.91
N GLY R 45 -22.46 -31.11 33.68
CA GLY R 45 -21.23 -30.54 34.17
C GLY R 45 -21.05 -30.82 35.65
N LYS R 46 -22.15 -30.71 36.38
CA LYS R 46 -22.16 -30.88 37.83
C LYS R 46 -22.18 -32.35 38.22
N GLU R 47 -22.90 -33.16 37.46
CA GLU R 47 -22.95 -34.59 37.74
C GLU R 47 -21.54 -35.16 37.69
N GLN R 48 -20.83 -34.84 36.60
CA GLN R 48 -19.48 -35.35 36.31
C GLN R 48 -18.42 -34.88 37.31
N ARG R 49 -18.63 -33.68 37.84
CA ARG R 49 -17.78 -33.14 38.89
C ARG R 49 -17.84 -34.05 40.13
N ILE R 50 -19.04 -34.51 40.48
CA ILE R 50 -19.27 -35.37 41.65
C ILE R 50 -18.81 -36.81 41.44
N LEU R 51 -18.82 -37.25 40.18
CA LEU R 51 -18.39 -38.58 39.81
C LEU R 51 -16.92 -38.75 40.09
N ALA R 52 -16.14 -37.73 39.73
CA ALA R 52 -14.71 -37.74 39.99
C ALA R 52 -14.46 -37.85 41.47
N LYS R 53 -14.95 -36.87 42.21
CA LYS R 53 -14.73 -36.83 43.65
C LYS R 53 -15.07 -38.15 44.32
N THR R 54 -15.92 -38.96 43.71
CA THR R 54 -16.22 -40.26 44.29
C THR R 54 -15.37 -41.38 43.70
N ILE R 55 -15.29 -41.46 42.37
CA ILE R 55 -14.42 -42.43 41.72
C ILE R 55 -12.99 -42.34 42.28
N LYS R 56 -12.53 -41.12 42.55
CA LYS R 56 -11.28 -40.94 43.26
C LYS R 56 -11.33 -41.59 44.64
N ARG R 57 -12.31 -41.23 45.46
CA ARG R 57 -12.48 -41.80 46.81
C ARG R 57 -12.50 -43.32 46.76
N ALA R 58 -13.18 -43.83 45.74
CA ALA R 58 -13.40 -45.25 45.57
C ALA R 58 -12.09 -45.90 45.20
N ARG R 59 -11.22 -45.14 44.55
CA ARG R 59 -9.89 -45.60 44.26
C ARG R 59 -9.05 -45.79 45.52
N ILE R 60 -9.05 -44.78 46.38
CA ILE R 60 -8.34 -44.86 47.66
C ILE R 60 -8.74 -46.06 48.54
N LEU R 61 -10.01 -46.45 48.48
CA LEU R 61 -10.44 -47.64 49.21
C LEU R 61 -9.94 -48.92 48.58
N GLY R 62 -9.44 -48.83 47.36
CA GLY R 62 -9.00 -50.00 46.64
C GLY R 62 -10.13 -50.79 45.99
N LEU R 63 -11.24 -50.10 45.70
CA LEU R 63 -12.38 -50.71 45.02
C LEU R 63 -12.32 -50.43 43.53
N LEU R 64 -11.81 -49.26 43.19
CA LEU R 64 -11.61 -48.90 41.80
C LEU R 64 -10.12 -48.74 41.52
N PRO R 65 -9.67 -49.24 40.37
CA PRO R 65 -8.28 -49.11 39.90
C PRO R 65 -7.90 -47.67 39.65
N PHE R 66 -6.61 -47.35 39.65
CA PHE R 66 -6.18 -46.02 39.25
C PHE R 66 -5.82 -46.03 37.77
N THR R 67 -5.44 -47.21 37.29
CA THR R 67 -4.87 -47.37 35.96
C THR R 67 -4.98 -48.84 35.56
N GLU R 68 -4.83 -49.13 34.28
CA GLU R 68 -4.85 -50.52 33.82
C GLU R 68 -3.88 -50.82 32.70
N LYS R 69 -4.29 -51.70 31.80
CA LYS R 69 -3.39 -52.22 30.76
C LYS R 69 -4.17 -52.66 29.49
N LEU R 70 -3.89 -51.99 28.39
CA LEU R 70 -4.65 -52.17 27.15
C LEU R 70 -4.44 -53.53 26.47
N VAL R 71 -5.49 -54.34 26.47
CA VAL R 71 -5.43 -55.70 25.91
C VAL R 71 -5.57 -55.73 24.38
N ARG R 72 -4.86 -56.65 23.74
CA ARG R 72 -4.97 -56.94 22.30
C ARG R 72 -4.35 -55.92 21.32
N LYS R 73 -3.41 -55.09 21.80
CA LYS R 73 -2.83 -54.01 20.97
C LYS R 73 -1.93 -54.44 19.79
N PRO S 1 54.78 -26.18 -50.17
CA PRO S 1 53.82 -25.53 -51.08
C PRO S 1 54.25 -24.13 -51.52
N ARG S 2 54.53 -23.96 -52.81
CA ARG S 2 54.79 -22.64 -53.39
C ARG S 2 53.54 -22.15 -54.13
N SER S 3 53.64 -21.01 -54.84
CA SER S 3 52.56 -20.56 -55.72
C SER S 3 52.83 -19.33 -56.62
N LEU S 4 52.93 -19.53 -57.94
CA LEU S 4 52.98 -18.43 -58.94
C LEU S 4 53.04 -18.81 -60.44
N LYS S 5 53.08 -20.11 -60.75
CA LYS S 5 52.95 -20.64 -62.14
C LYS S 5 53.92 -20.10 -63.20
N LYS S 6 53.52 -18.97 -63.79
CA LYS S 6 54.33 -18.23 -64.75
C LYS S 6 53.99 -16.72 -64.70
N GLY S 7 55.04 -15.90 -64.79
CA GLY S 7 54.93 -14.48 -64.53
C GLY S 7 55.40 -14.29 -63.11
N VAL S 8 56.52 -14.94 -62.79
CA VAL S 8 57.04 -14.97 -61.43
C VAL S 8 57.20 -13.58 -60.83
N PHE S 9 56.11 -13.04 -60.30
CA PHE S 9 56.01 -11.63 -59.93
C PHE S 9 57.20 -11.03 -59.17
N VAL S 10 57.66 -9.89 -59.68
CA VAL S 10 58.66 -9.05 -59.02
C VAL S 10 58.25 -7.63 -59.35
N ASP S 11 57.82 -6.87 -58.34
CA ASP S 11 57.34 -5.51 -58.58
C ASP S 11 58.38 -4.67 -59.30
N ASP S 12 57.95 -3.73 -60.14
CA ASP S 12 58.90 -3.06 -61.03
C ASP S 12 59.42 -1.68 -60.61
N HIS S 13 59.02 -1.19 -59.44
CA HIS S 13 59.56 0.06 -58.92
C HIS S 13 61.08 -0.03 -58.84
N LEU S 14 61.57 -1.20 -58.49
CA LEU S 14 62.99 -1.42 -58.28
C LEU S 14 63.53 -2.51 -59.19
N LEU S 15 62.69 -2.99 -60.10
CA LEU S 15 63.13 -4.02 -61.03
C LEU S 15 64.15 -3.44 -62.01
N GLU S 16 63.95 -2.18 -62.40
CA GLU S 16 64.92 -1.50 -63.26
C GLU S 16 65.91 -0.69 -62.44
N LYS S 17 65.47 -0.23 -61.28
CA LYS S 17 66.34 0.48 -60.36
C LYS S 17 67.46 -0.46 -59.90
N VAL S 18 67.17 -1.76 -59.85
CA VAL S 18 68.20 -2.73 -59.47
C VAL S 18 69.17 -2.99 -60.62
N LEU S 19 68.71 -2.85 -61.85
CA LEU S 19 69.56 -3.11 -63.01
C LEU S 19 70.07 -1.83 -63.66
N GLU S 20 69.57 -0.69 -63.20
CA GLU S 20 70.16 0.58 -63.57
C GLU S 20 71.40 0.81 -62.69
N LEU S 21 71.45 0.11 -61.56
CA LEU S 21 72.63 0.11 -60.72
C LEU S 21 73.58 -1.00 -61.14
N ASN S 22 73.14 -1.76 -62.15
CA ASN S 22 74.02 -2.71 -62.81
C ASN S 22 74.47 -2.11 -64.15
N ALA S 23 74.75 -0.81 -64.11
CA ALA S 23 75.37 -0.10 -65.23
C ALA S 23 76.63 0.59 -64.69
N LYS S 24 76.67 0.76 -63.36
CA LYS S 24 77.86 1.26 -62.67
C LYS S 24 78.15 0.52 -61.35
N GLY S 25 77.96 1.22 -60.22
CA GLY S 25 78.28 0.63 -58.93
C GLY S 25 77.06 0.36 -58.07
N GLU S 26 77.19 -0.61 -57.17
CA GLU S 26 76.10 -1.02 -56.30
C GLU S 26 75.87 -0.02 -55.17
N LYS S 27 74.95 0.92 -55.41
CA LYS S 27 74.65 1.98 -54.44
C LYS S 27 74.16 1.43 -53.11
N ARG S 28 74.72 1.95 -52.02
CA ARG S 28 74.36 1.51 -50.68
C ARG S 28 72.92 1.88 -50.35
N LEU S 29 72.13 0.87 -49.97
CA LEU S 29 70.78 1.05 -49.45
C LEU S 29 69.83 1.71 -50.46
N ILE S 30 69.06 0.88 -51.16
CA ILE S 30 68.14 1.34 -52.19
C ILE S 30 66.69 1.00 -51.83
N LYS S 31 66.22 1.64 -50.74
CA LYS S 31 64.95 1.37 -50.06
C LYS S 31 63.68 1.24 -50.90
N THR S 32 62.85 0.26 -50.54
CA THR S 32 61.51 0.13 -51.12
C THR S 32 60.43 -0.04 -50.06
N TRP S 33 59.20 -0.17 -50.53
CA TRP S 33 58.05 -0.51 -49.71
C TRP S 33 57.40 -1.74 -50.32
N SER S 34 57.89 -2.13 -51.49
CA SER S 34 57.40 -3.34 -52.15
C SER S 34 58.04 -4.57 -51.54
N ARG S 35 57.60 -4.92 -50.34
CA ARG S 35 58.07 -6.13 -49.68
C ARG S 35 57.51 -7.36 -50.40
N ARG S 36 56.77 -7.12 -51.49
CA ARG S 36 56.07 -8.18 -52.21
C ARG S 36 56.84 -8.68 -53.43
N SER S 37 57.91 -7.98 -53.76
CA SER S 37 58.69 -8.34 -54.94
C SER S 37 59.62 -9.51 -54.64
N THR S 38 59.60 -10.51 -55.53
CA THR S 38 60.45 -11.69 -55.41
C THR S 38 61.88 -11.30 -55.70
N ILE S 39 62.84 -11.94 -55.03
CA ILE S 39 64.24 -11.69 -55.34
C ILE S 39 64.64 -12.40 -56.64
N VAL S 40 65.50 -11.76 -57.41
CA VAL S 40 65.89 -12.31 -58.71
C VAL S 40 67.38 -12.06 -58.92
N PRO S 41 68.08 -12.99 -59.62
CA PRO S 41 69.55 -13.00 -59.72
C PRO S 41 70.22 -11.63 -59.84
N GLU S 42 69.61 -10.70 -60.55
CA GLU S 42 70.18 -9.35 -60.69
C GLU S 42 70.14 -8.58 -59.37
N MET S 43 69.47 -9.15 -58.38
CA MET S 43 69.39 -8.51 -57.07
C MET S 43 70.53 -8.96 -56.16
N VAL S 44 71.19 -10.06 -56.51
CA VAL S 44 72.25 -10.61 -55.68
C VAL S 44 73.38 -9.60 -55.51
N GLY S 45 73.80 -9.38 -54.26
CA GLY S 45 74.91 -8.48 -53.98
C GLY S 45 74.52 -7.16 -53.36
N HIS S 46 73.42 -6.57 -53.83
CA HIS S 46 72.97 -5.26 -53.35
C HIS S 46 72.55 -5.27 -51.89
N THR S 47 71.82 -4.23 -51.49
CA THR S 47 71.28 -4.15 -50.13
C THR S 47 70.02 -3.30 -50.11
N ILE S 48 68.89 -3.94 -49.81
CA ILE S 48 67.59 -3.30 -49.93
C ILE S 48 66.97 -2.95 -48.58
N ALA S 49 66.56 -1.69 -48.43
CA ALA S 49 65.89 -1.27 -47.21
C ALA S 49 64.39 -1.49 -47.33
N VAL S 50 63.92 -2.58 -46.77
CA VAL S 50 62.51 -2.96 -46.84
C VAL S 50 61.75 -2.38 -45.65
N TYR S 51 60.56 -1.85 -45.91
CA TYR S 51 59.78 -1.22 -44.86
C TYR S 51 59.19 -2.26 -43.88
N ASN S 52 58.79 -1.78 -42.70
CA ASN S 52 58.18 -2.62 -41.68
C ASN S 52 56.72 -2.31 -41.55
N GLY S 53 56.36 -1.14 -42.05
CA GLY S 53 55.16 -0.46 -41.59
C GLY S 53 55.67 0.58 -40.62
N LYS S 54 56.91 0.40 -40.18
CA LYS S 54 57.57 1.33 -39.27
C LYS S 54 58.97 1.76 -39.75
N GLN S 55 59.87 0.79 -39.96
CA GLN S 55 61.24 1.12 -40.34
C GLN S 55 61.72 0.41 -41.61
N HIS S 56 62.64 1.05 -42.33
CA HIS S 56 63.35 0.39 -43.41
C HIS S 56 64.40 -0.51 -42.77
N VAL S 57 64.89 -1.51 -43.49
CA VAL S 57 65.85 -2.44 -42.90
C VAL S 57 66.98 -2.84 -43.82
N PRO S 58 68.19 -2.87 -43.29
CA PRO S 58 69.36 -3.31 -44.07
C PRO S 58 69.28 -4.80 -44.40
N VAL S 59 68.73 -5.13 -45.55
CA VAL S 59 68.69 -6.53 -46.02
C VAL S 59 69.82 -6.83 -47.02
N TYR S 60 71.01 -7.16 -46.51
CA TYR S 60 72.07 -7.63 -47.38
C TYR S 60 71.52 -8.86 -48.07
N ILE S 61 71.61 -8.88 -49.40
CA ILE S 61 70.97 -9.93 -50.18
C ILE S 61 71.96 -10.90 -50.85
N THR S 62 72.00 -12.13 -50.34
CA THR S 62 72.98 -13.15 -50.72
C THR S 62 72.56 -14.01 -51.91
N GLU S 63 72.96 -15.27 -51.91
CA GLU S 63 72.66 -16.18 -53.02
C GLU S 63 71.56 -17.17 -52.69
N ASN S 64 71.53 -17.60 -51.43
CA ASN S 64 70.50 -18.52 -50.97
C ASN S 64 69.12 -17.88 -51.10
N MET S 65 69.03 -16.62 -50.70
CA MET S 65 67.81 -15.84 -50.87
C MET S 65 67.60 -15.58 -52.35
N VAL S 66 66.63 -16.27 -52.97
CA VAL S 66 66.26 -15.98 -54.34
C VAL S 66 64.77 -16.24 -54.59
N GLY S 67 64.31 -17.45 -54.31
CA GLY S 67 62.91 -17.78 -54.51
C GLY S 67 61.99 -16.96 -53.64
N HIS S 68 62.54 -16.38 -52.58
CA HIS S 68 61.74 -15.74 -51.55
C HIS S 68 61.32 -14.32 -51.91
N LYS S 69 60.54 -13.70 -51.02
CA LYS S 69 60.16 -12.29 -51.13
C LYS S 69 60.86 -11.47 -50.03
N LEU S 70 61.04 -10.18 -50.26
CA LEU S 70 61.78 -9.33 -49.33
C LEU S 70 61.13 -9.32 -47.96
N GLY S 71 59.79 -9.31 -47.94
CA GLY S 71 59.03 -9.30 -46.71
C GLY S 71 59.40 -10.43 -45.77
N GLU S 72 59.90 -11.53 -46.33
CA GLU S 72 60.36 -12.66 -45.52
C GLU S 72 61.60 -12.31 -44.70
N PHE S 73 62.20 -11.17 -45.02
CA PHE S 73 63.45 -10.76 -44.35
C PHE S 73 63.30 -9.46 -43.56
N ALA S 74 62.15 -8.83 -43.72
CA ALA S 74 61.83 -7.63 -42.98
C ALA S 74 60.68 -7.96 -42.07
N PRO S 75 60.98 -8.47 -40.88
CA PRO S 75 59.95 -8.92 -39.94
C PRO S 75 59.13 -7.77 -39.36
N THR S 76 57.81 -7.96 -39.34
CA THR S 76 56.93 -6.90 -38.90
C THR S 76 56.85 -6.81 -37.37
N ARG S 77 55.74 -7.23 -36.77
CA ARG S 77 55.58 -7.26 -35.30
C ARG S 77 56.81 -7.72 -34.47
N THR S 78 56.90 -7.26 -33.22
CA THR S 78 58.08 -7.52 -32.36
C THR S 78 57.76 -8.27 -31.05
N TYR S 79 58.62 -9.20 -30.64
CA TYR S 79 58.25 -10.14 -29.57
C TYR S 79 59.12 -10.34 -28.31
N ARG S 80 58.40 -10.39 -27.17
CA ARG S 80 58.86 -10.74 -25.81
C ARG S 80 60.26 -11.31 -25.74
N ARG T 1 34.68 70.72 49.50
CA ARG T 1 34.95 71.39 50.77
C ARG T 1 33.95 72.53 51.11
N ASN T 2 33.70 72.72 52.40
CA ASN T 2 32.89 73.82 52.95
C ASN T 2 31.43 73.91 52.51
N LEU T 3 30.56 74.00 53.50
CA LEU T 3 29.13 74.17 53.27
C LEU T 3 28.59 74.78 54.54
N SER T 4 28.58 76.11 54.58
CA SER T 4 28.43 76.84 55.85
C SER T 4 27.21 76.48 56.72
N ALA T 5 26.23 75.75 56.16
CA ALA T 5 25.22 75.06 56.97
C ALA T 5 25.77 73.68 57.55
N LEU T 6 26.92 73.81 58.24
CA LEU T 6 27.39 72.90 59.29
C LEU T 6 27.33 73.73 60.58
N LYS T 7 26.85 74.95 60.40
CA LYS T 7 26.29 75.76 61.45
C LYS T 7 25.21 74.97 62.14
N ARG T 8 24.42 74.26 61.34
CA ARG T 8 23.35 73.45 61.90
C ARG T 8 23.88 72.38 62.82
N HIS T 9 24.95 71.72 62.41
CA HIS T 9 25.49 70.71 63.29
C HIS T 9 25.97 71.36 64.56
N ARG T 10 26.74 72.43 64.40
CA ARG T 10 27.25 73.27 65.48
C ARG T 10 26.15 73.51 66.50
N GLN T 11 25.01 74.02 66.05
CA GLN T 11 23.97 74.38 66.99
C GLN T 11 23.14 73.21 67.47
N SER T 12 23.25 72.07 66.79
CA SER T 12 22.51 70.90 67.24
C SER T 12 23.14 70.47 68.56
N LEU T 13 24.46 70.58 68.64
CA LEU T 13 25.18 70.20 69.83
C LEU T 13 24.78 71.09 70.99
N LYS T 14 24.59 72.36 70.70
CA LYS T 14 24.23 73.30 71.74
C LYS T 14 22.91 72.84 72.34
N ARG T 15 22.02 72.36 71.48
CA ARG T 15 20.70 71.93 71.91
C ARG T 15 20.76 70.58 72.59
N ARG T 16 21.60 69.71 72.05
CA ARG T 16 21.80 68.39 72.64
C ARG T 16 21.99 68.49 74.14
N LEU T 17 22.60 69.60 74.59
CA LEU T 17 22.82 69.84 76.02
C LEU T 17 21.66 70.45 76.76
N ARG T 18 21.01 71.43 76.17
CA ARG T 18 19.89 72.03 76.86
C ARG T 18 18.89 70.94 77.22
N ASN T 19 18.59 70.09 76.26
CA ASN T 19 17.68 68.96 76.45
C ASN T 19 18.26 67.99 77.44
N LYS T 20 19.50 67.58 77.19
CA LYS T 20 20.14 66.50 77.94
C LYS T 20 20.02 66.75 79.41
N ALA T 21 20.22 68.01 79.79
CA ALA T 21 20.23 68.36 81.19
C ALA T 21 18.83 68.39 81.72
N LYS T 22 17.92 69.04 80.97
CA LYS T 22 16.55 69.19 81.42
C LYS T 22 16.00 67.82 81.81
N LYS T 23 16.22 66.85 80.91
CA LYS T 23 15.76 65.49 81.08
C LYS T 23 16.35 64.86 82.33
N SER T 24 17.67 64.99 82.47
CA SER T 24 18.40 64.50 83.64
C SER T 24 17.76 64.93 84.96
N ALA T 25 17.36 66.19 85.03
CA ALA T 25 16.81 66.75 86.25
C ALA T 25 15.49 66.08 86.58
N ILE T 26 14.68 65.88 85.55
CA ILE T 26 13.41 65.21 85.72
C ILE T 26 13.60 63.80 86.26
N LYS T 27 14.49 63.05 85.64
CA LYS T 27 14.70 61.66 86.02
C LYS T 27 15.13 61.56 87.47
N THR T 28 16.06 62.41 87.88
CA THR T 28 16.59 62.33 89.24
C THR T 28 15.66 62.93 90.27
N LEU T 29 14.84 63.88 89.85
CA LEU T 29 13.84 64.39 90.75
C LEU T 29 12.72 63.39 90.92
N SER T 30 12.36 62.72 89.83
CA SER T 30 11.28 61.74 89.87
C SER T 30 11.69 60.60 90.78
N LYS T 31 12.72 59.83 90.40
CA LYS T 31 13.26 58.80 91.27
C LYS T 31 13.19 59.22 92.74
N LYS T 32 13.66 60.43 93.01
CA LYS T 32 13.72 60.98 94.36
C LYS T 32 12.34 61.04 94.97
N ALA T 33 11.39 61.54 94.19
CA ALA T 33 10.05 61.73 94.67
C ALA T 33 9.46 60.38 95.01
N VAL T 34 9.72 59.40 94.16
CA VAL T 34 9.22 58.03 94.34
C VAL T 34 9.97 57.35 95.50
N GLN T 35 11.19 57.78 95.76
CA GLN T 35 11.93 57.22 96.87
C GLN T 35 11.40 57.75 98.20
N LEU T 36 10.83 58.95 98.15
CA LEU T 36 10.30 59.57 99.36
C LEU T 36 8.97 58.92 99.75
N ALA T 37 8.37 58.20 98.80
CA ALA T 37 7.08 57.59 99.03
C ALA T 37 7.20 56.10 99.34
N GLN T 38 8.29 55.48 98.90
CA GLN T 38 8.56 54.09 99.26
C GLN T 38 9.04 54.04 100.70
N GLU T 39 9.30 55.22 101.27
CA GLU T 39 9.65 55.37 102.68
C GLU T 39 8.49 56.07 103.36
N GLY T 40 7.46 56.34 102.58
CA GLY T 40 6.24 56.97 103.05
C GLY T 40 6.39 58.30 103.75
N LYS T 41 7.25 59.18 103.26
CA LYS T 41 7.45 60.49 103.90
C LYS T 41 6.70 61.59 103.17
N ALA T 42 5.38 61.51 103.19
CA ALA T 42 4.51 62.28 102.30
C ALA T 42 4.71 63.81 102.26
N GLU T 43 5.14 64.42 103.36
CA GLU T 43 5.32 65.87 103.35
C GLU T 43 6.36 66.27 102.31
N GLU T 44 7.57 65.73 102.44
CA GLU T 44 8.64 65.98 101.49
C GLU T 44 8.25 65.44 100.12
N ALA T 45 7.64 64.26 100.12
CA ALA T 45 7.36 63.49 98.91
C ALA T 45 6.64 64.27 97.83
N LEU T 46 5.45 64.75 98.16
CA LEU T 46 4.68 65.54 97.23
C LEU T 46 5.39 66.87 96.90
N LYS T 47 6.07 67.43 97.90
CA LYS T 47 6.79 68.69 97.73
C LYS T 47 7.80 68.58 96.60
N ILE T 48 8.45 67.43 96.49
CA ILE T 48 9.33 67.20 95.37
C ILE T 48 8.52 66.78 94.16
N MET T 49 7.66 65.78 94.32
CA MET T 49 6.80 65.28 93.23
C MET T 49 6.23 66.44 92.43
N ARG T 50 5.87 67.49 93.16
CA ARG T 50 5.38 68.71 92.55
C ARG T 50 6.48 69.48 91.78
N LYS T 51 7.68 69.55 92.33
CA LYS T 51 8.77 70.25 91.66
C LYS T 51 9.10 69.56 90.35
N ALA T 52 8.95 68.24 90.33
CA ALA T 52 9.23 67.45 89.13
C ALA T 52 8.08 67.51 88.12
N GLU T 53 6.85 67.56 88.61
CA GLU T 53 5.71 67.79 87.73
C GLU T 53 5.97 69.05 86.93
N SER T 54 6.39 70.09 87.64
CA SER T 54 6.67 71.37 87.00
C SER T 54 7.78 71.22 85.99
N LEU T 55 8.87 70.61 86.43
CA LEU T 55 10.04 70.44 85.59
C LEU T 55 9.66 69.77 84.26
N ILE T 56 8.73 68.83 84.32
CA ILE T 56 8.25 68.18 83.11
C ILE T 56 7.47 69.18 82.28
N ASP T 57 6.39 69.71 82.82
CA ASP T 57 5.51 70.57 82.02
C ASP T 57 6.30 71.66 81.32
N LYS T 58 7.41 72.01 81.93
CA LYS T 58 8.24 73.11 81.48
C LYS T 58 9.07 72.64 80.32
N ALA T 59 9.67 71.47 80.48
CA ALA T 59 10.51 70.89 79.43
C ALA T 59 9.73 70.79 78.12
N ALA T 60 8.43 70.53 78.23
CA ALA T 60 7.54 70.38 77.07
C ALA T 60 7.09 71.71 76.47
N LYS T 61 7.63 72.83 76.98
CA LYS T 61 7.35 74.14 76.40
C LYS T 61 8.14 74.29 75.13
N GLY T 62 9.41 73.91 75.19
CA GLY T 62 10.28 73.84 74.04
C GLY T 62 10.38 72.40 73.57
N SER T 63 11.35 72.11 72.72
CA SER T 63 11.40 70.81 72.05
C SER T 63 11.92 69.63 72.86
N THR T 64 12.23 69.82 74.14
CA THR T 64 12.80 68.73 74.91
C THR T 64 11.85 67.57 75.08
N LEU T 65 10.55 67.84 75.22
CA LEU T 65 9.60 66.78 75.55
C LEU T 65 8.32 66.79 74.72
N HIS T 66 7.67 67.94 74.78
CA HIS T 66 6.41 68.16 74.11
C HIS T 66 5.34 67.09 74.27
N LYS T 67 4.17 67.44 73.76
CA LYS T 67 3.06 66.53 73.64
C LYS T 67 2.71 65.84 74.95
N ASN T 68 2.45 64.56 74.76
CA ASN T 68 1.85 63.67 75.72
C ASN T 68 2.97 62.81 76.23
N ALA T 69 4.17 63.12 75.77
CA ALA T 69 5.38 62.53 76.30
C ALA T 69 5.45 63.02 77.72
N ALA T 70 5.20 64.32 77.88
CA ALA T 70 5.23 64.94 79.19
C ALA T 70 4.12 64.34 80.02
N ALA T 71 2.91 64.41 79.49
CA ALA T 71 1.72 63.93 80.19
C ALA T 71 1.88 62.49 80.68
N ARG T 72 2.55 61.66 79.89
CA ARG T 72 2.96 60.32 80.31
C ARG T 72 3.86 60.39 81.54
N ARG T 73 5.02 61.04 81.36
CA ARG T 73 6.04 61.17 82.39
C ARG T 73 5.38 61.58 83.67
N LYS T 74 4.37 62.43 83.54
CA LYS T 74 3.63 62.99 84.66
C LYS T 74 2.81 61.97 85.41
N SER T 75 1.82 61.35 84.74
CA SER T 75 0.98 60.39 85.43
C SER T 75 1.78 59.21 85.94
N ARG T 76 2.57 58.58 85.08
CA ARG T 76 3.37 57.43 85.46
C ARG T 76 4.10 57.69 86.78
N LEU T 77 4.47 58.96 86.99
CA LEU T 77 5.09 59.44 88.22
C LEU T 77 4.03 59.71 89.31
N MET T 78 3.00 60.46 88.95
CA MET T 78 1.97 60.79 89.92
C MET T 78 1.29 59.53 90.43
N ARG T 79 1.04 58.59 89.52
CA ARG T 79 0.42 57.32 89.90
C ARG T 79 1.26 56.64 90.97
N LYS T 80 2.50 56.30 90.61
CA LYS T 80 3.37 55.54 91.50
C LYS T 80 3.48 56.16 92.89
N VAL T 81 3.33 57.48 92.98
CA VAL T 81 3.49 58.15 94.25
C VAL T 81 2.30 57.95 95.18
N ARG T 82 1.09 58.14 94.66
CA ARG T 82 -0.10 57.94 95.47
C ARG T 82 -0.11 56.51 96.01
N GLN T 83 0.11 55.55 95.12
CA GLN T 83 0.14 54.12 95.45
C GLN T 83 1.15 53.71 96.52
N LEU T 84 2.34 54.32 96.49
CA LEU T 84 3.36 54.03 97.49
C LEU T 84 3.01 54.67 98.82
N LEU T 85 2.12 55.64 98.79
CA LEU T 85 1.64 56.24 100.02
C LEU T 85 0.39 55.50 100.48
N GLU T 86 -0.31 54.86 99.55
CA GLU T 86 -1.44 54.02 99.90
C GLU T 86 -0.93 52.99 100.88
N ALA T 87 0.23 52.39 100.58
CA ALA T 87 0.94 51.59 101.58
C ALA T 87 1.29 52.41 102.85
N ALA T 88 0.24 52.72 103.63
CA ALA T 88 0.32 53.44 104.92
C ALA T 88 0.90 54.84 104.76
N GLY T 89 0.07 55.87 104.87
CA GLY T 89 0.54 57.23 104.60
C GLY T 89 -0.27 58.41 105.13
N ALA T 90 -1.36 58.75 104.43
CA ALA T 90 -2.22 59.92 104.70
C ALA T 90 -1.60 61.20 104.16
N PRO T 91 -1.94 61.56 102.91
CA PRO T 91 -1.27 62.63 102.15
C PRO T 91 -1.23 63.96 102.90
N LEU T 92 -0.18 64.12 103.72
CA LEU T 92 0.02 65.28 104.57
C LEU T 92 -0.10 66.57 103.78
N ILE T 93 0.99 67.01 103.18
CA ILE T 93 1.00 68.27 102.43
C ILE T 93 0.00 68.21 101.27
N GLY T 94 -0.19 67.01 100.72
CA GLY T 94 -1.17 66.78 99.67
C GLY T 94 -1.13 67.80 98.55
N GLY T 95 0.08 68.30 98.28
CA GLY T 95 0.27 69.32 97.26
C GLY T 95 -0.30 68.92 95.92
N GLY T 96 0.45 68.14 95.16
CA GLY T 96 0.05 67.84 93.79
C GLY T 96 -0.88 66.67 93.55
N LEU T 97 -1.74 66.34 94.50
CA LEU T 97 -2.72 65.26 94.29
C LEU T 97 -4.15 65.71 94.57
N SER T 98 -5.13 64.99 94.03
CA SER T 98 -6.54 65.33 94.27
C SER T 98 -7.08 64.64 95.50
N ALA T 99 -7.76 65.43 96.34
CA ALA T 99 -8.33 65.00 97.63
C ALA T 99 -8.63 63.50 97.75
N GLY U 1 38.84 -40.84 -41.91
CA GLY U 1 37.81 -40.00 -41.34
C GLY U 1 37.64 -38.78 -42.22
N LYS U 2 36.72 -37.90 -41.85
CA LYS U 2 36.46 -36.75 -42.69
C LYS U 2 37.63 -35.78 -42.67
N GLY U 3 38.67 -36.09 -41.91
CA GLY U 3 39.80 -35.21 -41.80
C GLY U 3 40.83 -35.39 -42.88
N ASP U 4 41.13 -36.65 -43.21
CA ASP U 4 42.18 -37.00 -44.17
C ASP U 4 41.79 -36.61 -45.58
N ARG U 5 42.57 -35.73 -46.19
CA ARG U 5 42.29 -35.27 -47.54
C ARG U 5 42.63 -36.28 -48.64
N ARG U 6 43.26 -37.40 -48.27
CA ARG U 6 43.62 -38.42 -49.24
C ARG U 6 42.68 -39.61 -49.19
N THR U 7 41.45 -39.33 -48.77
CA THR U 7 40.39 -40.32 -48.69
C THR U 7 39.28 -39.91 -49.63
N ARG U 8 38.37 -40.84 -49.92
CA ARG U 8 37.16 -40.44 -50.59
C ARG U 8 36.48 -39.44 -49.69
N ARG U 9 36.03 -39.90 -48.54
CA ARG U 9 35.12 -39.08 -47.71
C ARG U 9 35.74 -37.82 -47.14
N GLY U 10 37.05 -37.74 -47.15
CA GLY U 10 37.74 -36.54 -46.72
C GLY U 10 37.61 -35.49 -47.79
N LYS U 11 37.26 -35.92 -48.99
CA LYS U 11 37.17 -35.06 -50.15
C LYS U 11 35.72 -34.64 -50.39
N ILE U 12 34.80 -35.36 -49.76
CA ILE U 12 33.38 -35.07 -49.89
C ILE U 12 33.04 -33.97 -48.89
N TRP U 13 33.71 -34.01 -47.75
CA TRP U 13 33.61 -32.98 -46.72
C TRP U 13 34.15 -31.66 -47.25
N ARG U 14 35.33 -31.72 -47.87
CA ARG U 14 35.96 -30.57 -48.52
C ARG U 14 35.18 -30.08 -49.73
N GLY U 15 34.26 -30.91 -50.22
CA GLY U 15 33.49 -30.58 -51.40
C GLY U 15 34.35 -30.51 -52.66
N THR U 16 35.56 -31.05 -52.59
CA THR U 16 36.48 -31.00 -53.74
C THR U 16 36.68 -32.32 -54.48
N TYR U 17 37.69 -32.33 -55.32
CA TYR U 17 37.94 -33.42 -56.25
C TYR U 17 39.44 -33.63 -56.47
N GLY U 18 39.82 -34.85 -56.81
CA GLY U 18 41.24 -35.11 -57.03
C GLY U 18 41.52 -36.54 -57.38
N LYS U 19 42.74 -36.98 -57.11
CA LYS U 19 43.11 -38.34 -57.39
C LYS U 19 42.26 -39.26 -56.54
N TYR U 20 41.90 -38.79 -55.36
CA TYR U 20 41.23 -39.65 -54.39
C TYR U 20 39.71 -39.66 -54.46
N ARG U 21 39.14 -38.73 -55.22
CA ARG U 21 37.70 -38.77 -55.53
C ARG U 21 37.47 -38.10 -56.87
N PRO U 22 37.56 -38.90 -57.95
CA PRO U 22 37.39 -38.37 -59.30
C PRO U 22 35.96 -37.88 -59.57
N ARG U 23 35.83 -36.89 -60.45
CA ARG U 23 34.53 -36.38 -60.83
C ARG U 23 34.01 -37.17 -62.03
N LYS U 24 33.55 -38.40 -61.78
CA LYS U 24 33.10 -39.35 -62.83
C LYS U 24 34.04 -39.44 -64.04
P RSQ W 8 27.21 3.72 -15.63
N1 RSQ W 8 25.96 6.93 -11.44
C2 RSQ W 8 25.91 7.33 -9.99
O2 RSQ W 8 25.94 8.48 -9.69
N3 RSQ W 8 25.87 6.30 -9.06
C4 RSQ W 8 25.85 5.02 -9.43
N4 RSQ W 8 25.80 4.12 -8.41
C5 RSQ W 8 25.87 4.58 -10.81
C6 RSQ W 8 25.90 5.57 -11.76
C1' RSQ W 8 25.97 7.87 -12.59
C10 RSQ W 8 25.83 3.07 -11.18
C2' RSQ W 8 27.26 8.70 -12.74
O2' RSQ W 8 26.89 10.01 -13.15
C3' RSQ W 8 27.96 7.98 -13.89
O3' RSQ W 8 28.85 8.79 -14.62
O30 RSQ W 8 26.97 2.62 -11.90
C4' RSQ W 8 26.81 7.50 -14.74
O4' RSQ W 8 25.81 7.12 -13.77
C5' RSQ W 8 27.11 6.35 -15.66
O5' RSQ W 8 27.34 5.15 -14.93
OP1 RSQ W 8 28.59 2.97 -15.45
OP2 RSQ W 8 26.66 3.92 -17.02
MG MG X . 34.62 -62.12 33.01
MG MG Y . 46.24 79.69 65.34
MG MG Z . 3.45 43.53 78.30
MG MG AA . 37.92 110.05 60.87
MG MG BA . 8.88 30.33 52.17
MG MG CA . -2.85 -14.77 34.62
MG MG DA . 32.40 -40.77 -25.25
MG MG EA . -3.86 -32.96 -56.92
MG MG FA . 4.73 0.11 43.09
MG MG GA . 36.27 24.70 -6.71
MG MG HA . 23.12 -29.94 28.98
MG MG IA . -2.49 17.75 15.38
MG MG JA . -11.25 -20.50 31.60
MG MG KA . 37.87 92.63 74.98
MG MG LA . -11.74 1.97 48.99
MG MG MA . 7.02 81.46 -7.57
MG MG NA . 12.40 -14.48 -30.81
MG MG OA . 9.96 52.77 36.25
MG MG PA . -12.25 -19.24 -9.86
MG MG QA . 10.33 57.88 54.11
MG MG RA . -33.55 24.00 53.68
MG MG SA . -27.70 -12.99 55.67
MG MG TA . 27.70 10.09 -40.24
MG MG UA . 35.21 34.59 -64.50
MG MG VA . 2.56 46.93 77.97
MG MG WA . 24.38 77.54 38.64
MG MG XA . 2.07 18.95 11.96
MG MG YA . -6.01 95.37 42.54
MG MG ZA . -9.19 -24.79 47.25
MG MG AB . 4.67 6.45 35.42
MG MG BB . 15.29 52.78 32.99
MG MG CB . -18.34 -19.27 54.00
MG MG DB . -21.75 -30.71 -23.65
MG MG EB . 0.44 14.77 3.37
MG MG FB . -6.62 45.94 25.70
MG MG GB . 2.55 -1.07 34.59
MG MG HB . -14.41 9.88 53.87
MG MG IB . 32.13 42.53 76.57
MG MG JB . -12.23 -12.91 37.24
MG MG KB . 30.62 -10.93 35.09
MG MG LB . 31.46 -18.02 -51.64
MG MG MB . 9.37 81.72 40.77
MG MG NB . 22.25 -40.72 -13.79
MG MG OB . 11.16 78.78 -14.78
MG MG PB . -38.92 -4.54 54.64
MG MG QB . 22.24 -66.39 37.97
MG MG RB . -21.14 16.66 52.54
MG MG SB . 7.75 -12.10 45.91
MG MG TB . 11.20 -18.21 44.71
MG MG UB . 17.93 -20.18 50.13
MG MG VB . 24.03 -21.14 49.15
MG MG WB . 17.54 -41.12 49.33
MG MG XB . 20.73 -34.32 33.55
MG MG YB . -4.74 -2.55 36.14
MG MG ZB . -24.94 -12.78 31.14
MG MG AC . 35.40 48.00 25.31
MG MG BC . 10.56 88.98 38.71
MG MG CC . -3.39 104.89 49.54
MG MG DC . 5.35 31.84 -6.93
MG MG EC . -2.35 28.47 24.57
MG MG FC . 4.87 -0.65 21.81
MG MG GC . -3.27 15.17 22.80
MG MG HC . 22.22 50.62 35.93
MG MG IC . -26.19 35.33 51.67
MG MG JC . -34.30 -26.96 37.01
MG MG KC . -20.73 1.77 32.72
MG MG LC . -18.74 -7.53 19.30
MG MG MC . -10.34 4.95 23.12
MG MG NC . -11.93 13.06 18.22
MG MG OC . -23.02 0.18 12.96
MG MG PC . -24.29 43.16 49.87
MG MG QC . 13.45 15.23 26.01
MG MG RC . 9.32 -22.04 -6.38
MG MG SC . 18.83 -35.98 -16.17
MG MG TC . 8.39 -30.48 -24.41
MG MG UC . 32.06 4.31 -28.58
MG MG VC . 30.58 -22.95 -46.71
MG MG WC . 17.54 -33.63 -40.24
MG MG XC . -9.58 62.86 28.96
MG MG YC . -17.74 7.69 -1.08
MG MG ZC . -7.77 69.67 13.49
MG MG AD . -20.94 45.44 46.61
MG MG BD . -15.80 59.83 37.06
MG MG CD . 20.41 -56.37 40.37
MG MG DD . -28.98 16.85 47.72
MG MG ED . -38.85 3.36 60.80
MG MG FD . 38.73 -29.77 -25.72
MG MG GD . 30.33 -36.21 -34.04
MG MG HD . 46.96 0.90 -45.85
MG MG ID . 36.11 -7.57 -52.15
MG MG JD . 30.06 44.26 -85.45
MG MG KD . 57.41 6.22 -67.94
MG MG LD . 5.73 -51.31 -79.10
MG MG MD . 33.05 -57.27 -46.07
MG MG ND . 35.86 27.53 53.19
MG MG OD . 21.70 61.64 89.22
MG MG PD . 28.53 60.01 81.17
MG MG QD . 30.56 52.37 75.17
MG MG RD . 28.73 39.55 67.05
MG MG SD . 32.41 18.09 39.39
MG MG TD . 7.20 5.98 10.12
MG MG UD . 26.35 92.70 80.94
MG MG VD . 8.87 33.11 78.32
MG MG WD . 6.59 21.39 70.76
MG MG XD . -4.30 42.23 31.68
MG MG YD . -5.38 30.90 21.77
MG MG ZD . 13.26 64.92 69.47
MG MG AE . 34.94 65.64 43.01
MG MG BE . 15.86 64.78 -14.08
MG MG CE . 24.80 24.50 -16.19
MG MG DE . 1.64 2.78 25.10
MG MG EE . -32.05 12.95 57.91
MG MG FE . -37.65 31.56 53.49
MG MG GE . -7.75 56.39 35.44
MG MG HE . 35.24 -48.11 28.10
MG MG IE . 19.29 101.81 66.74
MG MG JE . 13.00 11.95 26.54
MG MG KE . 20.57 7.64 44.40
MG MG LE . 22.79 0.83 53.60
MG MG ME . 29.09 54.13 43.34
MG MG NE . 10.43 -18.19 -28.61
MG MG OE . -0.32 -18.77 -24.69
MG MG PE . -2.58 -15.18 -31.10
MG MG QE . -16.00 1.18 11.09
MG MG RE . -11.29 0.82 6.79
MG MG SE . -4.09 -18.71 -13.43
MG MG TE . -10.62 -13.64 -22.27
MG MG UE . -7.65 -9.99 -6.37
MG MG VE . 12.51 33.39 50.01
MG MG WE . 39.00 -10.05 -35.16
MG MG XE . 41.94 -37.56 -68.23
MG MG YE . 4.51 48.27 58.21
MG MG ZE . 5.05 97.64 68.81
MG MG AF . -8.40 58.32 63.05
MG MG BF . 14.99 -0.51 36.98
MG MG CF . 35.97 -16.35 -21.98
MG MG DF . 38.74 -6.73 -28.78
MG MG EF . 3.53 -15.27 -0.73
MG MG FF . -3.36 -10.49 -0.39
MG MG GF . 11.46 -18.92 28.62
MG MG HF . 21.78 28.17 -25.41
MG MG IF . 17.36 31.42 13.26
MG MG JF . 19.86 -13.74 12.72
MG MG KF . 25.56 87.80 56.89
MG MG LF . 15.41 65.45 18.97
MG MG MF . 27.09 54.87 8.20
MG MG NF . -2.85 35.82 14.73
MG MG OF . 19.02 31.21 -10.07
MG MG PF . -5.52 81.34 64.56
MG MG QF . 17.94 92.52 80.60
MG MG RF . 35.33 81.77 78.04
MG MG SF . 4.32 80.27 85.60
MG MG TF . -7.35 76.91 84.60
MG MG UF . -8.08 74.22 86.62
MG MG VF . -11.92 62.65 83.71
MG MG WF . -14.99 54.45 79.43
MG MG XF . 21.00 33.74 -1.12
MG MG YF . 15.25 46.16 43.34
MG MG ZF . -0.65 42.60 35.41
MG MG AG . 26.83 63.65 45.52
MG MG BG . 12.25 80.68 37.73
MG MG CG . 7.97 61.27 -17.59
MG MG DG . 15.85 30.02 -2.69
MG MG EG . 12.98 61.16 45.86
MG MG FG . 17.52 -49.77 35.37
MG MG GG . 11.76 -52.64 40.90
MG MG HG . 23.24 -29.46 52.37
MG MG IG . 9.71 -17.97 52.10
MG MG JG . 26.47 -20.32 28.52
MG MG KG . 2.78 -0.62 11.53
MG MG LG . -6.27 64.73 59.39
MG MG MG . 29.91 15.35 -35.76
MG MG NG . 16.64 3.26 -26.73
MG MG OG . -1.90 -10.18 -7.92
MG MG PG . 1.31 -13.30 -4.24
MG MG QG . 42.57 -42.95 -42.67
MG MG RG . 9.37 -12.76 15.75
MG MG SG . 18.57 -8.31 24.36
MG MG TG . 20.70 -9.82 3.60
MG MG UG . 19.79 -13.63 5.41
MG MG VG . 49.16 1.34 -26.23
MG MG WG . 27.60 0.13 -22.86
MG MG XG . 21.03 17.48 -12.14
MG MG YG . 8.70 10.61 0.30
C11 PAR ZG . 31.21 5.76 12.16
O11 PAR ZG . 30.49 4.84 11.37
C21 PAR ZG . 30.39 7.06 12.10
N21 PAR ZG . 28.94 6.78 12.18
C31 PAR ZG . 30.67 7.84 10.80
O31 PAR ZG . 29.98 9.08 10.84
C41 PAR ZG . 32.14 8.09 10.67
O41 PAR ZG . 32.45 8.75 9.46
C51 PAR ZG . 32.93 6.79 10.71
O51 PAR ZG . 32.59 5.99 11.86
C61 PAR ZG . 34.43 7.05 10.63
O61 PAR ZG . 35.12 5.85 10.92
C12 PAR ZG . 30.28 0.79 10.49
N12 PAR ZG . 30.48 -0.65 10.21
C22 PAR ZG . 31.28 1.56 9.73
C32 PAR ZG . 31.07 3.04 9.87
N32 PAR ZG . 32.10 3.76 9.07
C42 PAR ZG . 31.04 3.52 11.34
C52 PAR ZG . 30.23 2.56 12.30
O52 PAR ZG . 30.59 2.79 13.71
C62 PAR ZG . 30.39 1.05 11.97
O62 PAR ZG . 29.38 0.26 12.63
C13 PAR ZG . 29.46 3.22 14.46
C23 PAR ZG . 29.57 3.08 15.98
O23 PAR ZG . 29.21 1.74 16.33
C33 PAR ZG . 28.49 4.03 16.51
O33 PAR ZG . 27.18 3.40 16.66
C43 PAR ZG . 28.49 5.13 15.39
O43 PAR ZG . 29.31 4.65 14.32
C53 PAR ZG . 28.89 6.53 15.85
O53 PAR ZG . 28.38 7.48 14.92
C14 PAR ZG . 26.92 3.09 18.05
C24 PAR ZG . 25.70 2.24 18.42
N24 PAR ZG . 25.57 1.07 17.53
C34 PAR ZG . 24.41 3.01 18.19
O34 PAR ZG . 23.37 2.25 18.75
C44 PAR ZG . 24.39 4.29 18.98
O44 PAR ZG . 23.24 5.06 18.62
C54 PAR ZG . 25.63 5.09 18.67
O54 PAR ZG . 26.88 4.36 18.76
C64 PAR ZG . 25.56 5.73 17.25
N64 PAR ZG . 25.35 7.18 17.29
MG MG AH . -36.27 -14.62 4.78
ZN ZN BH . -1.23 54.12 -18.85
ZN ZN CH . 21.65 0.51 -44.88
MG MG DH . 5.55 77.36 97.20
#